data_2X0H
#
_entry.id   2X0H
#
_cell.length_a   51.630
_cell.length_b   163.147
_cell.length_c   224.549
_cell.angle_alpha   90.00
_cell.angle_beta   90.00
_cell.angle_gamma   90.00
#
_symmetry.space_group_name_H-M   'P 2 21 21'
#
loop_
_entity.id
_entity.type
_entity.pdbx_description
1 polymer 'O-GLCNACASE BT_4395'
2 non-polymer '3,4-difluorophenyl 2-deoxy-2-[(difluoroacetyl)amino]-beta-D-glucopyranoside'
3 non-polymer GLYCEROL
4 non-polymer 'CALCIUM ION'
5 water water
#
_entity_poly.entity_id   1
_entity_poly.type   'polypeptide(L)'
_entity_poly.pdbx_seq_one_letter_code
;MKNNKIYLLGACLLCAVTTFAQNVSLQPPPQQLIVQNKTIDLPAVYQLNGGEEANPHAVKVLKELLSGKQSSKKGMLISI
GEKGDKSVRKYSRQIPDHKEGYYLSVNEKEIVLAGNDERGTYYALQTFAQLLKDGKLPEVEIKDYPSVRYRGVVEGFYGT
PWSHQARLSQLKFYGKNKMNTYIYGPKDDPYHSAPNWRLPYPDKEAAQLQELVAVANENEVDFVWAIHPGQDIKWNKEDR
DLLLAKFEKMYQLGVRSFAVFFDDISGEGTNPQKQAELLNYIDEKFAQVKPDINQLVMCPTEYNKSWSNPNGNYLTTLGD
KLNPSIQIMWTGDRVISDITRDGISWINERIKRPAYIWWNFPVSDYVRDHLLLGPVYGNDTTIAKEMSGFVTNPMEHAES
SKIAIYSVASYAWNPAKYDTWQTWKDAIRTILPSAAEELECFAMHNSDLGPNGHGYRREESMDIQPAAERFLKAFKEGKN
YDKADFETLQYTFERMKESADILLMNTENKPLIVEITPWVHQFKLTAEMGEEVLKMVEGRNESYFLRKYNHVKALQQQMF
YIDQTSNQNPYQPGVKTATRVIKPLIDRTFATVVKFFNQKFNAHLDATTDYMPHKMISNVEQIKNLPLQVKANRVLISPA
NEVVKWAAGNSVEIELDAIYPGENIQINFGKDAPCTWGRLEISTDGKEWKTVDLKQKESRLSAGLQKAPVKFVRFTNVSD
EEQQVYLRQFVLTIEKK
;
_entity_poly.pdbx_strand_id   A,B
#
# COMPACT_ATOMS: atom_id res chain seq x y z
N LEU A 26 -5.89 23.84 31.83
CA LEU A 26 -6.11 22.76 32.85
C LEU A 26 -7.26 21.81 32.51
N GLN A 27 -6.94 20.52 32.36
CA GLN A 27 -7.96 19.46 32.12
C GLN A 27 -7.81 18.25 33.08
N PRO A 28 -8.90 17.91 33.81
CA PRO A 28 -10.17 18.66 33.92
C PRO A 28 -9.99 20.05 34.54
N PRO A 29 -10.88 21.02 34.19
CA PRO A 29 -10.81 22.32 34.84
C PRO A 29 -11.21 22.19 36.32
N PRO A 30 -10.47 22.86 37.22
CA PRO A 30 -10.71 22.65 38.65
C PRO A 30 -12.01 23.32 39.08
N GLN A 31 -12.61 22.88 40.17
CA GLN A 31 -13.83 23.54 40.70
C GLN A 31 -13.63 25.02 40.99
N GLN A 32 -12.49 25.36 41.58
CA GLN A 32 -12.17 26.75 41.89
C GLN A 32 -10.71 27.05 41.57
N LEU A 33 -10.46 28.22 41.00
CA LEU A 33 -9.11 28.60 40.61
C LEU A 33 -8.90 30.11 40.63
N ILE A 34 -7.87 30.55 41.36
CA ILE A 34 -7.51 31.96 41.43
C ILE A 34 -6.08 32.12 40.88
N VAL A 35 -5.98 32.85 39.77
CA VAL A 35 -4.71 33.08 39.06
C VAL A 35 -4.24 34.52 39.32
N GLN A 36 -2.98 34.69 39.69
CA GLN A 36 -2.47 36.01 40.08
C GLN A 36 -1.84 36.87 38.97
N ASN A 37 -1.41 36.26 37.88
CA ASN A 37 -0.69 36.99 36.83
C ASN A 37 0.80 37.27 37.11
N LYS A 38 1.38 36.43 37.97
CA LYS A 38 2.79 36.46 38.28
C LYS A 38 3.40 35.07 38.04
N THR A 39 4.70 35.02 37.82
CA THR A 39 5.37 33.76 37.50
C THR A 39 6.49 33.45 38.48
N ILE A 40 6.79 32.17 38.61
CA ILE A 40 7.72 31.63 39.58
C ILE A 40 8.52 30.54 38.90
N ASP A 41 9.85 30.63 39.01
CA ASP A 41 10.70 29.57 38.53
C ASP A 41 10.51 28.37 39.42
N LEU A 42 10.27 27.20 38.82
CA LEU A 42 10.38 25.94 39.53
C LEU A 42 11.70 26.01 40.27
N PRO A 43 11.66 25.93 41.61
CA PRO A 43 12.82 26.21 42.45
C PRO A 43 13.99 25.26 42.19
N ALA A 44 15.12 25.83 41.77
CA ALA A 44 16.36 25.07 41.58
C ALA A 44 16.82 24.47 42.91
N VAL A 45 16.41 25.11 44.01
CA VAL A 45 16.73 24.68 45.36
C VAL A 45 15.42 24.62 46.15
N TYR A 46 15.13 23.46 46.73
CA TYR A 46 13.86 23.27 47.41
C TYR A 46 14.01 22.47 48.72
N GLN A 47 13.03 22.62 49.61
CA GLN A 47 12.95 21.83 50.84
C GLN A 47 11.63 21.06 50.85
N LEU A 48 11.71 19.76 50.66
CA LEU A 48 10.53 18.92 50.60
C LEU A 48 10.06 18.51 51.99
N ASN A 49 8.79 18.81 52.28
CA ASN A 49 8.20 18.52 53.56
C ASN A 49 7.08 17.53 53.37
N GLY A 50 7.25 16.34 53.93
CA GLY A 50 6.18 15.35 53.95
C GLY A 50 6.25 14.24 52.93
N GLY A 51 7.32 14.22 52.14
CA GLY A 51 7.54 13.20 51.13
C GLY A 51 7.61 11.76 51.64
N GLU A 52 7.85 11.57 52.93
CA GLU A 52 7.91 10.21 53.46
C GLU A 52 6.58 9.69 53.96
N GLU A 53 5.61 10.58 54.04
CA GLU A 53 4.28 10.27 54.54
C GLU A 53 3.19 10.46 53.49
N ALA A 54 3.47 11.23 52.44
CA ALA A 54 2.45 11.51 51.42
C ALA A 54 2.24 10.27 50.53
N ASN A 55 1.14 10.27 49.79
CA ASN A 55 0.85 9.19 48.86
C ASN A 55 2.08 8.91 47.98
N PRO A 56 2.74 7.74 48.17
CA PRO A 56 3.95 7.47 47.36
C PRO A 56 3.76 7.68 45.84
N HIS A 57 2.55 7.48 45.32
CA HIS A 57 2.32 7.66 43.89
C HIS A 57 2.39 9.13 43.50
N ALA A 58 2.01 10.02 44.41
CA ALA A 58 2.10 11.43 44.12
C ALA A 58 3.54 11.91 44.31
N VAL A 59 4.24 11.38 45.31
CA VAL A 59 5.62 11.77 45.61
C VAL A 59 6.52 11.43 44.43
N LYS A 60 6.34 10.23 43.87
CA LYS A 60 7.06 9.81 42.68
C LYS A 60 6.88 10.79 41.49
N VAL A 61 5.64 11.20 41.21
CA VAL A 61 5.40 12.22 40.17
C VAL A 61 6.16 13.51 40.51
N LEU A 62 6.00 13.98 41.76
CA LEU A 62 6.76 15.19 42.18
C LEU A 62 8.28 15.07 41.95
N LYS A 63 8.90 13.98 42.39
CA LYS A 63 10.37 13.90 42.31
C LYS A 63 10.90 13.85 40.89
N GLU A 64 10.06 13.34 39.98
CA GLU A 64 10.39 13.33 38.56
C GLU A 64 10.36 14.74 37.96
N LEU A 65 9.36 15.53 38.36
CA LEU A 65 9.23 16.91 37.88
C LEU A 65 10.37 17.78 38.41
N LEU A 66 11.12 17.25 39.38
CA LEU A 66 12.15 17.99 40.10
C LEU A 66 13.57 17.47 39.81
N GLY A 75 16.19 26.55 51.01
CA GLY A 75 15.50 26.49 49.71
C GLY A 75 14.00 26.67 49.82
N MET A 76 13.31 26.82 48.68
CA MET A 76 11.84 27.01 48.65
C MET A 76 11.09 25.84 49.24
N LEU A 77 10.12 26.12 50.10
CA LEU A 77 9.35 25.08 50.78
C LEU A 77 8.31 24.45 49.85
N ILE A 78 8.37 23.14 49.68
CA ILE A 78 7.29 22.42 49.02
C ILE A 78 6.69 21.42 49.98
N SER A 79 5.39 21.55 50.20
CA SER A 79 4.67 20.75 51.19
C SER A 79 3.72 19.83 50.47
N ILE A 80 3.88 18.53 50.67
CA ILE A 80 3.01 17.53 50.06
C ILE A 80 2.45 16.67 51.18
N GLY A 81 1.19 16.28 51.07
CA GLY A 81 0.60 15.48 52.14
C GLY A 81 -0.90 15.33 52.06
N GLU A 82 -1.45 14.49 52.93
CA GLU A 82 -2.90 14.35 53.08
C GLU A 82 -3.38 15.00 54.37
N LYS A 83 -4.55 15.65 54.34
CA LYS A 83 -5.15 16.24 55.55
C LYS A 83 -4.97 15.31 56.77
N GLY A 84 -4.39 15.85 57.83
CA GLY A 84 -4.01 15.05 59.00
C GLY A 84 -2.51 14.85 59.12
N ASP A 85 -1.82 14.82 57.99
CA ASP A 85 -0.34 14.78 57.94
C ASP A 85 0.23 16.07 58.51
N LYS A 86 1.34 15.92 59.24
CA LYS A 86 2.11 17.04 59.81
C LYS A 86 2.41 18.09 58.73
N SER A 87 2.89 17.63 57.57
CA SER A 87 3.32 18.51 56.48
C SER A 87 2.29 19.55 56.02
N VAL A 88 1.00 19.22 56.07
CA VAL A 88 -0.01 20.12 55.51
C VAL A 88 -1.04 20.66 56.51
N ARG A 89 -0.82 20.37 57.80
CA ARG A 89 -1.71 20.80 58.87
C ARG A 89 -1.92 22.31 58.86
N LYS A 90 -0.94 23.01 58.37
CA LYS A 90 -1.02 24.42 58.25
C LYS A 90 -2.09 24.82 57.25
N TYR A 91 -2.57 23.89 56.43
CA TYR A 91 -3.51 24.25 55.37
C TYR A 91 -4.82 23.55 55.50
N SER A 92 -5.00 22.86 56.59
CA SER A 92 -6.15 21.97 56.78
C SER A 92 -7.49 22.62 56.43
N ARG A 93 -7.67 23.91 56.75
CA ARG A 93 -8.88 24.64 56.34
C ARG A 93 -9.03 24.91 54.83
N GLN A 94 -7.93 24.90 54.09
CA GLN A 94 -7.95 25.12 52.63
C GLN A 94 -8.33 23.85 51.85
N ILE A 95 -8.20 22.69 52.48
CA ILE A 95 -8.38 21.40 51.79
C ILE A 95 -9.87 21.05 51.66
N PRO A 96 -10.37 20.89 50.41
CA PRO A 96 -11.80 20.61 50.19
C PRO A 96 -12.25 19.33 50.88
N ASP A 97 -13.39 19.38 51.57
CA ASP A 97 -13.82 18.20 52.31
C ASP A 97 -14.64 17.27 51.42
N HIS A 98 -13.98 16.76 50.38
CA HIS A 98 -14.56 15.85 49.39
C HIS A 98 -13.59 14.71 49.10
N LYS A 99 -14.13 13.52 48.88
CA LYS A 99 -13.34 12.42 48.34
C LYS A 99 -12.60 12.87 47.09
N GLU A 100 -11.31 12.59 47.07
CA GLU A 100 -10.45 12.85 45.95
C GLU A 100 -10.18 14.34 45.79
N GLY A 101 -10.54 15.15 46.78
CA GLY A 101 -10.25 16.58 46.73
C GLY A 101 -8.80 16.95 47.02
N TYR A 102 -8.44 18.18 46.68
CA TYR A 102 -7.13 18.73 47.01
C TYR A 102 -7.08 20.26 47.01
N TYR A 103 -6.08 20.76 47.71
CA TYR A 103 -5.73 22.16 47.72
C TYR A 103 -4.38 22.25 47.05
N LEU A 104 -4.27 23.15 46.08
CA LEU A 104 -3.00 23.40 45.43
C LEU A 104 -2.67 24.89 45.56
N SER A 105 -1.44 25.20 45.94
CA SER A 105 -0.99 26.57 46.03
C SER A 105 0.44 26.79 45.57
N VAL A 106 0.60 27.84 44.78
CA VAL A 106 1.90 28.27 44.34
C VAL A 106 2.01 29.75 44.53
N ASN A 107 3.00 30.16 45.31
CA ASN A 107 3.34 31.57 45.42
C ASN A 107 4.84 31.71 45.52
N GLU A 108 5.31 32.95 45.51
CA GLU A 108 6.73 33.22 45.56
C GLU A 108 7.35 32.49 46.71
N LYS A 109 6.59 32.34 47.77
CA LYS A 109 7.12 31.82 49.01
C LYS A 109 7.18 30.30 49.11
N GLU A 110 6.08 29.64 48.79
CA GLU A 110 6.04 28.20 49.01
C GLU A 110 5.00 27.50 48.17
N ILE A 111 5.25 26.22 47.92
CA ILE A 111 4.32 25.38 47.18
C ILE A 111 3.60 24.39 48.09
N VAL A 112 2.29 24.32 47.96
CA VAL A 112 1.47 23.38 48.71
C VAL A 112 0.66 22.43 47.82
N LEU A 113 0.76 21.13 48.10
CA LEU A 113 0.13 20.08 47.34
C LEU A 113 -0.55 19.14 48.35
N ALA A 114 -1.81 19.45 48.67
CA ALA A 114 -2.44 18.85 49.85
C ALA A 114 -3.71 18.08 49.51
N GLY A 115 -3.65 16.76 49.58
CA GLY A 115 -4.84 15.97 49.31
C GLY A 115 -5.78 15.85 50.49
N ASN A 116 -7.07 15.71 50.23
CA ASN A 116 -8.00 15.40 51.31
C ASN A 116 -7.87 13.94 51.72
N ASP A 117 -7.28 13.14 50.80
CA ASP A 117 -6.99 11.70 50.95
C ASP A 117 -5.90 11.41 49.92
N GLU A 118 -5.38 10.19 49.87
CA GLU A 118 -4.18 9.92 49.04
C GLU A 118 -4.45 10.12 47.56
N ARG A 119 -5.63 9.72 47.12
CA ARG A 119 -5.91 9.96 45.73
C ARG A 119 -5.91 11.47 45.43
N GLY A 120 -6.48 12.27 46.33
CA GLY A 120 -6.50 13.72 46.19
C GLY A 120 -5.12 14.31 45.98
N THR A 121 -4.15 13.80 46.72
CA THR A 121 -2.77 14.29 46.60
C THR A 121 -2.23 14.02 45.21
N TYR A 122 -2.53 12.83 44.70
CA TYR A 122 -2.11 12.41 43.37
C TYR A 122 -2.78 13.34 42.36
N TYR A 123 -4.07 13.62 42.55
CA TYR A 123 -4.77 14.53 41.65
C TYR A 123 -4.20 15.93 41.69
N ALA A 124 -3.80 16.40 42.88
CA ALA A 124 -3.06 17.68 42.99
C ALA A 124 -1.80 17.65 42.15
N LEU A 125 -1.14 16.49 42.10
CA LEU A 125 0.07 16.39 41.28
C LEU A 125 -0.21 16.40 39.78
N GLN A 126 -1.33 15.84 39.38
CA GLN A 126 -1.68 15.78 37.98
C GLN A 126 -1.96 17.19 37.48
N THR A 127 -2.56 18.00 38.34
CA THR A 127 -2.84 19.42 38.03
C THR A 127 -1.52 20.22 37.99
N PHE A 128 -0.73 20.09 39.06
CA PHE A 128 0.60 20.66 39.13
C PHE A 128 1.44 20.45 37.86
N ALA A 129 1.46 19.23 37.33
CA ALA A 129 2.31 18.96 36.17
C ALA A 129 1.88 19.76 34.92
N GLN A 130 0.61 20.18 34.86
CA GLN A 130 0.09 20.93 33.71
C GLN A 130 0.34 22.43 33.88
N LEU A 131 0.61 22.86 35.11
CA LEU A 131 0.96 24.26 35.38
C LEU A 131 2.40 24.53 35.00
N LEU A 132 3.23 23.49 35.17
CA LEU A 132 4.67 23.57 34.95
C LEU A 132 4.97 23.67 33.47
N LYS A 133 5.36 24.85 33.03
CA LYS A 133 5.65 25.13 31.63
C LYS A 133 6.90 26.00 31.49
N ASP A 134 7.89 25.47 30.76
CA ASP A 134 9.18 26.13 30.53
C ASP A 134 10.06 26.28 31.77
N GLY A 135 9.79 25.47 32.79
CA GLY A 135 10.43 25.59 34.09
C GLY A 135 9.72 26.61 34.96
N LYS A 136 8.62 27.16 34.46
CA LYS A 136 7.89 28.22 35.17
C LYS A 136 6.50 27.80 35.67
N LEU A 137 6.07 28.42 36.75
CA LEU A 137 4.74 28.19 37.30
C LEU A 137 3.95 29.49 37.46
N PRO A 138 2.65 29.44 37.23
CA PRO A 138 1.86 30.63 37.54
C PRO A 138 1.57 30.68 39.04
N GLU A 139 1.44 31.88 39.58
CA GLU A 139 1.00 32.09 40.96
C GLU A 139 -0.49 31.82 40.98
N VAL A 140 -0.88 30.73 41.64
CA VAL A 140 -2.26 30.23 41.65
C VAL A 140 -2.67 29.57 42.95
N GLU A 141 -3.95 29.68 43.24
CA GLU A 141 -4.56 28.94 44.33
C GLU A 141 -5.70 28.11 43.75
N ILE A 142 -5.70 26.80 44.01
CA ILE A 142 -6.76 25.92 43.49
C ILE A 142 -7.42 25.10 44.58
N LYS A 143 -8.74 25.03 44.53
CA LYS A 143 -9.47 24.11 45.39
C LYS A 143 -10.31 23.20 44.52
N ASP A 144 -10.09 21.89 44.59
CA ASP A 144 -10.60 21.01 43.55
C ASP A 144 -11.06 19.67 44.09
N TYR A 145 -11.97 19.05 43.32
CA TYR A 145 -12.61 17.78 43.68
C TYR A 145 -13.53 17.40 42.52
N PRO A 146 -13.88 16.13 42.39
CA PRO A 146 -14.73 15.74 41.26
C PRO A 146 -16.20 15.87 41.62
N SER A 147 -17.05 16.18 40.63
CA SER A 147 -18.50 16.27 40.88
C SER A 147 -19.13 14.88 40.82
N VAL A 148 -18.47 13.93 40.14
CA VAL A 148 -18.97 12.56 40.00
C VAL A 148 -17.96 11.63 40.67
N ARG A 149 -18.45 10.69 41.46
CA ARG A 149 -17.57 9.90 42.31
C ARG A 149 -16.70 8.90 41.54
N TYR A 150 -17.28 8.23 40.56
CA TYR A 150 -16.56 7.27 39.73
C TYR A 150 -16.62 7.72 38.28
N ARG A 151 -15.46 7.68 37.61
CA ARG A 151 -15.25 8.31 36.31
C ARG A 151 -14.26 7.43 35.57
N GLY A 152 -14.63 6.97 34.40
CA GLY A 152 -13.67 6.21 33.57
C GLY A 152 -14.27 5.51 32.37
N VAL A 153 -13.76 4.30 32.11
CA VAL A 153 -13.96 3.60 30.88
C VAL A 153 -14.42 2.20 31.27
N VAL A 154 -15.41 1.65 30.55
CA VAL A 154 -15.63 0.24 30.62
C VAL A 154 -15.18 -0.30 29.26
N GLU A 155 -14.20 -1.19 29.21
CA GLU A 155 -13.86 -1.88 27.98
C GLU A 155 -14.96 -2.93 27.88
N GLY A 156 -16.11 -2.62 27.26
CA GLY A 156 -17.22 -3.58 27.24
C GLY A 156 -17.85 -3.78 25.87
N PHE A 157 -17.05 -3.59 24.81
CA PHE A 157 -17.57 -3.61 23.47
C PHE A 157 -17.44 -5.00 22.88
N TYR A 158 -18.14 -5.24 21.78
CA TYR A 158 -17.94 -6.43 21.00
C TYR A 158 -16.78 -6.18 20.02
N GLY A 159 -16.01 -7.22 19.72
CA GLY A 159 -14.91 -7.05 18.78
C GLY A 159 -13.59 -7.38 19.42
N THR A 160 -12.50 -7.12 18.70
CA THR A 160 -11.15 -7.45 19.17
C THR A 160 -10.84 -6.68 20.47
N PRO A 161 -10.59 -7.40 21.59
CA PRO A 161 -10.33 -6.66 22.81
C PRO A 161 -9.01 -5.90 22.71
N TRP A 162 -8.85 -4.85 23.51
CA TRP A 162 -7.60 -4.08 23.54
C TRP A 162 -6.39 -4.95 23.83
N SER A 163 -5.29 -4.69 23.11
CA SER A 163 -4.06 -5.38 23.43
C SER A 163 -3.65 -5.03 24.84
N HIS A 164 -2.80 -5.87 25.39
CA HIS A 164 -2.11 -5.59 26.65
C HIS A 164 -1.38 -4.23 26.68
N GLN A 165 -0.53 -3.96 25.67
CA GLN A 165 0.16 -2.66 25.55
C GLN A 165 -0.80 -1.48 25.57
N ALA A 166 -1.92 -1.58 24.85
CA ALA A 166 -2.90 -0.50 24.78
C ALA A 166 -3.57 -0.27 26.14
N ARG A 167 -3.81 -1.36 26.89
CA ARG A 167 -4.43 -1.23 28.21
C ARG A 167 -3.46 -0.53 29.17
N LEU A 168 -2.19 -0.90 29.14
CA LEU A 168 -1.17 -0.26 29.96
C LEU A 168 -1.16 1.26 29.70
N SER A 169 -1.10 1.64 28.42
CA SER A 169 -1.13 3.03 28.00
C SER A 169 -2.45 3.71 28.42
N GLN A 170 -3.56 2.96 28.39
CA GLN A 170 -4.85 3.51 28.85
C GLN A 170 -4.78 3.94 30.31
N LEU A 171 -4.10 3.12 31.11
CA LEU A 171 -4.15 3.27 32.57
C LEU A 171 -3.39 4.48 33.03
N LYS A 172 -2.23 4.70 32.42
CA LYS A 172 -1.51 5.95 32.60
C LYS A 172 -2.33 7.20 32.21
N PHE A 173 -3.07 7.12 31.09
CA PHE A 173 -3.84 8.23 30.59
C PHE A 173 -5.01 8.53 31.53
N TYR A 174 -5.57 7.48 32.16
CA TYR A 174 -6.63 7.66 33.13
C TYR A 174 -6.15 8.45 34.32
N GLY A 175 -4.97 8.09 34.85
CA GLY A 175 -4.37 8.77 36.00
C GLY A 175 -4.06 10.24 35.72
N LYS A 176 -3.58 10.52 34.50
CA LYS A 176 -3.29 11.91 34.13
C LYS A 176 -4.54 12.72 34.12
N ASN A 177 -5.66 12.06 33.81
CA ASN A 177 -6.90 12.77 33.57
C ASN A 177 -7.92 12.55 34.68
N LYS A 178 -7.42 12.07 35.82
CA LYS A 178 -8.22 11.90 37.01
C LYS A 178 -9.43 11.00 36.81
N MET A 179 -9.32 10.05 35.88
CA MET A 179 -10.30 8.95 35.83
C MET A 179 -9.88 7.83 36.82
N ASN A 180 -10.78 7.41 37.69
CA ASN A 180 -10.43 6.49 38.74
C ASN A 180 -11.06 5.08 38.55
N THR A 181 -11.67 4.83 37.38
CA THR A 181 -12.39 3.59 37.13
C THR A 181 -12.11 2.96 35.77
N TYR A 182 -11.67 1.69 35.80
CA TYR A 182 -11.51 0.92 34.58
C TYR A 182 -12.25 -0.41 34.77
N ILE A 183 -13.39 -0.59 34.07
CA ILE A 183 -14.19 -1.78 34.16
C ILE A 183 -13.80 -2.67 33.00
N TYR A 184 -13.11 -3.76 33.31
CA TYR A 184 -12.64 -4.70 32.32
C TYR A 184 -13.83 -5.60 31.98
N GLY A 185 -14.31 -5.55 30.73
CA GLY A 185 -15.42 -6.43 30.34
C GLY A 185 -15.60 -6.67 28.85
N PRO A 186 -14.50 -6.97 28.14
CA PRO A 186 -14.64 -7.12 26.69
C PRO A 186 -15.56 -8.31 26.36
N LYS A 187 -16.64 -8.05 25.61
CA LYS A 187 -17.61 -9.08 25.27
C LYS A 187 -17.00 -10.36 24.68
N ASP A 188 -15.92 -10.25 23.91
CA ASP A 188 -15.31 -11.44 23.29
C ASP A 188 -14.13 -12.09 24.03
N ASP A 189 -13.88 -11.70 25.29
CA ASP A 189 -12.94 -12.41 26.15
C ASP A 189 -13.68 -13.65 26.64
N PRO A 190 -13.29 -14.84 26.19
CA PRO A 190 -14.03 -16.05 26.62
C PRO A 190 -13.99 -16.36 28.14
N TYR A 191 -13.11 -15.74 28.90
CA TYR A 191 -13.05 -15.95 30.35
C TYR A 191 -13.90 -14.91 31.11
N HIS A 192 -14.39 -13.91 30.36
CA HIS A 192 -15.26 -12.91 30.92
C HIS A 192 -16.73 -13.33 30.74
N SER A 193 -17.02 -13.94 29.60
CA SER A 193 -18.37 -14.27 29.22
C SER A 193 -18.40 -15.72 28.75
N ALA A 194 -19.47 -16.11 28.10
CA ALA A 194 -19.67 -17.39 27.44
C ALA A 194 -18.52 -17.87 26.65
N PRO A 195 -18.21 -19.15 26.77
CA PRO A 195 -18.80 -20.03 27.77
C PRO A 195 -17.90 -20.29 28.95
N ASN A 196 -16.68 -19.76 28.95
CA ASN A 196 -15.69 -20.07 29.97
C ASN A 196 -15.51 -19.10 31.12
N TRP A 197 -16.52 -18.33 31.41
CA TRP A 197 -16.50 -17.49 32.60
C TRP A 197 -16.27 -18.28 33.88
N ARG A 198 -16.64 -19.57 33.90
CA ARG A 198 -16.38 -20.46 35.04
C ARG A 198 -14.88 -20.84 35.24
N LEU A 199 -14.02 -20.63 34.22
CA LEU A 199 -12.60 -21.08 34.32
C LEU A 199 -11.68 -19.97 34.71
N PRO A 200 -10.66 -20.28 35.52
CA PRO A 200 -9.67 -19.27 35.80
C PRO A 200 -8.95 -18.91 34.50
N TYR A 201 -8.44 -17.70 34.40
CA TYR A 201 -7.62 -17.36 33.22
C TYR A 201 -6.41 -18.25 33.19
N PRO A 202 -5.94 -18.64 32.00
CA PRO A 202 -4.67 -19.38 31.84
C PRO A 202 -3.49 -18.58 32.39
N ASP A 203 -2.37 -19.24 32.63
CA ASP A 203 -1.20 -18.57 33.23
C ASP A 203 -0.82 -17.24 32.59
N LYS A 204 -0.69 -17.23 31.27
CA LYS A 204 -0.21 -16.05 30.55
C LYS A 204 -1.17 -14.86 30.70
N GLU A 205 -2.45 -15.09 30.46
CA GLU A 205 -3.41 -14.05 30.60
C GLU A 205 -3.46 -13.56 32.06
N ALA A 206 -3.31 -14.49 33.01
CA ALA A 206 -3.38 -14.16 34.43
C ALA A 206 -2.19 -13.28 34.87
N ALA A 207 -0.99 -13.63 34.38
CA ALA A 207 0.16 -12.78 34.60
C ALA A 207 -0.04 -11.37 34.01
N GLN A 208 -0.72 -11.26 32.86
CA GLN A 208 -1.00 -9.96 32.23
C GLN A 208 -1.97 -9.10 33.04
N LEU A 209 -3.07 -9.71 33.50
CA LEU A 209 -4.07 -9.03 34.31
C LEU A 209 -3.46 -8.55 35.61
N GLN A 210 -2.66 -9.42 36.22
CA GLN A 210 -1.95 -9.10 37.43
C GLN A 210 -1.10 -7.81 37.22
N GLU A 211 -0.40 -7.72 36.09
CA GLU A 211 0.35 -6.50 35.76
C GLU A 211 -0.62 -5.32 35.55
N LEU A 212 -1.75 -5.54 34.88
CA LEU A 212 -2.68 -4.44 34.65
C LEU A 212 -3.13 -3.89 36.00
N VAL A 213 -3.35 -4.79 36.95
CA VAL A 213 -3.87 -4.38 38.25
C VAL A 213 -2.79 -3.57 38.97
N ALA A 214 -1.55 -4.05 38.96
CA ALA A 214 -0.45 -3.28 39.56
C ALA A 214 -0.37 -1.90 38.92
N VAL A 215 -0.38 -1.82 37.60
CA VAL A 215 -0.22 -0.54 36.92
C VAL A 215 -1.39 0.39 37.21
N ALA A 216 -2.61 -0.16 37.25
CA ALA A 216 -3.78 0.62 37.62
C ALA A 216 -3.62 1.27 38.99
N ASN A 217 -3.18 0.47 39.96
CA ASN A 217 -2.93 0.95 41.31
C ASN A 217 -1.95 2.10 41.37
N GLU A 218 -0.84 1.99 40.61
CA GLU A 218 0.18 3.02 40.45
C GLU A 218 -0.38 4.35 39.92
N ASN A 219 -1.51 4.28 39.20
CA ASN A 219 -2.10 5.46 38.55
C ASN A 219 -3.44 5.85 39.19
N GLU A 220 -3.70 5.31 40.39
CA GLU A 220 -4.90 5.62 41.15
C GLU A 220 -6.18 5.26 40.42
N VAL A 221 -6.14 4.13 39.70
CA VAL A 221 -7.32 3.62 39.01
C VAL A 221 -7.85 2.35 39.67
N ASP A 222 -9.14 2.29 39.97
CA ASP A 222 -9.79 1.05 40.39
C ASP A 222 -9.97 0.14 39.18
N PHE A 223 -9.26 -0.99 39.18
CA PHE A 223 -9.50 -2.06 38.18
C PHE A 223 -10.76 -2.86 38.60
N VAL A 224 -11.83 -2.78 37.84
CA VAL A 224 -13.05 -3.49 38.20
C VAL A 224 -13.15 -4.65 37.21
N TRP A 225 -12.95 -5.88 37.68
CA TRP A 225 -13.07 -7.02 36.78
C TRP A 225 -14.55 -7.41 36.73
N ALA A 226 -15.13 -7.45 35.53
CA ALA A 226 -16.56 -7.79 35.35
C ALA A 226 -16.68 -9.20 34.86
N ILE A 227 -17.84 -9.81 35.10
CA ILE A 227 -18.14 -11.14 34.60
C ILE A 227 -19.55 -11.08 33.95
N HIS A 228 -19.78 -11.94 32.96
CA HIS A 228 -20.92 -11.85 32.10
C HIS A 228 -21.41 -13.29 31.91
N PRO A 229 -22.06 -13.86 32.95
CA PRO A 229 -22.35 -15.29 33.07
C PRO A 229 -23.73 -15.67 32.61
N GLY A 230 -24.52 -14.67 32.25
CA GLY A 230 -25.98 -14.82 32.26
C GLY A 230 -26.56 -15.68 31.20
N GLN A 231 -25.90 -15.80 30.03
CA GLN A 231 -26.54 -16.53 28.91
C GLN A 231 -26.76 -17.98 29.25
N ASP A 232 -25.97 -18.51 30.17
CA ASP A 232 -26.08 -19.92 30.51
C ASP A 232 -25.93 -20.24 32.00
N ILE A 233 -25.97 -19.24 32.85
CA ILE A 233 -25.88 -19.45 34.30
C ILE A 233 -27.07 -20.29 34.74
N LYS A 234 -26.86 -21.20 35.69
CA LYS A 234 -27.97 -21.86 36.33
C LYS A 234 -28.19 -21.24 37.72
N TRP A 235 -29.43 -21.07 38.12
CA TRP A 235 -29.66 -20.57 39.48
C TRP A 235 -29.56 -21.69 40.51
N ASN A 236 -28.34 -22.23 40.62
CA ASN A 236 -28.02 -23.28 41.60
C ASN A 236 -26.69 -23.00 42.34
N LYS A 237 -26.35 -23.87 43.29
CA LYS A 237 -25.12 -23.82 44.13
C LYS A 237 -23.87 -23.98 43.27
N GLU A 238 -23.86 -25.00 42.39
CA GLU A 238 -22.72 -25.21 41.55
C GLU A 238 -22.27 -23.93 40.80
N ASP A 239 -23.19 -23.22 40.14
CA ASP A 239 -22.84 -21.99 39.37
C ASP A 239 -22.57 -20.80 40.30
N ARG A 240 -23.35 -20.68 41.37
N ARG A 240 -23.35 -20.69 41.38
CA ARG A 240 -23.05 -19.67 42.39
CA ARG A 240 -23.08 -19.71 42.42
C ARG A 240 -21.62 -19.83 42.92
C ARG A 240 -21.64 -19.85 42.91
N ASP A 241 -21.26 -21.05 43.36
CA ASP A 241 -19.91 -21.31 43.85
C ASP A 241 -18.83 -21.08 42.80
N LEU A 242 -19.09 -21.48 41.55
CA LEU A 242 -18.05 -21.33 40.53
C LEU A 242 -17.80 -19.86 40.28
N LEU A 243 -18.88 -19.08 40.32
CA LEU A 243 -18.74 -17.63 40.15
C LEU A 243 -17.90 -17.03 41.30
N LEU A 244 -18.14 -17.47 42.53
CA LEU A 244 -17.38 -16.96 43.69
C LEU A 244 -15.92 -17.41 43.63
N ALA A 245 -15.69 -18.66 43.21
CA ALA A 245 -14.33 -19.18 43.03
C ALA A 245 -13.54 -18.37 41.97
N LYS A 246 -14.23 -17.96 40.90
CA LYS A 246 -13.61 -17.15 39.85
C LYS A 246 -13.25 -15.78 40.43
N PHE A 247 -14.18 -15.18 41.19
CA PHE A 247 -13.87 -13.88 41.82
C PHE A 247 -12.68 -14.00 42.80
N GLU A 248 -12.61 -15.08 43.55
CA GLU A 248 -11.48 -15.30 44.42
C GLU A 248 -10.15 -15.39 43.64
N LYS A 249 -10.15 -16.08 42.50
CA LYS A 249 -8.95 -16.15 41.63
C LYS A 249 -8.58 -14.76 41.21
N MET A 250 -9.58 -13.97 40.80
CA MET A 250 -9.29 -12.58 40.39
C MET A 250 -8.69 -11.78 41.56
N TYR A 251 -9.31 -11.93 42.73
CA TYR A 251 -8.81 -11.32 43.95
C TYR A 251 -7.33 -11.67 44.23
N GLN A 252 -6.93 -12.94 44.04
CA GLN A 252 -5.52 -13.36 44.19
C GLN A 252 -4.56 -12.69 43.22
N LEU A 253 -5.09 -12.33 42.06
CA LEU A 253 -4.38 -11.52 41.05
C LEU A 253 -4.29 -10.03 41.43
N GLY A 254 -4.98 -9.60 42.51
CA GLY A 254 -4.92 -8.22 42.96
C GLY A 254 -6.21 -7.41 42.76
N VAL A 255 -7.23 -8.01 42.16
CA VAL A 255 -8.46 -7.29 41.81
C VAL A 255 -9.25 -6.92 43.09
N ARG A 256 -9.68 -5.66 43.20
CA ARG A 256 -10.34 -5.23 44.41
C ARG A 256 -11.70 -4.58 44.13
N SER A 257 -12.15 -4.59 42.89
CA SER A 257 -13.53 -4.20 42.55
C SER A 257 -14.06 -5.20 41.52
N PHE A 258 -15.37 -5.45 41.56
CA PHE A 258 -16.00 -6.52 40.81
C PHE A 258 -17.36 -6.07 40.19
N ALA A 259 -17.71 -6.65 39.04
CA ALA A 259 -19.00 -6.37 38.39
C ALA A 259 -19.62 -7.65 37.83
N VAL A 260 -20.95 -7.67 37.75
CA VAL A 260 -21.63 -8.78 37.14
C VAL A 260 -22.62 -8.15 36.13
N PHE A 261 -22.43 -8.51 34.87
CA PHE A 261 -23.22 -7.95 33.77
C PHE A 261 -24.23 -8.94 33.36
N PHE A 262 -25.49 -8.53 33.25
CA PHE A 262 -26.57 -9.37 32.75
C PHE A 262 -27.24 -8.79 31.47
N ASP A 263 -26.48 -8.05 30.67
CA ASP A 263 -27.00 -7.38 29.48
C ASP A 263 -26.83 -8.26 28.25
N ASP A 264 -27.79 -8.19 27.33
CA ASP A 264 -27.73 -8.81 26.01
C ASP A 264 -27.87 -10.33 26.08
N ILE A 265 -28.78 -10.82 26.92
CA ILE A 265 -28.92 -12.23 27.21
C ILE A 265 -30.40 -12.60 27.20
N SER A 266 -30.69 -13.88 27.01
CA SER A 266 -32.02 -14.39 27.07
C SER A 266 -32.01 -15.55 28.05
N GLY A 267 -33.20 -15.95 28.48
CA GLY A 267 -33.38 -17.12 29.30
C GLY A 267 -33.44 -16.78 30.77
N GLU A 268 -33.37 -17.82 31.62
CA GLU A 268 -33.44 -17.68 33.09
C GLU A 268 -32.48 -16.64 33.70
N GLY A 269 -31.30 -16.44 33.11
CA GLY A 269 -30.32 -15.43 33.55
C GLY A 269 -30.83 -13.97 33.67
N THR A 270 -31.99 -13.68 33.06
CA THR A 270 -32.63 -12.33 33.07
C THR A 270 -33.61 -12.13 34.21
N ASN A 271 -33.72 -13.12 35.10
CA ASN A 271 -34.66 -13.04 36.24
C ASN A 271 -34.11 -12.09 37.34
N PRO A 272 -34.79 -10.95 37.59
CA PRO A 272 -34.33 -9.86 38.49
C PRO A 272 -34.14 -10.28 39.95
N GLN A 273 -35.10 -11.01 40.51
CA GLN A 273 -34.98 -11.51 41.88
C GLN A 273 -33.68 -12.34 42.07
N LYS A 274 -33.38 -13.18 41.10
CA LYS A 274 -32.27 -14.09 41.16
C LYS A 274 -30.96 -13.33 40.97
N GLN A 275 -30.98 -12.35 40.07
CA GLN A 275 -29.87 -11.41 39.92
C GLN A 275 -29.54 -10.70 41.21
N ALA A 276 -30.54 -10.10 41.84
CA ALA A 276 -30.36 -9.37 43.11
C ALA A 276 -29.86 -10.32 44.20
N GLU A 277 -30.52 -11.47 44.32
CA GLU A 277 -30.09 -12.47 45.26
C GLU A 277 -28.61 -12.85 45.09
N LEU A 278 -28.18 -13.07 43.86
CA LEU A 278 -26.77 -13.40 43.59
C LEU A 278 -25.83 -12.27 43.99
N LEU A 279 -26.19 -11.04 43.59
CA LEU A 279 -25.36 -9.88 43.92
C LEU A 279 -25.23 -9.64 45.44
N ASN A 280 -26.34 -9.80 46.15
CA ASN A 280 -26.37 -9.65 47.59
C ASN A 280 -25.54 -10.73 48.26
N TYR A 281 -25.54 -11.90 47.67
CA TYR A 281 -24.77 -13.01 48.18
C TYR A 281 -23.26 -12.71 47.96
N ILE A 282 -22.88 -12.24 46.77
CA ILE A 282 -21.49 -11.84 46.53
C ILE A 282 -21.09 -10.75 47.55
N ASP A 283 -21.99 -9.76 47.71
CA ASP A 283 -21.77 -8.65 48.63
C ASP A 283 -21.48 -9.17 50.05
N GLU A 284 -22.35 -10.05 50.51
CA GLU A 284 -22.31 -10.47 51.90
C GLU A 284 -21.29 -11.54 52.24
N LYS A 285 -21.02 -12.45 51.32
CA LYS A 285 -20.01 -13.49 51.52
C LYS A 285 -18.61 -13.14 50.99
N PHE A 286 -18.47 -12.05 50.26
CA PHE A 286 -17.18 -11.77 49.59
C PHE A 286 -16.86 -10.29 49.72
N ALA A 287 -17.63 -9.41 49.09
CA ALA A 287 -17.34 -7.97 49.11
C ALA A 287 -17.27 -7.37 50.53
N GLN A 288 -18.09 -7.85 51.46
CA GLN A 288 -18.03 -7.31 52.81
C GLN A 288 -17.16 -8.18 53.74
N VAL A 289 -16.66 -9.32 53.24
CA VAL A 289 -15.81 -10.21 54.07
C VAL A 289 -14.30 -9.95 53.84
N LYS A 290 -13.90 -9.74 52.60
CA LYS A 290 -12.56 -9.24 52.31
C LYS A 290 -12.37 -7.88 52.97
N PRO A 291 -11.14 -7.57 53.42
CA PRO A 291 -10.89 -6.30 54.11
C PRO A 291 -10.96 -5.04 53.24
N ASP A 292 -10.82 -5.20 51.91
CA ASP A 292 -10.40 -4.11 51.03
C ASP A 292 -11.09 -4.11 49.64
N ILE A 293 -12.33 -4.57 49.58
CA ILE A 293 -13.07 -4.47 48.34
C ILE A 293 -13.74 -3.11 48.20
N ASN A 294 -13.64 -2.52 47.02
CA ASN A 294 -14.12 -1.18 46.78
C ASN A 294 -15.49 -1.16 46.07
N GLN A 295 -15.49 -1.25 44.74
CA GLN A 295 -16.76 -1.14 44.01
C GLN A 295 -17.35 -2.53 43.75
N LEU A 296 -18.66 -2.62 43.94
CA LEU A 296 -19.41 -3.80 43.49
C LEU A 296 -20.52 -3.27 42.58
N VAL A 297 -20.57 -3.75 41.34
CA VAL A 297 -21.34 -3.11 40.27
C VAL A 297 -22.12 -4.15 39.50
N MET A 298 -23.36 -3.86 39.14
CA MET A 298 -24.07 -4.77 38.25
C MET A 298 -24.69 -4.05 37.06
N CYS A 299 -24.72 -4.74 35.92
CA CYS A 299 -25.38 -4.23 34.73
C CYS A 299 -26.70 -4.94 34.50
N PRO A 300 -27.81 -4.20 34.57
CA PRO A 300 -29.10 -4.86 34.48
C PRO A 300 -29.36 -5.40 33.07
N THR A 301 -30.27 -6.36 32.97
CA THR A 301 -30.75 -6.84 31.67
C THR A 301 -31.54 -5.72 30.98
N GLU A 302 -32.37 -5.01 31.73
CA GLU A 302 -33.10 -3.85 31.21
C GLU A 302 -32.28 -2.64 31.52
N TYR A 303 -31.40 -2.28 30.60
CA TYR A 303 -30.34 -1.31 30.89
C TYR A 303 -30.53 0.02 30.17
N ASN A 304 -31.67 0.19 29.51
CA ASN A 304 -32.00 1.47 28.91
C ASN A 304 -33.50 1.51 28.89
N LYS A 305 -34.06 2.70 28.79
CA LYS A 305 -35.50 2.85 28.92
C LYS A 305 -36.32 2.08 27.87
N SER A 306 -35.84 2.12 26.61
CA SER A 306 -36.60 1.52 25.50
C SER A 306 -36.75 0.01 25.65
N TRP A 307 -35.73 -0.61 26.26
CA TRP A 307 -35.69 -2.06 26.47
C TRP A 307 -36.38 -2.47 27.77
N SER A 308 -37.05 -1.53 28.41
CA SER A 308 -37.63 -1.80 29.70
C SER A 308 -39.13 -2.01 29.53
N ASN A 309 -39.58 -3.15 30.00
CA ASN A 309 -40.97 -3.55 29.94
C ASN A 309 -41.77 -2.64 30.90
N PRO A 310 -42.97 -2.20 30.49
CA PRO A 310 -43.85 -1.55 31.49
C PRO A 310 -44.77 -2.54 32.20
N ASN A 313 -42.20 -5.28 35.91
CA ASN A 313 -41.49 -4.63 37.05
C ASN A 313 -40.06 -5.12 37.33
N TYR A 314 -39.29 -5.38 36.28
CA TYR A 314 -37.88 -5.78 36.46
C TYR A 314 -37.02 -4.78 37.26
N LEU A 315 -37.18 -3.50 36.97
CA LEU A 315 -36.27 -2.49 37.54
C LEU A 315 -36.61 -2.11 39.01
N THR A 316 -37.88 -2.06 39.36
CA THR A 316 -38.24 -1.77 40.77
C THR A 316 -37.95 -2.98 41.70
N THR A 317 -38.01 -4.20 41.16
CA THR A 317 -37.55 -5.39 41.86
C THR A 317 -36.04 -5.22 42.18
N LEU A 318 -35.23 -4.85 41.18
CA LEU A 318 -33.81 -4.61 41.47
C LEU A 318 -33.64 -3.51 42.47
N GLY A 319 -34.27 -2.37 42.24
CA GLY A 319 -34.14 -1.24 43.15
C GLY A 319 -34.41 -1.61 44.60
N ASP A 320 -35.49 -2.37 44.84
CA ASP A 320 -35.94 -2.76 46.18
C ASP A 320 -35.13 -3.91 46.82
N LYS A 321 -34.69 -4.88 46.02
CA LYS A 321 -34.00 -6.05 46.58
C LYS A 321 -32.46 -5.93 46.68
N LEU A 322 -31.84 -5.24 45.74
CA LEU A 322 -30.37 -5.13 45.70
C LEU A 322 -29.80 -4.28 46.84
N ASN A 323 -28.80 -4.79 47.56
CA ASN A 323 -28.20 -4.02 48.66
C ASN A 323 -27.90 -2.62 48.18
N PRO A 324 -28.23 -1.62 49.00
CA PRO A 324 -28.09 -0.26 48.49
C PRO A 324 -26.67 0.16 48.07
N SER A 325 -25.59 -0.39 48.64
CA SER A 325 -24.20 0.02 48.19
C SER A 325 -23.83 -0.51 46.82
N ILE A 326 -24.62 -1.45 46.32
CA ILE A 326 -24.37 -2.00 44.99
C ILE A 326 -24.77 -1.00 43.86
N GLN A 327 -23.89 -0.78 42.88
CA GLN A 327 -24.19 0.12 41.74
C GLN A 327 -24.99 -0.58 40.64
N ILE A 328 -25.91 0.16 40.01
CA ILE A 328 -26.67 -0.33 38.86
C ILE A 328 -26.41 0.54 37.61
N MET A 329 -25.97 -0.10 36.54
CA MET A 329 -25.58 0.62 35.32
C MET A 329 -26.76 0.94 34.45
N TRP A 330 -26.58 1.93 33.56
CA TRP A 330 -27.69 2.42 32.74
C TRP A 330 -27.11 3.19 31.58
N THR A 331 -27.63 2.92 30.36
CA THR A 331 -27.03 3.56 29.17
C THR A 331 -27.95 4.72 28.70
N GLY A 332 -29.11 4.89 29.36
CA GLY A 332 -29.97 6.04 29.09
C GLY A 332 -31.31 5.64 28.52
N ASP A 333 -31.90 6.53 27.72
CA ASP A 333 -33.20 6.28 27.16
C ASP A 333 -33.19 5.17 26.11
N ARG A 334 -32.03 4.97 25.50
CA ARG A 334 -31.87 3.95 24.46
C ARG A 334 -30.49 3.34 24.61
N VAL A 335 -30.23 2.25 23.86
CA VAL A 335 -28.95 1.55 23.93
C VAL A 335 -27.82 2.55 23.72
N ILE A 336 -27.94 3.38 22.68
CA ILE A 336 -27.04 4.51 22.47
C ILE A 336 -27.83 5.79 22.67
N SER A 337 -27.56 6.50 23.76
CA SER A 337 -28.16 7.81 24.00
C SER A 337 -27.31 8.70 24.89
N ASP A 338 -27.65 9.99 24.89
CA ASP A 338 -26.99 10.94 25.74
C ASP A 338 -27.86 11.12 26.97
N ILE A 339 -27.25 11.40 28.10
CA ILE A 339 -28.00 11.34 29.35
C ILE A 339 -28.65 12.71 29.66
N THR A 340 -29.95 12.71 29.96
CA THR A 340 -30.70 13.93 30.17
C THR A 340 -31.22 13.91 31.60
N ARG A 341 -31.72 15.07 32.05
CA ARG A 341 -32.27 15.17 33.40
C ARG A 341 -33.52 14.32 33.54
N ASP A 342 -34.42 14.39 32.57
CA ASP A 342 -35.63 13.59 32.62
C ASP A 342 -35.29 12.10 32.62
N GLY A 343 -34.37 11.70 31.74
CA GLY A 343 -33.99 10.30 31.58
C GLY A 343 -33.34 9.75 32.84
N ILE A 344 -32.44 10.51 33.45
CA ILE A 344 -31.82 10.03 34.67
C ILE A 344 -32.79 10.00 35.85
N SER A 345 -33.73 10.95 35.91
CA SER A 345 -34.73 10.92 36.99
C SER A 345 -35.66 9.71 36.85
N TRP A 346 -35.98 9.32 35.61
CA TRP A 346 -36.82 8.15 35.34
C TRP A 346 -36.15 6.88 35.92
N ILE A 347 -34.86 6.66 35.60
CA ILE A 347 -34.13 5.50 36.15
C ILE A 347 -33.98 5.53 37.70
N ASN A 348 -33.44 6.63 38.25
CA ASN A 348 -33.21 6.79 39.68
C ASN A 348 -34.45 6.44 40.55
N GLU A 349 -35.64 6.82 40.10
CA GLU A 349 -36.85 6.52 40.87
C GLU A 349 -37.16 5.02 40.97
N ARG A 350 -36.88 4.29 39.91
CA ARG A 350 -37.08 2.86 39.92
C ARG A 350 -35.94 2.16 40.70
N ILE A 351 -34.71 2.57 40.54
CA ILE A 351 -33.63 1.82 41.17
C ILE A 351 -33.29 2.25 42.59
N LYS A 352 -33.79 3.40 43.01
CA LYS A 352 -33.64 3.89 44.40
C LYS A 352 -32.20 4.24 44.77
N ARG A 353 -31.36 4.54 43.79
CA ARG A 353 -30.01 5.04 44.02
C ARG A 353 -29.65 5.86 42.75
N PRO A 354 -28.55 6.60 42.79
CA PRO A 354 -28.18 7.31 41.56
C PRO A 354 -27.56 6.34 40.53
N ALA A 355 -28.08 6.36 39.29
CA ALA A 355 -27.63 5.44 38.24
C ALA A 355 -26.14 5.65 37.99
N TYR A 356 -25.47 4.56 37.72
CA TYR A 356 -24.08 4.50 37.34
C TYR A 356 -24.07 4.43 35.82
N ILE A 357 -23.82 5.54 35.16
CA ILE A 357 -23.93 5.61 33.71
C ILE A 357 -22.86 4.87 32.90
N TRP A 358 -23.31 4.05 31.99
CA TRP A 358 -22.54 3.41 30.94
C TRP A 358 -22.93 4.17 29.68
N TRP A 359 -22.07 5.05 29.21
CA TRP A 359 -22.35 5.86 28.05
C TRP A 359 -21.82 5.22 26.80
N ASN A 360 -22.69 4.85 25.90
CA ASN A 360 -22.28 4.12 24.67
C ASN A 360 -21.75 5.02 23.56
N PHE A 361 -20.61 5.66 23.85
CA PHE A 361 -19.90 6.49 22.89
C PHE A 361 -18.51 6.63 23.47
N PRO A 362 -17.47 6.48 22.62
CA PRO A 362 -17.54 6.33 21.15
C PRO A 362 -17.57 4.87 20.61
N VAL A 363 -18.00 3.90 21.40
CA VAL A 363 -18.15 2.54 20.90
C VAL A 363 -18.70 2.51 19.47
N SER A 364 -18.08 1.68 18.62
CA SER A 364 -18.42 1.63 17.23
C SER A 364 -18.58 0.20 16.75
N ASP A 365 -18.86 -0.73 17.67
CA ASP A 365 -18.88 -2.15 17.31
C ASP A 365 -20.13 -2.54 16.48
N TYR A 366 -21.02 -1.57 16.26
CA TYR A 366 -22.17 -1.72 15.36
C TYR A 366 -22.01 -0.89 14.07
N VAL A 367 -20.92 -0.09 13.97
CA VAL A 367 -20.57 0.68 12.76
C VAL A 367 -19.06 0.57 12.55
N ARG A 368 -18.59 -0.66 12.41
CA ARG A 368 -17.16 -0.93 12.48
C ARG A 368 -16.35 -0.34 11.32
N ASP A 369 -17.04 0.16 10.29
CA ASP A 369 -16.39 0.73 9.13
C ASP A 369 -16.11 2.23 9.30
N HIS A 370 -16.57 2.79 10.44
CA HIS A 370 -16.36 4.21 10.81
C HIS A 370 -15.49 4.36 12.06
N LEU A 371 -14.71 5.44 12.07
CA LEU A 371 -14.08 5.89 13.27
C LEU A 371 -14.93 7.03 13.84
N LEU A 372 -14.99 7.14 15.16
CA LEU A 372 -15.80 8.16 15.83
C LEU A 372 -14.89 9.10 16.64
N LEU A 373 -14.40 10.14 15.97
CA LEU A 373 -13.34 10.97 16.54
C LEU A 373 -13.81 12.37 16.86
N GLY A 374 -15.12 12.59 16.83
CA GLY A 374 -15.70 13.88 17.11
C GLY A 374 -15.61 14.27 18.56
N PRO A 375 -16.36 15.29 18.95
CA PRO A 375 -16.36 15.77 20.34
C PRO A 375 -17.43 15.08 21.17
N VAL A 376 -17.27 15.11 22.49
CA VAL A 376 -18.23 14.50 23.40
C VAL A 376 -19.19 15.59 23.75
N TYR A 377 -20.47 15.36 23.46
CA TYR A 377 -21.54 16.31 23.75
C TYR A 377 -22.88 15.58 23.88
N GLY A 378 -23.87 16.31 24.38
CA GLY A 378 -25.23 15.84 24.42
C GLY A 378 -25.70 15.48 25.82
N ASN A 379 -24.73 15.25 26.72
CA ASN A 379 -25.03 14.90 28.12
C ASN A 379 -25.25 16.15 28.95
N ASP A 380 -26.29 16.13 29.77
CA ASP A 380 -26.70 17.29 30.56
C ASP A 380 -25.56 17.58 31.53
N THR A 381 -25.28 18.85 31.77
CA THR A 381 -24.13 19.22 32.58
C THR A 381 -24.51 19.63 34.01
N THR A 382 -25.78 19.46 34.40
CA THR A 382 -26.23 19.88 35.73
C THR A 382 -26.68 18.73 36.64
N ILE A 383 -26.51 17.50 36.15
CA ILE A 383 -27.02 16.31 36.82
C ILE A 383 -25.99 15.43 37.54
N ALA A 384 -24.83 16.01 37.87
CA ALA A 384 -23.78 15.27 38.59
C ALA A 384 -24.30 14.55 39.87
N LYS A 385 -25.19 15.20 40.60
CA LYS A 385 -25.67 14.66 41.87
C LYS A 385 -26.55 13.44 41.65
N GLU A 386 -27.13 13.34 40.45
CA GLU A 386 -28.01 12.24 40.05
C GLU A 386 -27.29 11.01 39.56
N MET A 387 -25.96 11.05 39.51
CA MET A 387 -25.23 9.88 39.04
C MET A 387 -24.12 9.42 40.00
N SER A 388 -24.05 8.12 40.24
CA SER A 388 -23.02 7.47 41.07
C SER A 388 -21.77 7.34 40.32
N GLY A 389 -21.86 7.17 38.99
CA GLY A 389 -20.69 7.09 38.17
C GLY A 389 -20.99 7.45 36.72
N PHE A 390 -19.93 7.57 35.93
CA PHE A 390 -20.07 7.81 34.50
C PHE A 390 -18.88 7.18 33.86
N VAL A 391 -19.10 6.16 33.03
CA VAL A 391 -18.02 5.51 32.29
C VAL A 391 -18.34 5.53 30.80
N THR A 392 -17.31 5.44 29.97
CA THR A 392 -17.50 5.52 28.53
C THR A 392 -17.04 4.26 27.79
N ASN A 393 -17.98 3.62 27.08
CA ASN A 393 -17.67 2.47 26.25
C ASN A 393 -17.03 2.96 24.97
N PRO A 394 -15.78 2.59 24.76
CA PRO A 394 -14.97 3.18 23.67
C PRO A 394 -14.87 2.28 22.43
N MET A 395 -14.14 2.73 21.40
CA MET A 395 -13.97 1.90 20.18
C MET A 395 -12.92 0.80 20.49
N GLU A 396 -12.88 -0.25 19.68
CA GLU A 396 -11.82 -1.26 19.72
C GLU A 396 -10.44 -0.66 19.46
N HIS A 397 -10.45 0.55 18.88
CA HIS A 397 -9.25 1.33 18.63
C HIS A 397 -8.94 2.14 19.89
N ALA A 398 -7.96 1.65 20.65
CA ALA A 398 -7.75 2.19 21.99
C ALA A 398 -7.23 3.62 21.96
N GLU A 399 -6.17 3.87 21.16
CA GLU A 399 -5.58 5.23 21.14
C GLU A 399 -6.57 6.24 20.58
N SER A 400 -7.22 5.88 19.46
CA SER A 400 -8.23 6.75 18.80
C SER A 400 -9.35 7.20 19.77
N SER A 401 -9.72 6.29 20.68
CA SER A 401 -10.69 6.53 21.76
C SER A 401 -10.22 7.58 22.77
N LYS A 402 -8.91 7.90 22.82
CA LYS A 402 -8.43 8.83 23.84
C LYS A 402 -9.06 10.24 23.69
N ILE A 403 -9.47 10.60 22.47
CA ILE A 403 -10.21 11.86 22.25
C ILE A 403 -11.51 11.91 23.06
N ALA A 404 -12.36 10.89 22.93
CA ALA A 404 -13.60 10.89 23.72
C ALA A 404 -13.29 10.74 25.20
N ILE A 405 -12.30 9.90 25.49
CA ILE A 405 -11.99 9.49 26.86
C ILE A 405 -11.54 10.68 27.68
N TYR A 406 -10.60 11.43 27.12
CA TYR A 406 -10.08 12.65 27.73
C TYR A 406 -11.22 13.64 27.93
N SER A 407 -12.13 13.73 26.96
CA SER A 407 -13.32 14.58 27.07
C SER A 407 -14.31 14.13 28.16
N VAL A 408 -14.59 12.80 28.21
CA VAL A 408 -15.44 12.25 29.29
C VAL A 408 -14.83 12.54 30.68
N ALA A 409 -13.52 12.40 30.82
CA ALA A 409 -12.83 12.67 32.08
C ALA A 409 -13.10 14.11 32.52
N SER A 410 -13.08 15.00 31.54
CA SER A 410 -13.21 16.41 31.81
C SER A 410 -14.67 16.64 32.22
N TYR A 411 -15.60 16.06 31.45
CA TYR A 411 -17.01 16.19 31.76
C TYR A 411 -17.36 15.66 33.16
N ALA A 412 -16.89 14.48 33.51
CA ALA A 412 -17.35 13.84 34.71
C ALA A 412 -16.72 14.47 35.97
N TRP A 413 -15.52 15.06 35.83
CA TRP A 413 -14.90 15.75 36.95
C TRP A 413 -15.57 17.11 37.17
N ASN A 414 -15.77 17.89 36.10
CA ASN A 414 -16.37 19.23 36.24
C ASN A 414 -17.45 19.46 35.18
N PRO A 415 -18.62 18.78 35.30
CA PRO A 415 -19.64 18.93 34.28
C PRO A 415 -20.09 20.39 34.13
N ALA A 416 -20.10 21.16 35.23
CA ALA A 416 -20.54 22.57 35.19
C ALA A 416 -19.71 23.48 34.29
N LYS A 417 -18.44 23.13 34.10
CA LYS A 417 -17.57 23.94 33.26
C LYS A 417 -17.24 23.23 31.96
N TYR A 418 -17.94 22.13 31.67
CA TYR A 418 -17.59 21.31 30.51
C TYR A 418 -17.77 22.09 29.19
N ASP A 419 -16.69 22.14 28.44
CA ASP A 419 -16.66 22.87 27.19
C ASP A 419 -16.37 21.87 26.09
N THR A 420 -17.39 21.49 25.32
CA THR A 420 -17.22 20.43 24.30
C THR A 420 -16.04 20.65 23.36
N TRP A 421 -16.04 21.82 22.72
CA TRP A 421 -15.11 22.08 21.65
C TRP A 421 -13.66 22.27 22.10
N GLN A 422 -13.46 23.08 23.13
CA GLN A 422 -12.12 23.31 23.67
C GLN A 422 -11.48 22.01 24.21
N THR A 423 -12.28 21.17 24.85
CA THR A 423 -11.80 19.92 25.42
C THR A 423 -11.40 18.92 24.31
N TRP A 424 -12.16 18.90 23.20
CA TRP A 424 -11.82 18.10 22.03
C TRP A 424 -10.49 18.55 21.45
N LYS A 425 -10.32 19.86 21.29
CA LYS A 425 -9.07 20.43 20.83
C LYS A 425 -7.92 20.12 21.79
N ASP A 426 -8.14 20.32 23.10
CA ASP A 426 -7.11 19.98 24.07
C ASP A 426 -6.77 18.48 24.04
N ALA A 427 -7.78 17.61 23.89
CA ALA A 427 -7.51 16.15 23.82
C ALA A 427 -6.57 15.86 22.66
N ILE A 428 -6.94 16.36 21.49
CA ILE A 428 -6.20 16.08 20.28
C ILE A 428 -4.73 16.57 20.42
N ARG A 429 -4.57 17.77 20.98
CA ARG A 429 -3.26 18.37 21.21
C ARG A 429 -2.43 17.64 22.28
N THR A 430 -3.09 16.98 23.21
CA THR A 430 -2.35 16.18 24.18
C THR A 430 -1.93 14.85 23.56
N ILE A 431 -2.83 14.30 22.76
CA ILE A 431 -2.58 13.02 22.15
C ILE A 431 -1.54 13.11 21.05
N LEU A 432 -1.54 14.21 20.28
CA LEU A 432 -0.58 14.29 19.18
C LEU A 432 -0.01 15.68 18.98
N PRO A 433 0.81 16.16 19.96
CA PRO A 433 1.27 17.55 19.92
C PRO A 433 2.01 17.85 18.64
N SER A 434 2.69 16.86 18.06
CA SER A 434 3.52 17.11 16.87
C SER A 434 2.67 17.36 15.63
N ALA A 435 1.42 16.92 15.62
CA ALA A 435 0.62 17.07 14.41
C ALA A 435 -0.80 17.32 14.79
N ALA A 436 -1.01 18.23 15.74
CA ALA A 436 -2.31 18.42 16.31
C ALA A 436 -3.32 18.91 15.27
N GLU A 437 -2.93 19.91 14.51
CA GLU A 437 -3.77 20.46 13.49
C GLU A 437 -4.23 19.44 12.43
N GLU A 438 -3.31 18.57 12.01
CA GLU A 438 -3.61 17.48 11.09
C GLU A 438 -4.61 16.48 11.67
N LEU A 439 -4.44 16.14 12.95
CA LEU A 439 -5.40 15.26 13.64
C LEU A 439 -6.77 15.89 13.76
N GLU A 440 -6.83 17.19 14.04
CA GLU A 440 -8.10 17.90 14.08
C GLU A 440 -8.76 17.84 12.73
N CYS A 441 -7.99 18.06 11.66
CA CYS A 441 -8.56 18.01 10.31
C CYS A 441 -9.15 16.63 10.04
N PHE A 442 -8.39 15.59 10.31
CA PHE A 442 -8.88 14.22 10.12
C PHE A 442 -10.11 13.89 10.97
N ALA A 443 -10.05 14.26 12.27
CA ALA A 443 -11.09 13.96 13.24
C ALA A 443 -12.40 14.71 12.95
N MET A 444 -12.30 15.95 12.49
N MET A 444 -12.28 15.98 12.52
CA MET A 444 -13.48 16.74 12.16
CA MET A 444 -13.40 16.82 12.04
C MET A 444 -14.34 16.09 11.06
C MET A 444 -14.33 16.05 11.11
N HIS A 445 -13.70 15.35 10.17
CA HIS A 445 -14.40 14.72 9.05
C HIS A 445 -14.51 13.21 9.26
N ASN A 446 -14.30 12.77 10.50
CA ASN A 446 -14.50 11.37 10.86
C ASN A 446 -15.22 11.28 12.20
N SER A 447 -16.44 11.81 12.26
CA SER A 447 -17.16 11.80 13.51
C SER A 447 -18.57 11.22 13.48
N ASP A 448 -19.21 11.22 12.31
CA ASP A 448 -20.57 10.61 12.17
C ASP A 448 -20.49 9.07 12.02
N LEU A 449 -21.52 8.38 12.51
CA LEU A 449 -21.61 6.93 12.40
C LEU A 449 -22.16 6.43 11.07
N GLY A 450 -22.78 7.35 10.33
CA GLY A 450 -23.56 6.94 9.17
C GLY A 450 -24.85 6.27 9.64
N PRO A 451 -25.75 5.92 8.69
CA PRO A 451 -27.03 5.30 9.10
C PRO A 451 -26.80 4.01 9.91
N ASN A 452 -27.68 3.77 10.87
CA ASN A 452 -27.54 2.59 11.72
C ASN A 452 -28.83 2.26 12.47
N GLY A 453 -28.91 1.00 12.94
CA GLY A 453 -30.16 0.46 13.54
C GLY A 453 -30.58 1.17 14.82
N HIS A 454 -29.62 1.75 15.52
CA HIS A 454 -29.84 2.53 16.74
C HIS A 454 -30.27 3.95 16.43
N GLY A 455 -30.19 4.35 15.17
CA GLY A 455 -30.54 5.72 14.82
C GLY A 455 -29.66 6.83 15.42
N TYR A 456 -28.44 6.49 15.84
CA TYR A 456 -27.63 7.46 16.56
C TYR A 456 -26.58 8.12 15.66
N ARG A 457 -26.62 9.45 15.62
CA ARG A 457 -25.79 10.25 14.72
C ARG A 457 -24.95 11.28 15.48
N ARG A 458 -23.89 11.75 14.84
CA ARG A 458 -23.08 12.81 15.38
C ARG A 458 -22.86 13.82 14.27
N GLU A 459 -22.66 15.09 14.64
CA GLU A 459 -22.29 16.13 13.66
C GLU A 459 -20.91 15.88 13.04
N GLU A 460 -20.76 16.35 11.79
CA GLU A 460 -19.51 16.19 11.05
C GLU A 460 -19.36 17.27 10.00
N SER A 461 -18.15 17.80 9.84
CA SER A 461 -17.84 18.71 8.73
C SER A 461 -18.74 19.96 8.72
N MET A 462 -19.04 20.47 9.91
CA MET A 462 -20.04 21.58 10.06
C MET A 462 -19.52 22.90 9.50
N ASP A 463 -18.23 23.14 9.63
CA ASP A 463 -17.60 24.37 9.15
C ASP A 463 -17.80 24.55 7.64
N ILE A 464 -17.67 23.47 6.87
CA ILE A 464 -17.75 23.63 5.41
C ILE A 464 -19.12 23.33 4.83
N GLN A 465 -19.97 22.74 5.65
CA GLN A 465 -21.30 22.41 5.21
C GLN A 465 -22.02 23.61 4.52
N PRO A 466 -21.89 24.85 5.07
CA PRO A 466 -22.62 25.92 4.35
C PRO A 466 -22.13 26.14 2.92
N ALA A 467 -20.80 26.21 2.74
CA ALA A 467 -20.19 26.39 1.42
C ALA A 467 -20.50 25.21 0.49
N ALA A 468 -20.58 24.01 1.09
CA ALA A 468 -20.89 22.78 0.37
C ALA A 468 -22.31 22.86 -0.19
N GLU A 469 -23.27 23.01 0.71
CA GLU A 469 -24.68 23.01 0.37
C GLU A 469 -25.08 24.13 -0.60
N ARG A 470 -24.38 25.26 -0.56
CA ARG A 470 -24.61 26.38 -1.51
C ARG A 470 -23.96 26.13 -2.87
N PHE A 471 -22.85 25.42 -2.86
CA PHE A 471 -22.13 25.10 -4.09
C PHE A 471 -22.93 24.12 -4.96
N LEU A 472 -23.54 23.14 -4.32
CA LEU A 472 -24.34 22.15 -5.03
C LEU A 472 -25.64 22.75 -5.55
N LYS A 473 -26.40 23.37 -4.65
CA LYS A 473 -27.67 24.00 -5.02
C LYS A 473 -27.51 24.82 -6.30
N ALA A 474 -26.53 25.71 -6.31
CA ALA A 474 -26.26 26.55 -7.47
C ALA A 474 -25.92 25.73 -8.71
N PHE A 475 -25.14 24.68 -8.48
CA PHE A 475 -24.66 23.80 -9.53
C PHE A 475 -25.83 23.03 -10.17
N LYS A 476 -26.64 22.37 -9.34
CA LYS A 476 -27.81 21.58 -9.80
C LYS A 476 -28.88 22.45 -10.45
N TYR A 481 -22.03 29.33 -8.98
CA TYR A 481 -21.59 29.21 -7.59
C TYR A 481 -20.66 30.38 -7.23
N ASP A 482 -20.63 30.76 -5.95
CA ASP A 482 -19.67 31.73 -5.44
C ASP A 482 -18.25 31.18 -5.49
N LYS A 483 -17.32 32.01 -6.00
CA LYS A 483 -15.91 31.65 -6.06
C LYS A 483 -15.32 31.20 -4.72
N ALA A 484 -15.75 31.87 -3.65
CA ALA A 484 -15.28 31.62 -2.28
C ALA A 484 -15.62 30.22 -1.81
N ASP A 485 -16.80 29.72 -2.19
CA ASP A 485 -17.23 28.37 -1.82
C ASP A 485 -16.39 27.34 -2.55
N PHE A 486 -16.05 27.64 -3.79
CA PHE A 486 -15.23 26.77 -4.61
C PHE A 486 -13.85 26.70 -3.98
N GLU A 487 -13.27 27.86 -3.65
CA GLU A 487 -11.95 27.87 -2.99
C GLU A 487 -11.98 27.24 -1.61
N THR A 488 -13.10 27.35 -0.90
CA THR A 488 -13.24 26.71 0.38
C THR A 488 -13.14 25.18 0.24
N LEU A 489 -13.86 24.61 -0.73
CA LEU A 489 -13.85 23.16 -0.95
C LEU A 489 -12.45 22.71 -1.37
N GLN A 490 -11.87 23.51 -2.27
CA GLN A 490 -10.52 23.33 -2.73
C GLN A 490 -9.49 23.36 -1.61
N TYR A 491 -9.57 24.38 -0.74
CA TYR A 491 -8.77 24.48 0.49
C TYR A 491 -8.93 23.24 1.36
N THR A 492 -10.17 22.82 1.57
CA THR A 492 -10.44 21.63 2.37
C THR A 492 -9.76 20.39 1.82
N PHE A 493 -9.87 20.15 0.50
CA PHE A 493 -9.26 18.94 -0.06
C PHE A 493 -7.75 19.00 0.10
N GLU A 494 -7.20 20.19 -0.12
CA GLU A 494 -5.77 20.37 -0.04
C GLU A 494 -5.29 19.98 1.35
N ARG A 495 -5.98 20.52 2.35
CA ARG A 495 -5.72 20.32 3.75
C ARG A 495 -5.86 18.85 4.16
N MET A 496 -6.88 18.19 3.63
CA MET A 496 -7.09 16.79 3.92
C MET A 496 -5.86 15.99 3.50
N LYS A 497 -5.28 16.33 2.35
CA LYS A 497 -4.12 15.59 1.83
C LYS A 497 -2.90 15.84 2.66
N GLU A 498 -2.69 17.09 3.06
CA GLU A 498 -1.58 17.44 3.93
C GLU A 498 -1.69 16.66 5.24
N SER A 499 -2.90 16.62 5.80
CA SER A 499 -3.14 15.93 7.06
C SER A 499 -2.90 14.44 6.91
N ALA A 500 -3.45 13.86 5.84
CA ALA A 500 -3.25 12.41 5.55
C ALA A 500 -1.80 12.02 5.51
N ASP A 501 -1.00 12.77 4.75
CA ASP A 501 0.38 12.39 4.52
C ASP A 501 1.27 12.60 5.75
N ILE A 502 1.04 13.67 6.50
CA ILE A 502 1.75 13.94 7.75
C ILE A 502 1.32 12.92 8.84
N LEU A 503 0.02 12.68 9.00
CA LEU A 503 -0.44 11.62 9.92
C LEU A 503 0.22 10.23 9.64
N LEU A 504 0.22 9.75 8.38
CA LEU A 504 0.80 8.42 8.05
C LEU A 504 2.22 8.27 8.52
N MET A 505 2.97 9.36 8.42
CA MET A 505 4.41 9.38 8.71
C MET A 505 4.77 9.79 10.13
N ASN A 506 3.77 10.02 10.98
CA ASN A 506 4.01 10.54 12.34
C ASN A 506 4.56 9.43 13.22
N THR A 507 5.64 9.73 13.95
CA THR A 507 6.28 8.73 14.79
C THR A 507 6.08 9.00 16.30
N GLU A 508 5.36 10.04 16.65
CA GLU A 508 5.16 10.37 18.07
C GLU A 508 4.17 9.41 18.75
N ASN A 509 3.13 9.03 18.02
CA ASN A 509 2.17 8.07 18.55
C ASN A 509 1.90 7.00 17.49
N LYS A 510 2.84 6.06 17.37
CA LYS A 510 2.77 5.01 16.35
C LYS A 510 1.54 4.11 16.52
N PRO A 511 1.16 3.78 17.78
CA PRO A 511 -0.01 2.89 17.86
C PRO A 511 -1.26 3.55 17.36
N LEU A 512 -1.43 4.85 17.62
CA LEU A 512 -2.56 5.60 17.07
C LEU A 512 -2.58 5.52 15.55
N ILE A 513 -1.42 5.82 14.94
CA ILE A 513 -1.32 5.88 13.50
C ILE A 513 -1.64 4.50 12.89
N VAL A 514 -1.12 3.40 13.46
CA VAL A 514 -1.48 2.04 13.02
C VAL A 514 -3.02 1.85 13.04
N GLU A 515 -3.71 2.32 14.09
CA GLU A 515 -5.20 2.16 14.16
C GLU A 515 -5.91 2.85 13.01
N ILE A 516 -5.57 4.10 12.75
CA ILE A 516 -6.29 4.93 11.78
C ILE A 516 -5.81 4.81 10.32
N THR A 517 -4.69 4.13 10.10
CA THR A 517 -3.99 4.15 8.79
C THR A 517 -4.90 3.86 7.57
N PRO A 518 -5.72 2.79 7.63
CA PRO A 518 -6.64 2.44 6.53
C PRO A 518 -7.63 3.59 6.20
N TRP A 519 -8.16 4.24 7.23
CA TRP A 519 -9.02 5.42 7.06
C TRP A 519 -8.26 6.64 6.55
N VAL A 520 -6.99 6.80 6.98
CA VAL A 520 -6.16 7.87 6.45
C VAL A 520 -5.92 7.69 4.94
N HIS A 521 -5.62 6.46 4.51
CA HIS A 521 -5.51 6.22 3.06
C HIS A 521 -6.80 6.58 2.33
N GLN A 522 -7.92 6.16 2.90
CA GLN A 522 -9.21 6.37 2.28
C GLN A 522 -9.58 7.88 2.25
N PHE A 523 -9.30 8.57 3.37
CA PHE A 523 -9.38 10.01 3.53
C PHE A 523 -8.53 10.75 2.47
N LYS A 524 -7.29 10.33 2.25
CA LYS A 524 -6.47 10.97 1.22
C LYS A 524 -7.14 10.77 -0.16
N LEU A 525 -7.61 9.56 -0.43
CA LEU A 525 -8.23 9.28 -1.71
C LEU A 525 -9.45 10.16 -1.96
N THR A 526 -10.24 10.34 -0.91
CA THR A 526 -11.43 11.15 -0.98
C THR A 526 -11.06 12.59 -1.39
N ALA A 527 -10.01 13.13 -0.77
CA ALA A 527 -9.62 14.49 -1.04
C ALA A 527 -9.08 14.61 -2.49
N GLU A 528 -8.32 13.61 -2.96
CA GLU A 528 -7.89 13.56 -4.36
C GLU A 528 -9.06 13.50 -5.34
N MET A 529 -10.07 12.66 -5.05
CA MET A 529 -11.22 12.58 -5.90
C MET A 529 -11.95 13.95 -5.92
N GLY A 530 -11.98 14.63 -4.78
CA GLY A 530 -12.57 15.96 -4.64
C GLY A 530 -11.85 16.99 -5.50
N GLU A 531 -10.51 17.04 -5.43
CA GLU A 531 -9.75 17.94 -6.28
C GLU A 531 -10.01 17.68 -7.78
N GLU A 532 -10.07 16.41 -8.19
CA GLU A 532 -10.28 16.08 -9.61
C GLU A 532 -11.67 16.43 -10.07
N VAL A 533 -12.65 16.21 -9.21
CA VAL A 533 -14.02 16.56 -9.53
C VAL A 533 -14.19 18.06 -9.71
N LEU A 534 -13.59 18.86 -8.84
CA LEU A 534 -13.56 20.33 -9.00
C LEU A 534 -12.91 20.79 -10.32
N LYS A 535 -11.85 20.11 -10.71
CA LYS A 535 -11.23 20.39 -11.99
C LYS A 535 -12.17 20.09 -13.18
N MET A 536 -13.01 19.07 -13.02
CA MET A 536 -14.09 18.79 -13.99
C MET A 536 -15.14 19.92 -14.03
N VAL A 537 -15.43 20.54 -12.91
CA VAL A 537 -16.36 21.64 -12.86
C VAL A 537 -15.81 22.85 -13.61
N GLU A 538 -14.54 23.15 -13.39
CA GLU A 538 -13.87 24.23 -14.12
C GLU A 538 -13.89 23.90 -15.61
N ARG A 540 -12.16 23.25 -18.61
CA ARG A 540 -11.70 23.98 -19.78
C ARG A 540 -12.01 23.44 -21.19
N ASN A 541 -11.51 22.23 -21.47
CA ASN A 541 -11.67 21.61 -22.76
C ASN A 541 -12.09 20.14 -22.67
N GLU A 542 -12.72 19.62 -23.71
CA GLU A 542 -13.24 18.27 -23.75
C GLU A 542 -12.19 17.26 -23.30
N SER A 543 -10.98 17.41 -23.85
CA SER A 543 -9.87 16.51 -23.63
C SER A 543 -9.40 16.50 -22.16
N TYR A 544 -9.32 17.68 -21.57
CA TYR A 544 -8.91 17.81 -20.19
C TYR A 544 -9.96 17.23 -19.24
N PHE A 545 -11.22 17.37 -19.60
CA PHE A 545 -12.32 16.83 -18.79
C PHE A 545 -12.25 15.29 -18.74
N LEU A 546 -11.96 14.66 -19.88
CA LEU A 546 -11.87 13.20 -19.95
C LEU A 546 -10.67 12.65 -19.16
N ARG A 547 -9.54 13.36 -19.19
CA ARG A 547 -8.41 13.05 -18.31
C ARG A 547 -8.83 13.07 -16.84
N LYS A 548 -9.55 14.12 -16.42
CA LYS A 548 -9.98 14.22 -15.02
C LYS A 548 -10.99 13.10 -14.71
N TYR A 549 -11.97 12.92 -15.61
CA TYR A 549 -12.97 11.85 -15.51
C TYR A 549 -12.31 10.48 -15.27
N ASN A 550 -11.43 10.10 -16.19
CA ASN A 550 -10.73 8.83 -16.12
C ASN A 550 -9.91 8.69 -14.83
N HIS A 551 -9.31 9.77 -14.38
CA HIS A 551 -8.56 9.77 -13.14
C HIS A 551 -9.50 9.60 -11.91
N VAL A 552 -10.71 10.17 -11.98
CA VAL A 552 -11.73 9.92 -10.97
C VAL A 552 -12.15 8.45 -10.88
N LYS A 553 -12.51 7.83 -11.99
CA LYS A 553 -12.88 6.39 -12.00
C LYS A 553 -11.76 5.51 -11.40
N ALA A 554 -10.51 5.88 -11.68
CA ALA A 554 -9.37 5.15 -11.09
C ALA A 554 -9.32 5.34 -9.60
N LEU A 555 -9.56 6.57 -9.13
CA LEU A 555 -9.62 6.86 -7.71
C LEU A 555 -10.80 6.13 -7.03
N GLN A 556 -11.93 6.00 -7.73
CA GLN A 556 -13.06 5.23 -7.18
C GLN A 556 -12.66 3.78 -6.98
N GLN A 557 -11.94 3.21 -7.94
CA GLN A 557 -11.50 1.80 -7.85
C GLN A 557 -10.49 1.59 -6.73
N GLN A 558 -9.57 2.56 -6.57
CA GLN A 558 -8.65 2.51 -5.45
C GLN A 558 -9.40 2.47 -4.10
N MET A 559 -10.45 3.28 -3.96
CA MET A 559 -11.17 3.35 -2.69
C MET A 559 -11.89 2.03 -2.40
N PHE A 560 -12.42 1.43 -3.46
CA PHE A 560 -13.05 0.15 -3.40
C PHE A 560 -12.05 -0.88 -2.93
N TYR A 561 -10.88 -0.94 -3.55
N TYR A 561 -10.87 -0.90 -3.56
CA TYR A 561 -9.91 -1.92 -3.10
CA TYR A 561 -9.81 -1.81 -3.16
C TYR A 561 -9.45 -1.71 -1.64
C TYR A 561 -9.49 -1.69 -1.66
N ILE A 562 -9.35 -0.47 -1.16
CA ILE A 562 -9.05 -0.28 0.25
C ILE A 562 -10.20 -0.82 1.11
N ASP A 563 -11.43 -0.58 0.63
CA ASP A 563 -12.63 -1.02 1.34
C ASP A 563 -12.76 -2.55 1.38
N GLN A 564 -12.14 -3.27 0.43
CA GLN A 564 -12.25 -4.73 0.38
C GLN A 564 -11.07 -5.45 1.03
N THR A 565 -9.99 -4.71 1.32
CA THR A 565 -8.76 -5.35 1.84
C THR A 565 -8.40 -4.89 3.28
N SER A 566 -8.95 -3.76 3.72
CA SER A 566 -8.73 -3.27 5.06
C SER A 566 -9.93 -3.54 5.96
N ASN A 567 -9.68 -3.86 7.23
CA ASN A 567 -10.72 -3.92 8.27
C ASN A 567 -11.83 -4.88 7.86
N GLN A 568 -11.42 -6.05 7.38
CA GLN A 568 -12.36 -7.04 6.89
C GLN A 568 -12.94 -7.86 8.05
N ASN A 569 -13.73 -7.21 8.91
CA ASN A 569 -14.38 -7.89 10.03
C ASN A 569 -15.72 -8.43 9.52
N PRO A 570 -16.36 -9.36 10.27
CA PRO A 570 -17.61 -10.02 9.82
C PRO A 570 -18.85 -9.13 9.77
N TYR A 571 -18.80 -7.91 10.30
CA TYR A 571 -20.10 -7.22 10.55
C TYR A 571 -20.30 -5.99 9.68
N GLN A 572 -19.36 -5.05 9.75
CA GLN A 572 -19.35 -3.88 8.85
C GLN A 572 -17.91 -3.74 8.32
N PRO A 573 -17.49 -4.61 7.34
CA PRO A 573 -16.11 -4.56 6.84
C PRO A 573 -15.82 -3.26 6.06
N GLY A 574 -14.55 -2.92 5.93
CA GLY A 574 -14.20 -1.83 5.07
C GLY A 574 -13.97 -0.55 5.83
N VAL A 575 -13.87 0.52 5.07
CA VAL A 575 -13.32 1.72 5.61
C VAL A 575 -14.10 2.86 4.98
N LYS A 576 -14.94 3.52 5.76
CA LYS A 576 -15.63 4.73 5.31
C LYS A 576 -15.09 5.95 6.03
N THR A 577 -15.10 7.09 5.36
CA THR A 577 -14.57 8.32 5.92
C THR A 577 -15.22 9.55 5.27
N ALA A 578 -15.30 10.67 6.00
CA ALA A 578 -15.90 11.89 5.47
C ALA A 578 -17.29 11.64 4.85
N THR A 579 -18.12 10.88 5.55
CA THR A 579 -19.31 10.29 4.96
C THR A 579 -20.50 11.19 5.05
N ARG A 580 -20.50 12.13 5.98
CA ARG A 580 -21.71 12.90 6.18
C ARG A 580 -21.87 14.00 5.16
N VAL A 581 -20.77 14.69 4.85
CA VAL A 581 -20.88 15.87 4.02
C VAL A 581 -20.01 15.75 2.78
N ILE A 582 -18.74 15.37 2.97
CA ILE A 582 -17.76 15.50 1.94
C ILE A 582 -17.95 14.50 0.80
N LYS A 583 -18.01 13.20 1.12
CA LYS A 583 -18.15 12.19 0.08
C LYS A 583 -19.43 12.45 -0.76
N PRO A 584 -20.57 12.70 -0.09
CA PRO A 584 -21.83 13.01 -0.78
C PRO A 584 -21.75 14.20 -1.74
N LEU A 585 -21.08 15.27 -1.34
CA LEU A 585 -20.84 16.44 -2.21
C LEU A 585 -20.00 16.04 -3.45
N ILE A 586 -18.92 15.32 -3.20
CA ILE A 586 -18.04 14.90 -4.29
C ILE A 586 -18.81 14.01 -5.27
N ASP A 587 -19.47 12.98 -4.76
CA ASP A 587 -20.23 12.03 -5.59
C ASP A 587 -21.30 12.80 -6.40
N ARG A 588 -22.01 13.71 -5.74
CA ARG A 588 -23.14 14.35 -6.39
C ARG A 588 -22.66 15.36 -7.41
N THR A 589 -21.59 16.06 -7.09
CA THR A 589 -20.98 16.98 -8.00
C THR A 589 -20.51 16.19 -9.21
N PHE A 590 -19.92 15.02 -8.98
CA PHE A 590 -19.48 14.12 -10.06
C PHE A 590 -20.65 13.63 -10.93
N ALA A 591 -21.76 13.23 -10.31
CA ALA A 591 -22.90 12.76 -11.08
C ALA A 591 -23.37 13.89 -11.98
N THR A 592 -23.39 15.09 -11.40
CA THR A 592 -23.91 16.29 -12.03
C THR A 592 -23.08 16.81 -13.21
N VAL A 593 -21.77 16.94 -13.02
CA VAL A 593 -20.91 17.48 -14.06
C VAL A 593 -20.80 16.48 -15.24
N VAL A 594 -20.92 15.18 -14.94
CA VAL A 594 -20.97 14.16 -15.98
C VAL A 594 -22.26 14.30 -16.78
N LYS A 595 -23.39 14.43 -16.06
CA LYS A 595 -24.68 14.61 -16.70
C LYS A 595 -24.60 15.77 -17.70
N PHE A 596 -24.03 16.89 -17.26
CA PHE A 596 -23.92 18.07 -18.12
C PHE A 596 -23.00 17.88 -19.32
N PHE A 597 -21.96 17.07 -19.15
CA PHE A 597 -21.01 16.74 -20.21
C PHE A 597 -21.70 15.88 -21.26
N ASN A 598 -22.47 14.88 -20.80
CA ASN A 598 -23.22 14.02 -21.72
C ASN A 598 -24.26 14.83 -22.50
N GLN A 599 -24.90 15.81 -21.85
CA GLN A 599 -25.87 16.68 -22.52
C GLN A 599 -25.21 17.61 -23.56
N LYS A 600 -24.09 18.23 -23.17
CA LYS A 600 -23.35 19.17 -24.01
C LYS A 600 -22.71 18.46 -25.21
N PHE A 601 -22.07 17.33 -24.96
CA PHE A 601 -21.25 16.67 -25.97
C PHE A 601 -21.88 15.43 -26.58
N ASN A 602 -23.12 15.14 -26.20
CA ASN A 602 -23.84 13.95 -26.66
C ASN A 602 -23.05 12.67 -26.39
N ALA A 603 -22.40 12.65 -25.24
CA ALA A 603 -21.60 11.52 -24.83
C ALA A 603 -22.41 10.61 -23.92
N HIS A 604 -21.83 9.47 -23.57
CA HIS A 604 -22.50 8.48 -22.73
C HIS A 604 -21.58 7.98 -21.62
N LEU A 605 -20.91 8.92 -20.94
CA LEU A 605 -20.06 8.54 -19.81
C LEU A 605 -20.91 8.02 -18.64
N ASP A 606 -20.39 6.99 -17.99
CA ASP A 606 -20.96 6.44 -16.77
C ASP A 606 -20.80 7.43 -15.59
N ALA A 607 -21.90 7.66 -14.89
CA ALA A 607 -22.01 8.62 -13.78
C ALA A 607 -21.94 8.01 -12.39
N THR A 608 -21.85 6.67 -12.32
CA THR A 608 -21.78 5.93 -11.06
C THR A 608 -20.64 6.47 -10.22
N THR A 609 -20.89 6.57 -8.93
CA THR A 609 -20.00 7.20 -7.96
C THR A 609 -19.13 6.21 -7.11
N ASP A 610 -19.60 4.96 -6.92
CA ASP A 610 -18.78 3.92 -6.22
C ASP A 610 -18.47 2.79 -7.17
N TYR A 611 -17.19 2.40 -7.24
CA TYR A 611 -16.78 1.37 -8.17
C TYR A 611 -17.38 0.03 -7.77
N MET A 612 -17.78 -0.75 -8.77
CA MET A 612 -18.45 -2.04 -8.52
C MET A 612 -18.25 -2.94 -9.73
N PRO A 613 -17.34 -3.96 -9.61
CA PRO A 613 -16.94 -4.79 -10.76
C PRO A 613 -18.05 -5.72 -11.25
N HIS A 614 -19.05 -5.94 -10.41
CA HIS A 614 -20.14 -6.84 -10.77
C HIS A 614 -21.35 -6.00 -11.22
N LYS A 615 -22.31 -6.62 -11.91
CA LYS A 615 -23.43 -5.90 -12.51
C LYS A 615 -24.77 -6.53 -12.10
N MET A 616 -25.85 -5.75 -12.18
CA MET A 616 -27.18 -6.27 -11.85
C MET A 616 -28.28 -5.74 -12.78
N LEU A 626 -31.13 0.16 -6.80
CA LEU A 626 -30.47 -0.61 -5.72
C LEU A 626 -29.03 -1.03 -6.09
N PRO A 627 -28.03 -0.41 -5.42
CA PRO A 627 -26.63 -0.78 -5.71
C PRO A 627 -26.33 -2.20 -5.25
N LEU A 628 -25.49 -2.88 -6.04
CA LEU A 628 -24.84 -4.10 -5.60
C LEU A 628 -23.82 -3.73 -4.54
N GLN A 629 -23.67 -4.59 -3.54
CA GLN A 629 -22.56 -4.44 -2.61
C GLN A 629 -21.67 -5.68 -2.63
N VAL A 630 -20.44 -5.50 -2.18
CA VAL A 630 -19.53 -6.57 -2.07
C VAL A 630 -18.99 -6.53 -0.65
N LYS A 631 -19.34 -7.58 0.10
CA LYS A 631 -18.90 -7.66 1.50
C LYS A 631 -18.22 -8.99 1.69
N ALA A 632 -16.92 -8.94 1.93
CA ALA A 632 -16.13 -10.16 1.91
C ALA A 632 -16.43 -10.99 0.64
N ASN A 633 -16.79 -12.27 0.81
CA ASN A 633 -17.18 -13.15 -0.30
C ASN A 633 -18.69 -13.20 -0.47
N ARG A 634 -19.38 -12.14 -0.06
CA ARG A 634 -20.82 -11.99 -0.40
C ARG A 634 -20.99 -10.95 -1.49
N VAL A 635 -21.90 -11.23 -2.43
CA VAL A 635 -22.34 -10.24 -3.40
C VAL A 635 -23.82 -10.14 -3.22
N LEU A 636 -24.26 -8.92 -2.89
CA LEU A 636 -25.60 -8.73 -2.36
C LEU A 636 -26.29 -7.52 -3.00
N ILE A 637 -27.61 -7.61 -3.07
CA ILE A 637 -28.42 -6.48 -3.45
C ILE A 637 -28.78 -5.70 -2.18
N SER A 638 -28.42 -4.40 -2.14
CA SER A 638 -28.84 -3.52 -1.03
C SER A 638 -30.33 -3.76 -0.77
N PRO A 639 -30.70 -4.05 0.49
CA PRO A 639 -32.12 -4.26 0.88
C PRO A 639 -32.96 -2.98 0.78
N GLU A 653 -31.46 -10.19 -12.53
CA GLU A 653 -30.18 -10.83 -12.91
C GLU A 653 -28.87 -10.12 -12.44
N ILE A 654 -28.03 -10.88 -11.72
CA ILE A 654 -26.68 -10.44 -11.31
C ILE A 654 -25.62 -11.13 -12.17
N GLU A 655 -24.68 -10.35 -12.70
CA GLU A 655 -23.53 -10.88 -13.44
C GLU A 655 -22.24 -10.53 -12.68
N LEU A 656 -21.44 -11.53 -12.34
CA LEU A 656 -20.17 -11.30 -11.64
C LEU A 656 -19.08 -11.02 -12.69
N ASP A 657 -17.92 -10.50 -12.24
CA ASP A 657 -16.88 -10.04 -13.16
C ASP A 657 -16.06 -11.21 -13.75
N ALA A 658 -16.29 -12.40 -13.20
CA ALA A 658 -15.58 -13.64 -13.56
C ALA A 658 -16.39 -14.85 -13.06
N ILE A 659 -15.91 -16.05 -13.33
CA ILE A 659 -16.56 -17.28 -12.85
C ILE A 659 -15.92 -17.66 -11.50
N TYR A 660 -16.76 -17.88 -10.48
CA TYR A 660 -16.29 -18.28 -9.15
C TYR A 660 -16.99 -19.55 -8.74
N PRO A 661 -16.37 -20.34 -7.83
CA PRO A 661 -17.16 -21.41 -7.20
C PRO A 661 -18.25 -20.80 -6.29
N GLY A 662 -19.50 -21.23 -6.49
CA GLY A 662 -20.62 -20.72 -5.67
C GLY A 662 -20.70 -21.44 -4.33
N GLU A 663 -21.31 -20.79 -3.33
CA GLU A 663 -21.44 -21.39 -2.01
C GLU A 663 -22.91 -21.57 -1.62
N ASN A 664 -23.67 -20.46 -1.63
CA ASN A 664 -25.09 -20.42 -1.27
C ASN A 664 -25.81 -19.14 -1.79
N ILE A 665 -27.15 -19.20 -1.87
CA ILE A 665 -27.92 -18.01 -2.21
C ILE A 665 -29.00 -17.82 -1.17
N GLN A 666 -28.89 -16.76 -0.37
CA GLN A 666 -29.88 -16.49 0.71
C GLN A 666 -30.87 -15.39 0.30
N ILE A 667 -32.15 -15.60 0.55
CA ILE A 667 -33.17 -14.63 0.14
C ILE A 667 -34.25 -14.44 1.21
N ASN A 668 -34.62 -13.18 1.45
CA ASN A 668 -35.70 -12.82 2.34
C ASN A 668 -36.59 -11.76 1.69
N PHE A 669 -37.91 -12.05 1.66
CA PHE A 669 -38.92 -11.15 1.11
C PHE A 669 -39.76 -10.53 2.21
N LEU A 701 -35.22 -18.21 3.67
CA LEU A 701 -35.03 -18.93 2.40
C LEU A 701 -33.55 -19.11 2.05
N SER A 702 -33.21 -20.25 1.43
CA SER A 702 -31.87 -20.46 0.88
C SER A 702 -31.69 -21.72 0.02
N ALA A 703 -30.65 -21.69 -0.81
CA ALA A 703 -30.19 -22.84 -1.58
C ALA A 703 -28.66 -22.97 -1.53
N GLY A 704 -28.19 -24.18 -1.24
CA GLY A 704 -26.78 -24.52 -1.35
C GLY A 704 -26.39 -24.68 -2.81
N LEU A 705 -25.16 -24.28 -3.15
CA LEU A 705 -24.69 -24.31 -4.54
C LEU A 705 -23.62 -25.37 -4.79
N GLN A 706 -23.00 -25.85 -3.70
CA GLN A 706 -22.06 -26.97 -3.72
C GLN A 706 -20.88 -26.78 -4.67
N LYS A 707 -20.30 -25.57 -4.60
CA LYS A 707 -19.08 -25.19 -5.30
C LYS A 707 -19.21 -25.17 -6.81
N ALA A 708 -20.46 -25.24 -7.29
CA ALA A 708 -20.75 -25.14 -8.72
C ALA A 708 -20.24 -23.79 -9.26
N PRO A 709 -19.61 -23.81 -10.44
CA PRO A 709 -19.13 -22.55 -11.04
C PRO A 709 -20.30 -21.61 -11.35
N VAL A 710 -20.13 -20.34 -11.03
CA VAL A 710 -21.17 -19.32 -11.21
C VAL A 710 -20.59 -17.97 -11.64
N LYS A 711 -21.24 -17.41 -12.66
CA LYS A 711 -21.01 -16.04 -13.12
C LYS A 711 -22.33 -15.26 -13.13
N PHE A 712 -23.43 -15.87 -13.60
CA PHE A 712 -24.74 -15.23 -13.65
C PHE A 712 -25.70 -15.83 -12.61
N VAL A 713 -26.38 -14.98 -11.85
CA VAL A 713 -27.47 -15.39 -10.96
C VAL A 713 -28.77 -14.70 -11.38
N ARG A 714 -29.79 -15.49 -11.70
CA ARG A 714 -31.08 -14.95 -12.14
C ARG A 714 -32.25 -15.53 -11.32
N PHE A 715 -33.27 -14.70 -11.12
CA PHE A 715 -34.48 -15.11 -10.40
C PHE A 715 -35.75 -14.71 -11.16
N GLN A 729 -33.05 -9.50 2.33
CA GLN A 729 -31.78 -9.90 1.75
C GLN A 729 -31.85 -10.63 0.40
N PHE A 730 -30.80 -10.48 -0.38
CA PHE A 730 -30.64 -11.22 -1.62
C PHE A 730 -29.15 -11.33 -1.80
N VAL A 731 -28.56 -12.40 -1.29
CA VAL A 731 -27.09 -12.47 -1.18
C VAL A 731 -26.51 -13.71 -1.84
N LEU A 732 -25.55 -13.51 -2.73
CA LEU A 732 -24.77 -14.62 -3.26
C LEU A 732 -23.44 -14.73 -2.48
N THR A 733 -23.17 -15.89 -1.90
CA THR A 733 -21.88 -16.15 -1.27
C THR A 733 -21.05 -17.05 -2.18
N ILE A 734 -19.86 -16.59 -2.54
CA ILE A 734 -18.95 -17.29 -3.45
C ILE A 734 -17.73 -17.72 -2.66
N GLU A 735 -16.93 -18.62 -3.23
CA GLU A 735 -15.63 -18.92 -2.68
C GLU A 735 -14.67 -17.81 -3.16
N LYS A 736 -14.12 -17.08 -2.21
CA LYS A 736 -13.20 -15.98 -2.48
C LYS A 736 -12.22 -15.77 -1.33
N SER B 25 0.66 1.54 -38.50
CA SER B 25 2.14 1.34 -38.54
C SER B 25 2.49 -0.16 -38.45
N LEU B 26 2.65 -0.83 -39.60
CA LEU B 26 3.14 -2.21 -39.61
C LEU B 26 4.43 -2.40 -38.85
N GLN B 27 4.44 -3.37 -37.93
CA GLN B 27 5.64 -3.70 -37.15
C GLN B 27 5.94 -5.19 -37.13
N PRO B 28 7.14 -5.58 -37.59
CA PRO B 28 8.15 -4.71 -38.24
C PRO B 28 7.65 -4.20 -39.59
N PRO B 29 8.14 -3.04 -40.06
CA PRO B 29 7.72 -2.58 -41.38
C PRO B 29 8.30 -3.48 -42.49
N PRO B 30 7.46 -3.82 -43.49
CA PRO B 30 7.90 -4.77 -44.53
C PRO B 30 8.95 -4.14 -45.45
N GLN B 31 9.71 -4.98 -46.15
CA GLN B 31 10.81 -4.52 -47.02
C GLN B 31 10.23 -3.68 -48.12
N GLN B 32 9.08 -4.11 -48.64
CA GLN B 32 8.45 -3.39 -49.74
C GLN B 32 6.93 -3.38 -49.56
N LEU B 33 6.33 -2.23 -49.80
CA LEU B 33 4.91 -2.05 -49.56
C LEU B 33 4.35 -1.02 -50.53
N ILE B 34 3.28 -1.40 -51.23
CA ILE B 34 2.57 -0.51 -52.15
C ILE B 34 1.12 -0.41 -51.66
N VAL B 35 0.72 0.79 -51.30
CA VAL B 35 -0.58 1.05 -50.69
C VAL B 35 -1.43 1.77 -51.73
N GLN B 36 -2.72 1.43 -51.80
CA GLN B 36 -3.61 2.05 -52.78
C GLN B 36 -4.56 3.11 -52.30
N ASN B 37 -4.62 3.36 -50.99
CA ASN B 37 -5.61 4.32 -50.46
C ASN B 37 -7.04 4.04 -50.96
N LYS B 38 -7.42 2.77 -50.84
CA LYS B 38 -8.76 2.23 -51.09
C LYS B 38 -8.91 1.18 -50.00
N THR B 39 -10.13 0.95 -49.55
CA THR B 39 -10.34 -0.12 -48.57
C THR B 39 -11.39 -1.14 -49.01
N ILE B 40 -11.24 -2.30 -48.58
CA ILE B 40 -12.35 -3.24 -48.70
C ILE B 40 -12.87 -3.65 -47.34
N ASP B 41 -14.00 -4.35 -47.32
CA ASP B 41 -14.47 -5.09 -46.15
C ASP B 41 -13.74 -6.43 -46.07
N LEU B 42 -13.45 -6.89 -44.84
CA LEU B 42 -13.15 -8.30 -44.61
C LEU B 42 -14.41 -9.03 -45.08
N PRO B 43 -14.24 -10.01 -45.98
CA PRO B 43 -15.42 -10.56 -46.64
C PRO B 43 -16.31 -11.36 -45.67
N ALA B 44 -17.60 -11.11 -45.71
CA ALA B 44 -18.55 -11.84 -44.86
C ALA B 44 -18.69 -13.29 -45.35
N VAL B 45 -18.57 -13.47 -46.66
CA VAL B 45 -18.59 -14.77 -47.28
C VAL B 45 -17.28 -14.86 -48.06
N TYR B 46 -16.49 -15.90 -47.83
CA TYR B 46 -15.26 -16.10 -48.59
C TYR B 46 -15.08 -17.56 -49.04
N GLN B 47 -14.18 -17.72 -50.00
CA GLN B 47 -13.66 -19.00 -50.46
C GLN B 47 -12.19 -19.06 -50.08
N LEU B 48 -11.77 -20.25 -49.66
CA LEU B 48 -10.44 -20.51 -49.15
C LEU B 48 -9.77 -21.62 -49.97
N ASN B 49 -8.63 -21.30 -50.58
CA ASN B 49 -7.78 -22.26 -51.31
C ASN B 49 -6.46 -22.40 -50.57
N GLY B 50 -6.04 -23.65 -50.32
CA GLY B 50 -4.74 -23.91 -49.68
C GLY B 50 -4.80 -24.18 -48.19
N GLY B 51 -6.03 -24.29 -47.65
CA GLY B 51 -6.23 -24.61 -46.24
C GLY B 51 -5.58 -25.90 -45.78
N GLU B 52 -5.76 -26.97 -46.54
CA GLU B 52 -5.16 -28.25 -46.19
C GLU B 52 -3.65 -28.36 -46.52
N GLU B 53 -3.11 -27.40 -47.28
CA GLU B 53 -1.71 -27.50 -47.71
C GLU B 53 -0.74 -26.52 -47.04
N ALA B 54 -1.27 -25.42 -46.51
CA ALA B 54 -0.47 -24.36 -45.94
C ALA B 54 0.00 -24.78 -44.53
N ASN B 55 1.00 -24.10 -44.01
CA ASN B 55 1.44 -24.33 -42.63
C ASN B 55 0.27 -24.22 -41.67
N PRO B 56 0.06 -25.25 -40.87
CA PRO B 56 -1.08 -25.31 -39.94
C PRO B 56 -1.14 -24.12 -38.99
N HIS B 57 0.01 -23.58 -38.62
CA HIS B 57 0.06 -22.47 -37.65
C HIS B 57 -0.40 -21.17 -38.32
N ALA B 58 -0.19 -21.04 -39.63
CA ALA B 58 -0.68 -19.87 -40.38
C ALA B 58 -2.18 -20.02 -40.60
N VAL B 59 -2.59 -21.21 -40.98
CA VAL B 59 -3.99 -21.46 -41.22
C VAL B 59 -4.88 -21.20 -39.98
N LYS B 60 -4.39 -21.56 -38.81
CA LYS B 60 -5.07 -21.27 -37.54
C LYS B 60 -5.24 -19.73 -37.26
N VAL B 61 -4.20 -18.93 -37.41
CA VAL B 61 -4.34 -17.45 -37.30
C VAL B 61 -5.40 -16.92 -38.31
N LEU B 62 -5.30 -17.32 -39.58
CA LEU B 62 -6.30 -16.91 -40.57
C LEU B 62 -7.72 -17.18 -40.11
N LYS B 63 -7.97 -18.42 -39.69
CA LYS B 63 -9.33 -18.81 -39.31
C LYS B 63 -9.81 -18.12 -38.04
N GLU B 64 -8.91 -17.78 -37.13
CA GLU B 64 -9.29 -16.98 -35.96
C GLU B 64 -9.69 -15.58 -36.48
N LEU B 65 -8.92 -15.05 -37.42
CA LEU B 65 -9.21 -13.71 -37.97
C LEU B 65 -10.57 -13.63 -38.70
N LEU B 66 -10.98 -14.72 -39.35
CA LEU B 66 -12.20 -14.71 -40.17
C LEU B 66 -13.45 -15.17 -39.42
N SER B 67 -14.34 -14.23 -39.13
CA SER B 67 -15.63 -14.56 -38.50
C SER B 67 -16.73 -14.56 -39.53
N GLY B 68 -16.32 -14.61 -40.79
CA GLY B 68 -17.23 -14.82 -41.88
C GLY B 68 -17.73 -16.26 -41.87
N LYS B 69 -18.16 -16.71 -43.04
CA LYS B 69 -18.61 -18.07 -43.28
C LYS B 69 -17.77 -18.58 -44.45
N GLN B 70 -17.37 -19.84 -44.48
CA GLN B 70 -16.76 -20.35 -45.68
C GLN B 70 -17.79 -20.84 -46.69
N SER B 71 -17.57 -20.49 -47.95
CA SER B 71 -18.39 -20.94 -49.04
C SER B 71 -17.51 -21.41 -50.15
N SER B 72 -17.99 -22.37 -50.92
CA SER B 72 -17.24 -22.96 -51.99
C SER B 72 -17.58 -22.33 -53.30
N LYS B 73 -18.50 -21.38 -53.28
CA LYS B 73 -19.07 -20.91 -54.52
C LYS B 73 -19.07 -19.39 -54.65
N LYS B 74 -19.10 -18.68 -53.53
CA LYS B 74 -19.20 -17.26 -53.67
C LYS B 74 -18.37 -16.50 -52.68
N GLY B 75 -18.16 -15.24 -52.99
CA GLY B 75 -17.37 -14.40 -52.14
C GLY B 75 -15.90 -14.39 -52.46
N MET B 76 -15.22 -13.42 -51.86
CA MET B 76 -13.81 -13.18 -52.12
C MET B 76 -12.94 -14.41 -51.88
N LEU B 77 -12.06 -14.68 -52.84
CA LEU B 77 -11.13 -15.78 -52.74
C LEU B 77 -9.92 -15.39 -51.89
N ILE B 78 -9.54 -16.26 -50.97
CA ILE B 78 -8.40 -16.12 -50.14
C ILE B 78 -7.47 -17.30 -50.43
N SER B 79 -6.21 -16.99 -50.75
CA SER B 79 -5.29 -18.04 -51.11
C SER B 79 -4.13 -18.07 -50.13
N ILE B 80 -3.89 -19.24 -49.54
CA ILE B 80 -2.85 -19.32 -48.53
C ILE B 80 -2.01 -20.53 -48.90
N GLY B 81 -0.69 -20.41 -48.74
CA GLY B 81 0.18 -21.51 -49.07
C GLY B 81 1.64 -21.10 -49.15
N GLU B 82 2.48 -22.10 -49.31
CA GLU B 82 3.91 -21.91 -49.49
C GLU B 82 4.23 -22.09 -50.95
N LYS B 83 5.29 -21.42 -51.40
CA LYS B 83 5.82 -21.61 -52.72
C LYS B 83 5.94 -23.11 -53.01
N GLY B 84 5.33 -23.53 -54.12
CA GLY B 84 5.35 -24.95 -54.48
C GLY B 84 3.98 -25.58 -54.27
N ASP B 85 3.16 -24.99 -53.41
CA ASP B 85 1.74 -25.42 -53.24
C ASP B 85 0.87 -24.98 -54.44
N LYS B 86 -0.06 -25.83 -54.84
CA LYS B 86 -0.96 -25.55 -55.98
C LYS B 86 -1.68 -24.22 -55.68
N SER B 87 -2.06 -24.04 -54.41
CA SER B 87 -2.88 -22.90 -54.05
C SER B 87 -2.22 -21.53 -54.36
N VAL B 88 -0.89 -21.44 -54.46
CA VAL B 88 -0.26 -20.13 -54.70
C VAL B 88 0.59 -20.14 -55.96
N ARG B 89 0.34 -21.15 -56.80
CA ARG B 89 1.10 -21.28 -58.04
C ARG B 89 1.01 -19.99 -58.89
N LYS B 90 -0.20 -19.47 -59.05
CA LYS B 90 -0.45 -18.21 -59.76
C LYS B 90 0.52 -17.07 -59.34
N TYR B 91 0.87 -17.01 -58.07
CA TYR B 91 1.64 -15.93 -57.51
C TYR B 91 3.06 -16.27 -57.20
N SER B 92 3.54 -17.41 -57.65
CA SER B 92 4.80 -17.91 -57.21
C SER B 92 5.98 -17.04 -57.56
N ARG B 93 5.82 -16.20 -58.58
CA ARG B 93 6.91 -15.31 -59.00
C ARG B 93 7.03 -14.12 -58.05
N GLN B 94 5.91 -13.74 -57.44
CA GLN B 94 5.87 -12.64 -56.51
C GLN B 94 6.46 -12.98 -55.13
N ILE B 95 6.69 -14.24 -54.84
CA ILE B 95 7.15 -14.63 -53.49
C ILE B 95 8.66 -14.38 -53.39
N PRO B 96 9.10 -13.52 -52.46
CA PRO B 96 10.55 -13.27 -52.47
C PRO B 96 11.33 -14.56 -52.16
N ASP B 97 12.43 -14.73 -52.86
CA ASP B 97 13.25 -15.90 -52.67
C ASP B 97 14.20 -15.67 -51.49
N HIS B 98 13.65 -15.53 -50.28
CA HIS B 98 14.44 -15.48 -49.04
C HIS B 98 13.81 -16.40 -47.98
N LYS B 99 14.62 -16.96 -47.09
CA LYS B 99 14.06 -17.70 -45.95
C LYS B 99 13.12 -16.79 -45.16
N GLU B 100 11.90 -17.25 -44.85
CA GLU B 100 10.98 -16.53 -43.97
C GLU B 100 10.34 -15.39 -44.73
N GLY B 101 10.52 -15.36 -46.05
CA GLY B 101 9.93 -14.36 -46.92
C GLY B 101 8.48 -14.66 -47.27
N TYR B 102 7.78 -13.63 -47.71
CA TYR B 102 6.38 -13.86 -48.14
C TYR B 102 5.88 -12.76 -49.10
N TYR B 103 4.79 -13.08 -49.78
CA TYR B 103 4.08 -12.11 -50.59
C TYR B 103 2.69 -11.95 -49.99
N LEU B 104 2.22 -10.72 -49.86
CA LEU B 104 0.88 -10.53 -49.33
C LEU B 104 0.22 -9.54 -50.25
N SER B 105 -1.02 -9.85 -50.64
CA SER B 105 -1.76 -8.96 -51.54
C SER B 105 -3.19 -8.86 -51.03
N VAL B 106 -3.76 -7.66 -51.05
CA VAL B 106 -5.17 -7.49 -50.79
C VAL B 106 -5.69 -6.60 -51.89
N ASN B 107 -6.75 -7.02 -52.58
CA ASN B 107 -7.47 -6.14 -53.50
C ASN B 107 -8.96 -6.48 -53.43
N GLU B 108 -9.81 -5.88 -54.27
CA GLU B 108 -11.24 -6.19 -54.15
C GLU B 108 -11.62 -7.58 -54.67
N LYS B 109 -10.68 -8.25 -55.33
CA LYS B 109 -10.99 -9.51 -56.00
C LYS B 109 -10.65 -10.67 -55.11
N GLU B 110 -9.50 -10.57 -54.45
CA GLU B 110 -8.90 -11.68 -53.71
C GLU B 110 -7.83 -11.23 -52.72
N ILE B 111 -7.53 -12.12 -51.77
CA ILE B 111 -6.44 -11.95 -50.81
C ILE B 111 -5.48 -13.11 -51.01
N VAL B 112 -4.18 -12.83 -50.97
CA VAL B 112 -3.11 -13.81 -51.16
C VAL B 112 -2.12 -13.76 -50.01
N LEU B 113 -1.87 -14.92 -49.41
CA LEU B 113 -0.96 -15.01 -48.28
C LEU B 113 0.00 -16.11 -48.62
N ALA B 114 1.19 -15.76 -49.08
CA ALA B 114 2.02 -16.76 -49.74
C ALA B 114 3.45 -16.72 -49.26
N GLY B 115 3.87 -17.75 -48.53
CA GLY B 115 5.22 -17.74 -47.93
C GLY B 115 6.25 -18.35 -48.86
N ASN B 116 7.49 -17.90 -48.80
CA ASN B 116 8.51 -18.65 -49.49
C ASN B 116 8.65 -20.02 -48.82
N ASP B 117 8.25 -20.11 -47.54
CA ASP B 117 8.39 -21.34 -46.77
C ASP B 117 7.36 -21.23 -45.68
N GLU B 118 7.22 -22.29 -44.89
CA GLU B 118 6.17 -22.33 -43.88
C GLU B 118 6.22 -21.18 -42.90
N ARG B 119 7.40 -20.85 -42.41
CA ARG B 119 7.49 -19.75 -41.49
C ARG B 119 7.14 -18.42 -42.17
N GLY B 120 7.60 -18.25 -43.43
CA GLY B 120 7.16 -17.14 -44.29
C GLY B 120 5.65 -16.95 -44.29
N THR B 121 4.92 -18.04 -44.42
CA THR B 121 3.46 -17.97 -44.48
C THR B 121 2.85 -17.52 -43.14
N TYR B 122 3.46 -17.97 -42.05
CA TYR B 122 3.02 -17.58 -40.72
C TYR B 122 3.26 -16.08 -40.56
N TYR B 123 4.39 -15.60 -41.07
CA TYR B 123 4.71 -14.18 -41.04
C TYR B 123 3.77 -13.31 -41.89
N ALA B 124 3.40 -13.80 -43.08
CA ALA B 124 2.35 -13.15 -43.88
C ALA B 124 1.12 -12.92 -43.04
N LEU B 125 0.71 -13.92 -42.28
CA LEU B 125 -0.47 -13.81 -41.42
C LEU B 125 -0.25 -12.79 -40.29
N GLN B 126 0.97 -12.66 -39.80
CA GLN B 126 1.20 -11.75 -38.69
C GLN B 126 1.16 -10.31 -39.21
N THR B 127 1.63 -10.09 -40.43
CA THR B 127 1.32 -8.83 -41.12
C THR B 127 -0.19 -8.65 -41.41
N PHE B 128 -0.85 -9.68 -41.96
CA PHE B 128 -2.28 -9.60 -42.24
C PHE B 128 -3.10 -9.17 -41.02
N ALA B 129 -2.82 -9.73 -39.84
CA ALA B 129 -3.62 -9.41 -38.61
C ALA B 129 -3.58 -7.92 -38.24
N GLN B 130 -2.47 -7.25 -38.57
CA GLN B 130 -2.31 -5.82 -38.28
C GLN B 130 -2.98 -4.91 -39.31
N LEU B 131 -3.24 -5.41 -40.53
CA LEU B 131 -3.91 -4.62 -41.57
C LEU B 131 -5.36 -4.50 -41.24
N LEU B 132 -5.86 -5.53 -40.57
CA LEU B 132 -7.30 -5.67 -40.30
C LEU B 132 -7.71 -4.72 -39.19
N LYS B 133 -8.42 -3.65 -39.56
CA LYS B 133 -8.86 -2.66 -38.58
C LYS B 133 -10.35 -2.37 -38.73
N ASP B 134 -11.07 -2.32 -37.60
CA ASP B 134 -12.49 -2.06 -37.62
C ASP B 134 -13.20 -2.91 -38.66
N GLY B 135 -12.73 -4.15 -38.83
CA GLY B 135 -13.32 -5.05 -39.80
C GLY B 135 -13.14 -4.58 -41.23
N LYS B 136 -11.96 -4.07 -41.54
CA LYS B 136 -11.66 -3.57 -42.87
C LYS B 136 -10.19 -3.78 -43.23
N LEU B 137 -9.89 -3.76 -44.52
CA LEU B 137 -8.55 -3.94 -44.99
C LEU B 137 -8.18 -2.92 -46.05
N PRO B 138 -6.98 -2.36 -45.98
CA PRO B 138 -6.46 -1.60 -47.11
C PRO B 138 -6.08 -2.51 -48.28
N GLU B 139 -6.21 -1.99 -49.49
CA GLU B 139 -5.69 -2.60 -50.69
C GLU B 139 -4.19 -2.34 -50.70
N VAL B 140 -3.41 -3.41 -50.65
CA VAL B 140 -1.95 -3.35 -50.50
C VAL B 140 -1.30 -4.52 -51.18
N GLU B 141 0.01 -4.36 -51.40
CA GLU B 141 0.82 -5.39 -51.92
C GLU B 141 2.19 -5.33 -51.25
N ILE B 142 2.59 -6.47 -50.69
CA ILE B 142 3.74 -6.52 -49.80
C ILE B 142 4.67 -7.64 -50.20
N LYS B 143 5.97 -7.32 -50.28
CA LYS B 143 7.01 -8.35 -50.46
C LYS B 143 7.96 -8.17 -49.31
N ASP B 144 8.12 -9.22 -48.49
CA ASP B 144 8.75 -9.02 -47.20
C ASP B 144 9.64 -10.18 -46.86
N TYR B 145 10.63 -9.93 -46.00
CA TYR B 145 11.62 -10.91 -45.59
C TYR B 145 12.52 -10.26 -44.53
N PRO B 146 13.17 -11.07 -43.66
CA PRO B 146 14.01 -10.46 -42.64
C PRO B 146 15.37 -10.09 -43.22
N SER B 147 15.97 -8.99 -42.73
CA SER B 147 17.34 -8.62 -43.09
C SER B 147 18.41 -9.38 -42.27
N VAL B 148 18.04 -9.82 -41.06
CA VAL B 148 18.95 -10.56 -40.14
C VAL B 148 18.33 -11.95 -39.89
N ARG B 149 19.16 -12.99 -39.99
CA ARG B 149 18.66 -14.36 -40.05
C ARG B 149 17.98 -14.80 -38.73
N TYR B 150 18.64 -14.52 -37.61
CA TYR B 150 18.18 -14.83 -36.25
C TYR B 150 17.89 -13.58 -35.44
N ARG B 151 16.68 -13.54 -34.90
CA ARG B 151 16.15 -12.35 -34.25
C ARG B 151 15.30 -12.80 -33.05
N GLY B 152 15.61 -12.28 -31.88
CA GLY B 152 14.80 -12.60 -30.74
C GLY B 152 15.39 -12.21 -29.41
N VAL B 153 15.31 -13.11 -28.47
CA VAL B 153 15.60 -12.82 -27.11
C VAL B 153 16.47 -13.89 -26.46
N VAL B 154 17.38 -13.45 -25.64
CA VAL B 154 18.17 -14.29 -24.77
C VAL B 154 17.79 -13.96 -23.34
N GLU B 155 17.19 -14.91 -22.67
CA GLU B 155 16.91 -14.77 -21.27
C GLU B 155 18.15 -15.23 -20.61
N GLY B 156 19.04 -14.29 -20.36
CA GLY B 156 20.40 -14.54 -20.00
C GLY B 156 21.00 -13.67 -18.92
N PHE B 157 20.14 -13.03 -18.15
CA PHE B 157 20.48 -12.13 -17.09
C PHE B 157 20.64 -12.79 -15.72
N TYR B 158 21.20 -12.06 -14.78
CA TYR B 158 21.27 -12.47 -13.37
C TYR B 158 20.02 -11.98 -12.63
N GLY B 159 19.48 -12.82 -11.75
CA GLY B 159 18.34 -12.45 -10.95
C GLY B 159 17.24 -13.52 -11.09
N THR B 160 16.04 -13.19 -10.60
CA THR B 160 14.96 -14.16 -10.60
C THR B 160 14.61 -14.43 -12.03
N PRO B 161 14.73 -15.70 -12.48
CA PRO B 161 14.40 -16.00 -13.86
C PRO B 161 12.90 -15.73 -14.12
N TRP B 162 12.52 -15.57 -15.40
CA TRP B 162 11.11 -15.32 -15.77
C TRP B 162 10.25 -16.48 -15.33
N SER B 163 9.04 -16.20 -14.86
CA SER B 163 8.13 -17.28 -14.50
C SER B 163 7.73 -18.09 -15.75
N HIS B 164 7.24 -19.29 -15.52
CA HIS B 164 6.64 -20.10 -16.57
C HIS B 164 5.59 -19.32 -17.40
N GLN B 165 4.63 -18.72 -16.71
CA GLN B 165 3.59 -17.94 -17.35
C GLN B 165 4.16 -16.78 -18.17
N ALA B 166 5.11 -16.02 -17.59
CA ALA B 166 5.73 -14.93 -18.34
C ALA B 166 6.36 -15.48 -19.63
N ARG B 167 6.97 -16.67 -19.54
CA ARG B 167 7.60 -17.29 -20.74
C ARG B 167 6.55 -17.68 -21.83
N LEU B 168 5.42 -18.23 -21.40
CA LEU B 168 4.34 -18.53 -22.34
C LEU B 168 3.91 -17.29 -23.11
N SER B 169 3.86 -16.17 -22.40
CA SER B 169 3.43 -14.90 -22.96
C SER B 169 4.48 -14.33 -23.92
N GLN B 170 5.75 -14.45 -23.53
CA GLN B 170 6.86 -14.07 -24.38
C GLN B 170 6.86 -14.78 -25.76
N LEU B 171 6.67 -16.11 -25.75
CA LEU B 171 6.72 -16.88 -26.97
C LEU B 171 5.65 -16.44 -27.93
N LYS B 172 4.45 -16.15 -27.42
CA LYS B 172 3.38 -15.64 -28.26
C LYS B 172 3.72 -14.25 -28.87
N PHE B 173 4.33 -13.39 -28.05
CA PHE B 173 4.72 -12.07 -28.47
C PHE B 173 5.78 -12.17 -29.56
N TYR B 174 6.74 -13.13 -29.45
CA TYR B 174 7.83 -13.27 -30.44
C TYR B 174 7.29 -13.59 -31.81
N GLY B 175 6.36 -14.54 -31.89
CA GLY B 175 5.80 -14.91 -33.18
C GLY B 175 5.06 -13.75 -33.78
N LYS B 176 4.36 -12.95 -32.94
CA LYS B 176 3.49 -11.87 -33.50
C LYS B 176 4.41 -10.82 -34.15
N ASN B 177 5.63 -10.72 -33.60
CA ASN B 177 6.59 -9.75 -34.07
C ASN B 177 7.73 -10.33 -34.89
N LYS B 178 7.57 -11.60 -35.32
CA LYS B 178 8.51 -12.22 -36.27
C LYS B 178 9.89 -12.38 -35.67
N MET B 179 9.96 -12.57 -34.36
CA MET B 179 11.19 -13.00 -33.75
C MET B 179 11.18 -14.54 -33.74
N ASN B 180 12.21 -15.13 -34.32
CA ASN B 180 12.26 -16.57 -34.52
C ASN B 180 13.23 -17.26 -33.50
N THR B 181 13.67 -16.51 -32.50
CA THR B 181 14.66 -17.00 -31.57
C THR B 181 14.43 -16.67 -30.10
N TYR B 182 14.36 -17.73 -29.30
CA TYR B 182 14.36 -17.57 -27.82
C TYR B 182 15.47 -18.44 -27.26
N ILE B 183 16.52 -17.81 -26.73
CA ILE B 183 17.60 -18.52 -26.11
C ILE B 183 17.41 -18.54 -24.60
N TYR B 184 17.20 -19.75 -24.06
CA TYR B 184 16.99 -19.91 -22.64
C TYR B 184 18.33 -20.01 -21.95
N GLY B 185 18.66 -19.05 -21.09
CA GLY B 185 19.92 -19.15 -20.32
C GLY B 185 19.95 -18.36 -19.03
N PRO B 186 18.94 -18.50 -18.15
CA PRO B 186 18.98 -17.60 -17.03
C PRO B 186 20.08 -17.96 -16.09
N LYS B 187 20.94 -17.00 -15.76
CA LYS B 187 22.17 -17.29 -15.03
C LYS B 187 21.97 -18.01 -13.70
N ASP B 188 20.85 -17.73 -13.03
CA ASP B 188 20.59 -18.33 -11.68
C ASP B 188 19.78 -19.63 -11.71
N ASP B 189 19.53 -20.15 -12.90
CA ASP B 189 18.97 -21.50 -13.01
C ASP B 189 20.07 -22.53 -12.74
N PRO B 190 19.99 -23.28 -11.63
CA PRO B 190 21.09 -24.26 -11.31
C PRO B 190 21.21 -25.43 -12.28
N TYR B 191 20.21 -25.68 -13.13
CA TYR B 191 20.32 -26.78 -14.12
C TYR B 191 20.87 -26.22 -15.44
N HIS B 192 21.03 -24.92 -15.49
CA HIS B 192 21.64 -24.24 -16.61
C HIS B 192 23.12 -23.99 -16.37
N SER B 193 23.47 -23.54 -15.19
CA SER B 193 24.84 -23.18 -14.84
C SER B 193 25.23 -23.95 -13.58
N ALA B 194 26.18 -23.42 -12.85
CA ALA B 194 26.64 -23.90 -11.55
C ALA B 194 25.54 -24.03 -10.56
N PRO B 195 25.49 -25.13 -9.85
CA PRO B 195 26.45 -26.22 -9.94
C PRO B 195 25.92 -27.46 -10.64
N ASN B 196 24.62 -27.49 -10.97
CA ASN B 196 23.96 -28.69 -11.45
C ASN B 196 23.68 -28.79 -12.92
N TRP B 197 24.52 -28.21 -13.75
CA TRP B 197 24.37 -28.33 -15.18
C TRP B 197 24.48 -29.75 -15.73
N ARG B 198 25.14 -30.61 -14.97
CA ARG B 198 25.31 -32.02 -15.28
C ARG B 198 24.03 -32.82 -15.02
N LEU B 199 23.10 -32.23 -14.33
CA LEU B 199 21.91 -32.97 -13.91
C LEU B 199 20.72 -32.64 -14.80
N PRO B 200 19.89 -33.64 -15.12
CA PRO B 200 18.63 -33.42 -15.82
C PRO B 200 17.68 -32.57 -14.95
N TYR B 201 16.83 -31.78 -15.59
CA TYR B 201 15.84 -31.01 -14.86
C TYR B 201 14.95 -31.97 -14.09
N PRO B 202 14.52 -31.59 -12.88
CA PRO B 202 13.54 -32.41 -12.16
C PRO B 202 12.25 -32.50 -13.00
N ASP B 203 11.39 -33.46 -12.67
CA ASP B 203 10.17 -33.75 -13.45
C ASP B 203 9.30 -32.54 -13.72
N LYS B 204 9.01 -31.74 -12.70
CA LYS B 204 8.15 -30.59 -12.87
C LYS B 204 8.71 -29.56 -13.85
N GLU B 205 9.97 -29.18 -13.68
CA GLU B 205 10.59 -28.23 -14.57
C GLU B 205 10.70 -28.78 -16.00
N ALA B 206 10.91 -30.09 -16.10
CA ALA B 206 11.13 -30.74 -17.37
C ALA B 206 9.80 -30.69 -18.15
N ALA B 207 8.71 -31.02 -17.47
CA ALA B 207 7.39 -30.88 -18.09
C ALA B 207 7.15 -29.42 -18.56
N GLN B 208 7.62 -28.43 -17.79
CA GLN B 208 7.44 -27.02 -18.13
C GLN B 208 8.26 -26.62 -19.36
N LEU B 209 9.51 -27.09 -19.43
CA LEU B 209 10.37 -26.80 -20.58
C LEU B 209 9.76 -27.44 -21.84
N GLN B 210 9.20 -28.63 -21.67
CA GLN B 210 8.57 -29.34 -22.74
C GLN B 210 7.34 -28.56 -23.28
N GLU B 211 6.49 -28.03 -22.39
CA GLU B 211 5.39 -27.17 -22.83
C GLU B 211 5.92 -25.90 -23.52
N LEU B 212 7.00 -25.32 -22.98
CA LEU B 212 7.57 -24.12 -23.63
C LEU B 212 8.03 -24.42 -25.04
N VAL B 213 8.65 -25.59 -25.22
CA VAL B 213 9.10 -25.96 -26.56
C VAL B 213 7.86 -26.15 -27.51
N ALA B 214 6.80 -26.81 -27.04
CA ALA B 214 5.61 -26.99 -27.91
C ALA B 214 5.01 -25.63 -28.29
N VAL B 215 4.86 -24.75 -27.31
CA VAL B 215 4.43 -23.40 -27.57
C VAL B 215 5.40 -22.59 -28.49
N ALA B 216 6.70 -22.74 -28.33
CA ALA B 216 7.61 -22.00 -29.21
C ALA B 216 7.41 -22.46 -30.67
N ASN B 217 7.30 -23.78 -30.86
CA ASN B 217 7.05 -24.35 -32.15
C ASN B 217 5.77 -23.78 -32.77
N GLU B 218 4.68 -23.70 -31.99
CA GLU B 218 3.37 -23.24 -32.53
C GLU B 218 3.45 -21.77 -32.97
N ASN B 219 4.43 -21.05 -32.40
CA ASN B 219 4.60 -19.62 -32.66
C ASN B 219 5.79 -19.33 -33.61
N GLU B 220 6.30 -20.40 -34.22
CA GLU B 220 7.36 -20.29 -35.20
C GLU B 220 8.60 -19.69 -34.57
N VAL B 221 8.84 -20.08 -33.31
CA VAL B 221 10.01 -19.66 -32.54
C VAL B 221 10.92 -20.86 -32.29
N ASP B 222 12.22 -20.72 -32.58
CA ASP B 222 13.18 -21.73 -32.19
C ASP B 222 13.60 -21.57 -30.72
N PHE B 223 13.36 -22.60 -29.94
CA PHE B 223 13.75 -22.61 -28.55
C PHE B 223 15.19 -23.13 -28.47
N VAL B 224 16.14 -22.27 -28.11
CA VAL B 224 17.53 -22.66 -28.02
C VAL B 224 17.88 -22.87 -26.54
N TRP B 225 18.30 -24.09 -26.16
CA TRP B 225 18.70 -24.32 -24.76
C TRP B 225 20.18 -24.12 -24.57
N ALA B 226 20.51 -23.17 -23.71
CA ALA B 226 21.89 -22.83 -23.46
C ALA B 226 22.31 -23.55 -22.21
N ILE B 227 23.60 -23.91 -22.14
CA ILE B 227 24.19 -24.50 -20.96
C ILE B 227 25.39 -23.60 -20.60
N HIS B 228 25.71 -23.52 -19.31
CA HIS B 228 26.74 -22.60 -18.77
C HIS B 228 27.70 -23.36 -17.85
N PRO B 229 28.52 -24.23 -18.43
CA PRO B 229 29.22 -25.26 -17.63
C PRO B 229 30.62 -24.85 -17.18
N GLY B 230 31.06 -23.65 -17.55
CA GLY B 230 32.51 -23.38 -17.60
C GLY B 230 33.23 -23.22 -16.29
N GLN B 231 32.51 -22.73 -15.28
CA GLN B 231 33.15 -22.47 -14.00
C GLN B 231 33.86 -23.67 -13.38
N ASP B 232 33.39 -24.88 -13.67
CA ASP B 232 34.02 -26.09 -13.06
C ASP B 232 34.11 -27.23 -14.05
N ILE B 233 33.90 -26.96 -15.33
CA ILE B 233 34.10 -28.00 -16.32
C ILE B 233 35.54 -28.50 -16.24
N LYS B 234 35.70 -29.81 -16.33
CA LYS B 234 36.98 -30.45 -16.60
C LYS B 234 37.09 -30.80 -18.09
N TRP B 235 38.26 -30.64 -18.68
CA TRP B 235 38.39 -31.08 -20.07
C TRP B 235 38.70 -32.59 -20.12
N ASN B 236 37.76 -33.38 -19.60
CA ASN B 236 37.87 -34.85 -19.62
C ASN B 236 36.64 -35.49 -20.27
N LYS B 237 36.66 -36.80 -20.44
CA LYS B 237 35.56 -37.53 -21.08
C LYS B 237 34.32 -37.54 -20.19
N GLU B 238 34.54 -37.68 -18.90
CA GLU B 238 33.45 -37.63 -17.93
C GLU B 238 32.51 -36.44 -18.15
N ASP B 239 33.07 -35.22 -18.17
CA ASP B 239 32.29 -33.99 -18.27
C ASP B 239 31.75 -33.75 -19.68
N ARG B 240 32.54 -34.16 -20.68
N ARG B 240 32.53 -34.15 -20.67
CA ARG B 240 32.11 -34.13 -22.09
CA ARG B 240 32.09 -34.13 -22.07
C ARG B 240 30.87 -35.01 -22.28
C ARG B 240 30.83 -34.98 -22.22
N ASP B 241 30.91 -36.22 -21.75
CA ASP B 241 29.80 -37.17 -21.80
C ASP B 241 28.60 -36.63 -21.04
N LEU B 242 28.85 -36.03 -19.86
CA LEU B 242 27.76 -35.48 -19.06
C LEU B 242 27.04 -34.34 -19.77
N LEU B 243 27.80 -33.52 -20.46
CA LEU B 243 27.24 -32.41 -21.22
C LEU B 243 26.43 -32.96 -22.40
N LEU B 244 26.98 -33.95 -23.09
CA LEU B 244 26.22 -34.55 -24.22
C LEU B 244 24.95 -35.23 -23.72
N ALA B 245 25.05 -35.89 -22.57
CA ALA B 245 23.90 -36.56 -22.01
C ALA B 245 22.83 -35.57 -21.59
N LYS B 246 23.24 -34.39 -21.10
CA LYS B 246 22.24 -33.37 -20.73
C LYS B 246 21.52 -32.85 -21.98
N PHE B 247 22.27 -32.55 -23.03
CA PHE B 247 21.71 -32.13 -24.34
C PHE B 247 20.74 -33.18 -24.92
N GLU B 248 21.08 -34.45 -24.76
CA GLU B 248 20.23 -35.56 -25.18
C GLU B 248 18.92 -35.51 -24.39
N LYS B 249 19.04 -35.27 -23.07
CA LYS B 249 17.83 -35.13 -22.24
C LYS B 249 16.97 -33.97 -22.71
N MET B 250 17.59 -32.84 -23.04
CA MET B 250 16.83 -31.69 -23.55
C MET B 250 16.15 -32.00 -24.91
N TYR B 251 16.89 -32.70 -25.77
CA TYR B 251 16.38 -33.15 -27.08
C TYR B 251 15.09 -34.01 -26.91
N GLN B 252 15.09 -34.91 -25.90
CA GLN B 252 13.90 -35.69 -25.54
C GLN B 252 12.69 -34.83 -25.15
N LEU B 253 12.96 -33.65 -24.59
CA LEU B 253 11.91 -32.67 -24.25
C LEU B 253 11.45 -31.84 -25.48
N GLY B 254 12.12 -32.03 -26.60
CA GLY B 254 11.70 -31.34 -27.82
C GLY B 254 12.70 -30.28 -28.26
N VAL B 255 13.77 -30.09 -27.49
CA VAL B 255 14.73 -29.02 -27.84
C VAL B 255 15.45 -29.38 -29.14
N ARG B 256 15.52 -28.41 -30.08
CA ARG B 256 16.22 -28.66 -31.37
C ARG B 256 17.32 -27.63 -31.70
N SER B 257 17.66 -26.81 -30.74
CA SER B 257 18.71 -25.82 -30.92
C SER B 257 19.40 -25.68 -29.56
N PHE B 258 20.69 -25.44 -29.59
CA PHE B 258 21.54 -25.59 -28.41
C PHE B 258 22.62 -24.50 -28.38
N ALA B 259 23.06 -24.16 -27.17
CA ALA B 259 24.11 -23.17 -27.00
C ALA B 259 24.91 -23.57 -25.78
N VAL B 260 26.20 -23.24 -25.87
CA VAL B 260 27.15 -23.40 -24.79
C VAL B 260 27.76 -22.03 -24.48
N PHE B 261 27.62 -21.58 -23.24
CA PHE B 261 28.03 -20.23 -22.85
C PHE B 261 29.28 -20.35 -21.99
N PHE B 262 30.32 -19.57 -22.30
CA PHE B 262 31.54 -19.51 -21.50
C PHE B 262 31.86 -18.08 -20.96
N ASP B 263 30.80 -17.30 -20.76
CA ASP B 263 30.91 -15.94 -20.24
C ASP B 263 30.98 -15.87 -18.70
N ASP B 264 31.86 -14.98 -18.21
CA ASP B 264 31.92 -14.61 -16.79
C ASP B 264 32.41 -15.73 -15.91
N ILE B 265 33.43 -16.46 -16.36
CA ILE B 265 34.00 -17.60 -15.64
C ILE B 265 35.50 -17.42 -15.52
N SER B 266 36.12 -18.05 -14.52
CA SER B 266 37.58 -18.11 -14.47
C SER B 266 38.03 -19.57 -14.51
N GLY B 267 39.30 -19.76 -14.79
CA GLY B 267 39.91 -21.08 -14.74
C GLY B 267 39.93 -21.72 -16.10
N GLU B 268 40.15 -23.04 -16.10
CA GLU B 268 40.45 -23.79 -17.31
C GLU B 268 39.31 -23.76 -18.30
N GLY B 269 38.10 -23.52 -17.79
CA GLY B 269 36.95 -23.29 -18.66
C GLY B 269 37.16 -22.18 -19.70
N THR B 270 38.18 -21.33 -19.52
CA THR B 270 38.36 -20.19 -20.42
C THR B 270 39.25 -20.58 -21.61
N ASN B 271 39.70 -21.83 -21.63
CA ASN B 271 40.61 -22.26 -22.66
C ASN B 271 39.94 -22.27 -24.04
N PRO B 272 40.47 -21.49 -25.01
CA PRO B 272 39.76 -21.38 -26.31
C PRO B 272 39.96 -22.58 -27.24
N GLN B 273 41.11 -23.24 -27.20
CA GLN B 273 41.26 -24.46 -28.01
C GLN B 273 40.25 -25.54 -27.52
N LYS B 274 40.17 -25.70 -26.20
CA LYS B 274 39.35 -26.73 -25.61
C LYS B 274 37.88 -26.42 -25.81
N GLN B 275 37.51 -25.15 -25.78
CA GLN B 275 36.14 -24.77 -26.02
C GLN B 275 35.76 -25.08 -27.48
N ALA B 276 36.63 -24.67 -28.42
CA ALA B 276 36.41 -24.98 -29.83
C ALA B 276 36.25 -26.50 -30.01
N GLU B 277 37.15 -27.27 -29.43
CA GLU B 277 37.09 -28.72 -29.55
C GLU B 277 35.80 -29.32 -29.01
N LEU B 278 35.32 -28.80 -27.87
CA LEU B 278 34.06 -29.25 -27.33
C LEU B 278 32.87 -28.88 -28.26
N LEU B 279 32.83 -27.62 -28.72
CA LEU B 279 31.80 -27.24 -29.71
C LEU B 279 31.80 -28.09 -31.00
N ASN B 280 32.99 -28.37 -31.53
CA ASN B 280 33.13 -29.15 -32.73
C ASN B 280 32.66 -30.60 -32.48
N TYR B 281 33.05 -31.14 -31.33
CA TYR B 281 32.59 -32.45 -30.91
C TYR B 281 31.04 -32.52 -30.86
N ILE B 282 30.41 -31.53 -30.20
CA ILE B 282 28.94 -31.46 -30.10
C ILE B 282 28.33 -31.40 -31.49
N ASP B 283 28.93 -30.57 -32.33
CA ASP B 283 28.52 -30.40 -33.70
C ASP B 283 28.51 -31.75 -34.43
N GLU B 284 29.64 -32.45 -34.32
CA GLU B 284 29.88 -33.63 -35.13
C GLU B 284 29.18 -34.88 -34.59
N LYS B 285 29.08 -34.98 -33.28
CA LYS B 285 28.53 -36.18 -32.69
C LYS B 285 27.05 -36.09 -32.33
N PHE B 286 26.49 -34.88 -32.38
CA PHE B 286 25.12 -34.64 -31.91
C PHE B 286 24.35 -33.81 -32.91
N ALA B 287 24.79 -32.58 -33.18
CA ALA B 287 24.10 -31.70 -34.11
C ALA B 287 23.98 -32.22 -35.56
N GLN B 288 24.93 -33.03 -36.00
N GLN B 288 24.96 -33.03 -35.97
CA GLN B 288 24.88 -33.55 -37.38
CA GLN B 288 25.01 -33.58 -37.33
C GLN B 288 24.51 -35.04 -37.41
C GLN B 288 24.39 -34.97 -37.39
N VAL B 289 24.32 -35.63 -36.23
CA VAL B 289 23.79 -37.01 -36.12
C VAL B 289 22.24 -37.02 -35.95
N LYS B 290 21.69 -36.02 -35.26
CA LYS B 290 20.23 -35.82 -35.25
C LYS B 290 19.77 -35.34 -36.63
N PRO B 291 18.57 -35.75 -37.05
CA PRO B 291 18.10 -35.29 -38.38
C PRO B 291 17.73 -33.80 -38.44
N ASP B 292 17.48 -33.17 -37.28
CA ASP B 292 16.67 -31.95 -37.22
C ASP B 292 17.15 -30.87 -36.24
N ILE B 293 18.45 -30.82 -35.95
CA ILE B 293 18.98 -29.75 -35.13
C ILE B 293 19.19 -28.49 -35.94
N ASN B 294 18.78 -27.35 -35.41
CA ASN B 294 18.83 -26.08 -36.10
C ASN B 294 19.99 -25.10 -35.83
N GLN B 295 19.97 -24.45 -34.67
CA GLN B 295 21.02 -23.49 -34.32
C GLN B 295 21.97 -24.25 -33.36
N LEU B 296 23.26 -24.16 -33.64
CA LEU B 296 24.27 -24.43 -32.63
C LEU B 296 25.04 -23.14 -32.39
N VAL B 297 25.02 -22.65 -31.15
CA VAL B 297 25.59 -21.32 -30.80
C VAL B 297 26.56 -21.37 -29.60
N MET B 298 27.60 -20.56 -29.63
CA MET B 298 28.39 -20.41 -28.43
C MET B 298 28.58 -18.96 -28.02
N CYS B 299 28.67 -18.72 -26.70
CA CYS B 299 29.06 -17.40 -26.21
C CYS B 299 30.48 -17.47 -25.69
N PRO B 300 31.39 -16.66 -26.26
CA PRO B 300 32.82 -16.78 -25.89
C PRO B 300 33.15 -16.17 -24.53
N THR B 301 34.29 -16.54 -23.93
CA THR B 301 34.72 -15.95 -22.65
C THR B 301 35.03 -14.46 -22.87
N GLU B 302 35.69 -14.17 -23.97
CA GLU B 302 35.98 -12.80 -24.40
C GLU B 302 34.87 -12.38 -25.36
N TYR B 303 33.81 -11.79 -24.80
CA TYR B 303 32.58 -11.52 -25.52
C TYR B 303 32.30 -10.05 -25.82
N ASN B 304 33.25 -9.19 -25.51
CA ASN B 304 33.18 -7.81 -25.99
C ASN B 304 34.62 -7.29 -26.15
N LYS B 305 34.78 -6.21 -26.90
CA LYS B 305 36.11 -5.73 -27.29
C LYS B 305 36.97 -5.36 -26.11
N SER B 306 36.43 -4.57 -25.18
CA SER B 306 37.30 -4.14 -24.06
C SER B 306 37.73 -5.29 -23.15
N TRP B 307 36.97 -6.38 -23.13
CA TRP B 307 37.35 -7.55 -22.34
C TRP B 307 38.36 -8.46 -23.04
N SER B 308 38.56 -8.28 -24.34
CA SER B 308 39.43 -9.19 -25.04
C SER B 308 40.93 -8.90 -24.82
N ASN B 309 41.72 -9.96 -24.81
CA ASN B 309 43.14 -9.80 -24.58
C ASN B 309 43.81 -9.24 -25.83
N PRO B 310 44.40 -8.05 -25.72
CA PRO B 310 44.98 -7.39 -26.90
C PRO B 310 46.17 -8.18 -27.45
N ASN B 311 47.01 -8.66 -26.52
CA ASN B 311 48.18 -9.49 -26.83
C ASN B 311 47.89 -10.99 -26.65
N GLY B 312 46.64 -11.36 -26.81
CA GLY B 312 46.24 -12.75 -26.74
C GLY B 312 45.43 -13.11 -27.97
N ASN B 313 45.34 -14.41 -28.22
CA ASN B 313 44.83 -14.94 -29.46
C ASN B 313 43.59 -15.80 -29.21
N TYR B 314 42.85 -15.40 -28.18
CA TYR B 314 41.62 -16.08 -27.82
C TYR B 314 40.61 -16.03 -28.98
N LEU B 315 40.32 -14.83 -29.49
CA LEU B 315 39.27 -14.73 -30.51
C LEU B 315 39.70 -15.35 -31.83
N THR B 316 40.96 -15.13 -32.22
CA THR B 316 41.40 -15.68 -33.50
C THR B 316 41.47 -17.22 -33.40
N THR B 317 41.69 -17.75 -32.20
CA THR B 317 41.67 -19.21 -32.01
C THR B 317 40.27 -19.72 -32.28
N LEU B 318 39.26 -19.05 -31.72
CA LEU B 318 37.91 -19.49 -31.94
C LEU B 318 37.58 -19.40 -33.40
N GLY B 319 38.00 -18.30 -34.03
CA GLY B 319 37.71 -18.01 -35.44
C GLY B 319 38.22 -19.10 -36.37
N ASP B 320 39.52 -19.43 -36.23
CA ASP B 320 40.17 -20.52 -36.98
C ASP B 320 39.64 -21.92 -36.71
N LYS B 321 39.41 -22.27 -35.44
CA LYS B 321 39.05 -23.65 -35.03
C LYS B 321 37.53 -24.04 -34.94
N LEU B 322 36.64 -23.10 -34.64
CA LEU B 322 35.23 -23.46 -34.59
C LEU B 322 34.72 -23.81 -35.95
N ASN B 323 34.00 -24.95 -36.07
CA ASN B 323 33.37 -25.33 -37.35
C ASN B 323 32.58 -24.12 -37.85
N PRO B 324 32.51 -23.90 -39.18
CA PRO B 324 31.95 -22.66 -39.73
C PRO B 324 30.48 -22.40 -39.47
N SER B 325 29.69 -23.47 -39.38
CA SER B 325 28.26 -23.34 -39.05
C SER B 325 27.96 -22.92 -37.62
N ILE B 326 28.98 -22.91 -36.76
CA ILE B 326 28.76 -22.59 -35.34
C ILE B 326 28.74 -21.06 -35.12
N GLN B 327 27.68 -20.54 -34.49
CA GLN B 327 27.55 -19.11 -34.22
C GLN B 327 28.41 -18.70 -33.01
N ILE B 328 29.02 -17.49 -33.09
CA ILE B 328 29.77 -16.91 -31.97
C ILE B 328 29.13 -15.61 -31.51
N MET B 329 28.69 -15.56 -30.25
CA MET B 329 28.03 -14.35 -29.72
C MET B 329 28.98 -13.23 -29.33
N TRP B 330 28.44 -12.01 -29.26
CA TRP B 330 29.24 -10.81 -29.00
C TRP B 330 28.38 -9.66 -28.56
N THR B 331 28.82 -8.93 -27.54
CA THR B 331 27.96 -7.89 -26.96
C THR B 331 28.33 -6.50 -27.43
N GLY B 332 29.46 -6.38 -28.15
CA GLY B 332 29.82 -5.10 -28.73
C GLY B 332 31.19 -4.68 -28.23
N ASP B 333 31.44 -3.38 -28.13
CA ASP B 333 32.78 -2.93 -27.69
C ASP B 333 32.97 -3.03 -26.18
N ARG B 334 31.87 -3.07 -25.46
CA ARG B 334 31.86 -3.14 -24.00
C ARG B 334 30.78 -4.14 -23.57
N VAL B 335 30.65 -4.42 -22.28
CA VAL B 335 29.65 -5.36 -21.81
C VAL B 335 28.31 -4.79 -22.22
N ILE B 336 28.15 -3.48 -22.06
CA ILE B 336 26.95 -2.81 -22.44
C ILE B 336 27.31 -1.79 -23.49
N SER B 337 26.95 -2.07 -24.75
CA SER B 337 27.30 -1.12 -25.81
C SER B 337 26.32 -1.19 -26.94
N ASP B 338 26.30 -0.15 -27.76
CA ASP B 338 25.45 -0.19 -28.92
C ASP B 338 26.36 -0.64 -30.07
N ILE B 339 25.77 -1.18 -31.12
CA ILE B 339 26.52 -1.94 -32.12
C ILE B 339 26.79 -1.01 -33.30
N THR B 340 28.08 -0.81 -33.60
CA THR B 340 28.52 0.10 -34.62
C THR B 340 29.17 -0.71 -35.75
N ARG B 341 29.32 -0.07 -36.91
CA ARG B 341 29.97 -0.66 -38.07
C ARG B 341 31.45 -0.99 -37.80
N ASP B 342 32.18 -0.01 -37.26
CA ASP B 342 33.54 -0.24 -36.81
C ASP B 342 33.59 -1.41 -35.81
N GLY B 343 32.68 -1.42 -34.86
CA GLY B 343 32.70 -2.42 -33.80
C GLY B 343 32.41 -3.82 -34.32
N ILE B 344 31.42 -3.94 -35.21
CA ILE B 344 31.10 -5.28 -35.70
C ILE B 344 32.13 -5.77 -36.69
N SER B 345 32.78 -4.84 -37.35
CA SER B 345 33.77 -5.18 -38.30
C SER B 345 35.07 -5.70 -37.64
N TRP B 346 35.39 -5.10 -36.49
CA TRP B 346 36.56 -5.49 -35.69
C TRP B 346 36.43 -6.99 -35.28
N ILE B 347 35.27 -7.35 -34.74
CA ILE B 347 34.98 -8.73 -34.36
C ILE B 347 34.87 -9.75 -35.51
N ASN B 348 34.13 -9.43 -36.56
CA ASN B 348 34.00 -10.31 -37.74
C ASN B 348 35.37 -10.69 -38.31
N GLU B 349 36.27 -9.71 -38.28
CA GLU B 349 37.61 -9.85 -38.83
C GLU B 349 38.32 -10.99 -38.12
N ARG B 350 38.15 -11.04 -36.80
CA ARG B 350 38.86 -11.99 -35.93
C ARG B 350 38.21 -13.37 -35.93
N ILE B 351 36.88 -13.40 -35.85
CA ILE B 351 36.17 -14.67 -35.74
C ILE B 351 35.80 -15.29 -37.08
N LYS B 352 36.23 -14.62 -38.17
CA LYS B 352 36.07 -15.09 -39.54
C LYS B 352 34.61 -15.43 -39.91
N ARG B 353 33.65 -14.73 -39.34
CA ARG B 353 32.24 -15.01 -39.61
C ARG B 353 31.40 -13.87 -39.06
N PRO B 354 30.14 -13.75 -39.49
CA PRO B 354 29.40 -12.61 -38.94
C PRO B 354 28.99 -12.87 -37.48
N ALA B 355 29.32 -11.92 -36.60
CA ALA B 355 28.99 -12.03 -35.18
C ALA B 355 27.49 -12.17 -34.96
N TYR B 356 27.09 -12.93 -33.96
CA TYR B 356 25.71 -13.09 -33.52
C TYR B 356 25.56 -12.21 -32.29
N ILE B 357 24.87 -11.12 -32.42
CA ILE B 357 24.86 -10.11 -31.38
C ILE B 357 23.99 -10.41 -30.15
N TRP B 358 24.59 -10.25 -28.99
CA TRP B 358 23.92 -10.29 -27.71
C TRP B 358 23.98 -8.83 -27.25
N TRP B 359 22.87 -8.16 -27.41
CA TRP B 359 22.72 -6.80 -26.98
C TRP B 359 22.17 -6.69 -25.57
N ASN B 360 23.03 -6.19 -24.70
CA ASN B 360 22.70 -6.00 -23.31
C ASN B 360 21.84 -4.81 -22.97
N PHE B 361 20.64 -4.78 -23.50
CA PHE B 361 19.62 -3.78 -23.17
C PHE B 361 18.30 -4.48 -23.52
N PRO B 362 17.26 -4.38 -22.68
CA PRO B 362 17.13 -3.53 -21.46
C PRO B 362 17.60 -4.20 -20.17
N VAL B 363 18.48 -5.20 -20.24
CA VAL B 363 18.95 -5.89 -19.03
C VAL B 363 19.32 -4.89 -17.94
N SER B 364 18.78 -5.11 -16.75
CA SER B 364 18.94 -4.18 -15.65
C SER B 364 19.47 -4.89 -14.40
N ASP B 365 20.07 -6.07 -14.56
CA ASP B 365 20.59 -6.85 -13.40
C ASP B 365 21.70 -6.19 -12.61
N TYR B 366 22.24 -5.08 -13.13
CA TYR B 366 23.26 -4.31 -12.43
C TYR B 366 22.71 -2.93 -12.02
N VAL B 367 21.47 -2.63 -12.36
CA VAL B 367 20.80 -1.41 -11.86
C VAL B 367 19.36 -1.83 -11.46
N ARG B 368 19.27 -2.75 -10.51
CA ARG B 368 18.00 -3.40 -10.18
C ARG B 368 16.91 -2.51 -9.56
N ASP B 369 17.28 -1.29 -9.17
CA ASP B 369 16.32 -0.30 -8.65
C ASP B 369 15.71 0.60 -9.70
N HIS B 370 16.08 0.37 -10.96
CA HIS B 370 15.57 1.12 -12.12
C HIS B 370 14.83 0.21 -13.09
N LEU B 371 13.76 0.76 -13.70
CA LEU B 371 13.10 0.14 -14.86
C LEU B 371 13.68 0.85 -16.08
N LEU B 372 13.99 0.10 -17.14
CA LEU B 372 14.47 0.70 -18.39
C LEU B 372 13.45 0.58 -19.52
N LEU B 373 12.59 1.61 -19.62
CA LEU B 373 11.35 1.50 -20.43
C LEU B 373 11.37 2.42 -21.63
N GLY B 374 12.53 2.95 -21.92
CA GLY B 374 12.64 3.87 -23.02
C GLY B 374 12.85 3.17 -24.32
N PRO B 375 13.06 3.96 -25.39
CA PRO B 375 13.23 3.46 -26.74
C PRO B 375 14.58 2.75 -26.97
N VAL B 376 14.59 1.91 -27.99
CA VAL B 376 15.78 1.20 -28.45
C VAL B 376 16.45 2.05 -29.52
N TYR B 377 17.72 2.37 -29.27
CA TYR B 377 18.47 3.20 -30.21
C TYR B 377 19.97 2.98 -30.02
N GLY B 378 20.76 3.48 -30.96
CA GLY B 378 22.21 3.52 -30.82
C GLY B 378 22.85 2.52 -31.73
N ASN B 379 22.06 1.54 -32.19
CA ASN B 379 22.59 0.50 -33.09
C ASN B 379 22.52 0.95 -34.54
N ASP B 380 23.61 0.75 -35.25
CA ASP B 380 23.75 1.14 -36.64
C ASP B 380 22.72 0.37 -37.48
N THR B 381 22.07 1.06 -38.42
CA THR B 381 20.93 0.52 -39.17
C THR B 381 21.30 0.03 -40.56
N THR B 382 22.59 -0.01 -40.86
CA THR B 382 23.08 -0.37 -42.19
C THR B 382 23.95 -1.65 -42.20
N ILE B 383 24.06 -2.31 -41.06
CA ILE B 383 25.01 -3.41 -40.91
C ILE B 383 24.37 -4.79 -40.80
N ALA B 384 23.10 -4.91 -41.20
CA ALA B 384 22.39 -6.20 -41.27
C ALA B 384 23.25 -7.36 -41.82
N LYS B 385 24.00 -7.10 -42.88
CA LYS B 385 24.83 -8.12 -43.52
C LYS B 385 26.03 -8.56 -42.66
N GLU B 386 26.33 -7.79 -41.61
CA GLU B 386 27.51 -8.06 -40.81
C GLU B 386 27.16 -8.88 -39.57
N MET B 387 25.89 -9.15 -39.37
CA MET B 387 25.41 -9.94 -38.21
C MET B 387 24.63 -11.19 -38.61
N SER B 388 24.89 -12.28 -37.91
CA SER B 388 24.21 -13.57 -38.11
C SER B 388 22.90 -13.52 -37.36
N GLY B 389 22.95 -12.81 -36.24
CA GLY B 389 21.85 -12.75 -35.32
C GLY B 389 21.93 -11.47 -34.53
N PHE B 390 20.79 -11.10 -33.95
CA PHE B 390 20.61 -10.05 -32.98
C PHE B 390 19.55 -10.45 -31.95
N VAL B 391 19.99 -10.60 -30.70
CA VAL B 391 19.11 -10.92 -29.58
C VAL B 391 19.32 -9.96 -28.41
N THR B 392 18.23 -9.65 -27.71
CA THR B 392 18.27 -8.71 -26.59
C THR B 392 18.13 -9.39 -25.23
N ASN B 393 19.04 -9.05 -24.32
CA ASN B 393 19.02 -9.51 -22.95
C ASN B 393 18.21 -8.50 -22.15
N PRO B 394 17.07 -8.94 -21.65
CA PRO B 394 16.06 -8.04 -21.10
C PRO B 394 16.08 -7.89 -19.58
N MET B 395 15.11 -7.18 -19.03
CA MET B 395 14.93 -7.10 -17.59
C MET B 395 14.33 -8.37 -17.02
N GLU B 396 14.46 -8.54 -15.71
CA GLU B 396 13.75 -9.63 -15.00
C GLU B 396 12.26 -9.41 -15.09
N HIS B 397 11.85 -8.17 -15.36
CA HIS B 397 10.42 -7.89 -15.56
C HIS B 397 10.04 -8.21 -17.02
N ALA B 398 9.46 -9.39 -17.22
CA ALA B 398 9.23 -9.89 -18.59
C ALA B 398 8.31 -8.99 -19.38
N GLU B 399 7.14 -8.64 -18.80
CA GLU B 399 6.17 -7.81 -19.55
C GLU B 399 6.71 -6.43 -19.85
N SER B 400 7.38 -5.82 -18.87
CA SER B 400 8.00 -4.47 -19.03
C SER B 400 9.04 -4.45 -20.13
N SER B 401 9.69 -5.62 -20.31
CA SER B 401 10.72 -5.76 -21.34
C SER B 401 10.10 -5.79 -22.75
N LYS B 402 8.80 -6.01 -22.84
CA LYS B 402 8.15 -6.06 -24.16
C LYS B 402 8.33 -4.77 -24.98
N ILE B 403 8.52 -3.63 -24.31
CA ILE B 403 8.74 -2.36 -25.02
C ILE B 403 10.04 -2.48 -25.85
N ALA B 404 11.14 -2.87 -25.21
CA ALA B 404 12.40 -2.97 -25.96
C ALA B 404 12.40 -4.15 -26.94
N ILE B 405 11.76 -5.24 -26.54
CA ILE B 405 11.73 -6.46 -27.35
C ILE B 405 10.99 -6.23 -28.66
N TYR B 406 9.79 -5.67 -28.59
CA TYR B 406 9.04 -5.25 -29.79
C TYR B 406 9.94 -4.36 -30.71
N SER B 407 10.62 -3.41 -30.10
CA SER B 407 11.52 -2.49 -30.83
C SER B 407 12.70 -3.20 -31.49
N VAL B 408 13.34 -4.11 -30.77
CA VAL B 408 14.47 -4.89 -31.33
C VAL B 408 13.98 -5.79 -32.47
N ALA B 409 12.78 -6.34 -32.32
CA ALA B 409 12.19 -7.15 -33.39
C ALA B 409 12.09 -6.32 -34.65
N SER B 410 11.59 -5.09 -34.47
CA SER B 410 11.34 -4.19 -35.60
C SER B 410 12.70 -3.90 -36.22
N TYR B 411 13.67 -3.55 -35.38
CA TYR B 411 15.01 -3.25 -35.89
C TYR B 411 15.68 -4.46 -36.61
N ALA B 412 15.55 -5.65 -36.04
CA ALA B 412 16.27 -6.81 -36.57
C ALA B 412 15.69 -7.25 -37.92
N TRP B 413 14.36 -7.14 -38.05
CA TRP B 413 13.71 -7.45 -39.30
C TRP B 413 14.00 -6.43 -40.43
N ASN B 414 13.90 -5.14 -40.13
CA ASN B 414 14.05 -4.12 -41.19
C ASN B 414 14.86 -2.93 -40.62
N PRO B 415 16.17 -3.15 -40.37
CA PRO B 415 16.98 -2.08 -39.72
C PRO B 415 17.00 -0.81 -40.56
N ALA B 416 16.97 -0.93 -41.89
CA ALA B 416 17.06 0.26 -42.74
C ALA B 416 15.85 1.18 -42.61
N LYS B 417 14.72 0.66 -42.15
CA LYS B 417 13.50 1.47 -41.94
C LYS B 417 13.26 1.69 -40.44
N TYR B 418 14.18 1.21 -39.62
CA TYR B 418 14.07 1.35 -38.15
C TYR B 418 13.84 2.81 -37.67
N ASP B 419 12.70 3.01 -37.03
CA ASP B 419 12.29 4.32 -36.52
C ASP B 419 12.09 4.17 -35.01
N THR B 420 13.07 4.71 -34.28
CA THR B 420 13.20 4.49 -32.83
C THR B 420 11.96 4.94 -32.10
N TRP B 421 11.60 6.21 -32.25
CA TRP B 421 10.47 6.80 -31.52
C TRP B 421 9.12 6.24 -31.91
N GLN B 422 8.83 6.13 -33.19
CA GLN B 422 7.55 5.58 -33.65
C GLN B 422 7.34 4.14 -33.15
N THR B 423 8.42 3.35 -33.18
CA THR B 423 8.38 1.96 -32.72
C THR B 423 8.16 1.85 -31.23
N TRP B 424 8.84 2.71 -30.46
CA TRP B 424 8.60 2.76 -29.02
C TRP B 424 7.13 3.05 -28.76
N LYS B 425 6.55 4.04 -29.41
CA LYS B 425 5.11 4.36 -29.24
C LYS B 425 4.17 3.22 -29.70
N ASP B 426 4.48 2.62 -30.86
CA ASP B 426 3.77 1.42 -31.33
C ASP B 426 3.85 0.25 -30.32
N ALA B 427 5.03 0.03 -29.77
CA ALA B 427 5.23 -0.98 -28.69
C ALA B 427 4.28 -0.74 -27.54
N ILE B 428 4.32 0.46 -26.97
CA ILE B 428 3.44 0.78 -25.84
C ILE B 428 1.92 0.68 -26.18
N ARG B 429 1.52 1.14 -27.36
CA ARG B 429 0.10 1.03 -27.73
C ARG B 429 -0.35 -0.42 -27.98
N THR B 430 0.59 -1.27 -28.35
CA THR B 430 0.36 -2.69 -28.57
C THR B 430 0.27 -3.42 -27.23
N ILE B 431 1.18 -3.09 -26.32
CA ILE B 431 1.18 -3.73 -25.00
C ILE B 431 0.02 -3.32 -24.09
N LEU B 432 -0.41 -2.06 -24.17
CA LEU B 432 -1.45 -1.60 -23.28
C LEU B 432 -2.35 -0.59 -23.97
N PRO B 433 -3.14 -1.06 -24.95
CA PRO B 433 -3.97 -0.12 -25.72
C PRO B 433 -4.91 0.67 -24.82
N SER B 434 -5.39 0.06 -23.74
CA SER B 434 -6.41 0.74 -22.87
C SER B 434 -5.83 1.91 -22.06
N ALA B 435 -4.50 2.03 -22.00
CA ALA B 435 -3.88 3.12 -21.24
C ALA B 435 -2.50 3.41 -21.81
N ALA B 436 -2.41 3.43 -23.14
CA ALA B 436 -1.20 3.77 -23.85
C ALA B 436 -0.59 5.10 -23.43
N GLU B 437 -1.38 6.17 -23.42
CA GLU B 437 -0.82 7.48 -23.12
C GLU B 437 -0.22 7.51 -21.68
N GLU B 438 -0.89 6.81 -20.76
CA GLU B 438 -0.45 6.68 -19.37
C GLU B 438 0.84 5.88 -19.28
N LEU B 439 0.91 4.77 -20.03
CA LEU B 439 2.14 4.01 -20.03
C LEU B 439 3.27 4.79 -20.71
N GLU B 440 2.97 5.59 -21.75
CA GLU B 440 4.00 6.43 -22.35
C GLU B 440 4.61 7.42 -21.37
N CYS B 441 3.73 8.11 -20.65
CA CYS B 441 4.11 9.10 -19.66
C CYS B 441 5.00 8.46 -18.63
N PHE B 442 4.57 7.32 -18.11
CA PHE B 442 5.41 6.58 -17.17
C PHE B 442 6.79 6.13 -17.77
N ALA B 443 6.75 5.53 -18.96
CA ALA B 443 7.97 5.03 -19.59
C ALA B 443 8.97 6.14 -19.93
N MET B 444 8.46 7.28 -20.33
N MET B 444 8.45 7.29 -20.34
CA MET B 444 9.22 8.47 -20.70
CA MET B 444 9.30 8.41 -20.73
C MET B 444 10.11 9.00 -19.58
C MET B 444 10.19 8.90 -19.60
N HIS B 445 9.71 8.77 -18.37
CA HIS B 445 10.45 9.23 -17.18
C HIS B 445 11.10 8.09 -16.36
N ASN B 446 11.15 6.92 -16.98
CA ASN B 446 11.75 5.72 -16.43
C ASN B 446 12.55 5.03 -17.51
N SER B 447 13.68 5.64 -17.89
CA SER B 447 14.44 5.27 -19.08
CA SER B 447 14.44 5.14 -19.03
C SER B 447 15.94 5.18 -18.82
N ASP B 448 16.42 6.11 -17.99
CA ASP B 448 17.82 6.18 -17.66
C ASP B 448 18.20 5.16 -16.57
N LEU B 449 19.48 4.78 -16.56
CA LEU B 449 19.99 3.74 -15.63
C LEU B 449 20.50 4.33 -14.34
N GLY B 450 20.76 5.64 -14.39
CA GLY B 450 21.52 6.32 -13.31
C GLY B 450 22.98 5.87 -13.34
N PRO B 451 23.87 6.48 -12.51
CA PRO B 451 25.29 6.07 -12.60
C PRO B 451 25.53 4.57 -12.31
N ASN B 452 26.47 3.95 -13.02
CA ASN B 452 26.72 2.51 -12.80
C ASN B 452 28.13 2.07 -13.20
N GLY B 453 28.51 0.84 -12.84
CA GLY B 453 29.90 0.40 -13.07
C GLY B 453 30.26 0.32 -14.56
N HIS B 454 29.24 0.26 -15.43
CA HIS B 454 29.48 0.22 -16.88
C HIS B 454 29.50 1.60 -17.55
N GLY B 455 29.16 2.67 -16.84
CA GLY B 455 29.00 3.99 -17.49
C GLY B 455 27.92 4.06 -18.57
N TYR B 456 26.97 3.13 -18.60
CA TYR B 456 25.98 3.16 -19.66
C TYR B 456 24.76 3.93 -19.24
N ARG B 457 24.30 4.82 -20.11
CA ARG B 457 23.21 5.76 -19.81
C ARG B 457 22.19 5.81 -20.96
N ARG B 458 20.96 6.25 -20.66
CA ARG B 458 19.97 6.51 -21.72
C ARG B 458 19.34 7.84 -21.43
N GLU B 459 18.77 8.44 -22.47
CA GLU B 459 18.02 9.69 -22.33
C GLU B 459 16.72 9.45 -21.56
N GLU B 460 16.18 10.49 -20.94
CA GLU B 460 14.96 10.42 -20.16
C GLU B 460 14.40 11.81 -20.07
N SER B 461 13.08 11.95 -20.11
CA SER B 461 12.42 13.26 -19.91
C SER B 461 12.97 14.37 -20.82
N MET B 462 13.22 14.03 -22.09
CA MET B 462 13.83 15.00 -23.01
C MET B 462 12.90 16.15 -23.33
N ASP B 463 11.61 15.85 -23.43
CA ASP B 463 10.63 16.87 -23.81
C ASP B 463 10.62 18.02 -22.81
N ILE B 464 10.71 17.72 -21.50
CA ILE B 464 10.62 18.79 -20.50
C ILE B 464 11.93 19.37 -20.03
N GLN B 465 13.03 18.74 -20.43
CA GLN B 465 14.36 19.13 -20.01
C GLN B 465 14.67 20.60 -20.32
N PRO B 466 14.23 21.11 -21.50
CA PRO B 466 14.48 22.54 -21.70
C PRO B 466 13.79 23.44 -20.68
N ALA B 467 12.49 23.21 -20.46
CA ALA B 467 11.71 23.98 -19.47
C ALA B 467 12.31 23.79 -18.09
N ALA B 468 12.68 22.56 -17.77
CA ALA B 468 13.28 22.28 -16.46
C ALA B 468 14.55 23.11 -16.29
N GLU B 469 15.48 22.92 -17.22
CA GLU B 469 16.77 23.57 -17.28
C GLU B 469 16.71 25.08 -17.13
N ARG B 470 15.78 25.73 -17.83
CA ARG B 470 15.60 27.18 -17.75
C ARG B 470 14.99 27.64 -16.44
N PHE B 471 14.15 26.78 -15.86
CA PHE B 471 13.50 27.10 -14.58
C PHE B 471 14.57 27.18 -13.48
N LEU B 472 15.38 26.14 -13.41
CA LEU B 472 16.48 26.03 -12.45
C LEU B 472 17.48 27.17 -12.56
N LYS B 473 17.86 27.48 -13.80
CA LYS B 473 18.81 28.55 -14.10
C LYS B 473 18.27 29.88 -13.58
N ALA B 474 17.00 30.17 -13.85
CA ALA B 474 16.33 31.37 -13.32
C ALA B 474 16.44 31.52 -11.80
N PHE B 475 16.39 30.40 -11.08
CA PHE B 475 16.57 30.42 -9.62
C PHE B 475 18.02 30.65 -9.23
N LYS B 476 18.92 29.89 -9.86
CA LYS B 476 20.39 30.07 -9.76
C LYS B 476 20.83 31.52 -10.02
N GLU B 477 20.53 32.03 -11.22
CA GLU B 477 20.93 33.40 -11.58
C GLU B 477 19.92 34.48 -11.13
N GLY B 478 19.05 34.12 -10.17
CA GLY B 478 18.21 35.05 -9.40
C GLY B 478 17.17 35.86 -10.15
N LYS B 479 16.67 35.32 -11.25
CA LYS B 479 15.70 36.02 -12.12
C LYS B 479 14.30 35.39 -12.05
N ASN B 480 13.29 36.12 -12.50
CA ASN B 480 11.94 35.56 -12.69
C ASN B 480 11.94 34.37 -13.64
N TYR B 481 11.26 33.28 -13.23
CA TYR B 481 11.03 32.15 -14.12
C TYR B 481 9.94 32.48 -15.16
N ASP B 482 9.94 31.78 -16.28
CA ASP B 482 8.88 31.92 -17.28
C ASP B 482 7.58 31.19 -16.86
N LYS B 483 6.45 31.88 -17.02
CA LYS B 483 5.12 31.34 -16.70
C LYS B 483 4.82 30.00 -17.38
N ALA B 484 5.15 29.89 -18.67
CA ALA B 484 4.92 28.69 -19.47
C ALA B 484 5.72 27.47 -18.99
N ASP B 485 6.91 27.70 -18.42
CA ASP B 485 7.77 26.65 -17.89
C ASP B 485 7.24 26.09 -16.57
N PHE B 486 6.87 27.00 -15.66
CA PHE B 486 6.17 26.64 -14.44
C PHE B 486 4.97 25.77 -14.81
N GLU B 487 4.18 26.22 -15.79
CA GLU B 487 2.95 25.54 -16.18
C GLU B 487 3.26 24.21 -16.85
N THR B 488 4.37 24.17 -17.59
CA THR B 488 4.86 22.93 -18.17
C THR B 488 5.18 21.97 -17.04
N LEU B 489 5.88 22.43 -16.00
CA LEU B 489 6.25 21.54 -14.90
C LEU B 489 5.01 21.03 -14.15
N GLN B 490 4.11 21.96 -13.88
CA GLN B 490 2.83 21.69 -13.27
C GLN B 490 2.02 20.66 -14.06
N TYR B 491 1.95 20.87 -15.37
CA TYR B 491 1.23 19.97 -16.27
C TYR B 491 1.82 18.56 -16.20
N THR B 492 3.14 18.46 -16.26
CA THR B 492 3.83 17.20 -16.16
C THR B 492 3.49 16.41 -14.89
N PHE B 493 3.55 17.08 -13.73
CA PHE B 493 3.24 16.43 -12.45
C PHE B 493 1.77 15.97 -12.44
N GLU B 494 0.88 16.81 -12.91
CA GLU B 494 -0.51 16.41 -12.99
C GLU B 494 -0.66 15.11 -13.81
N ARG B 495 0.05 15.02 -14.93
CA ARG B 495 -0.06 13.89 -15.85
C ARG B 495 0.54 12.64 -15.25
N MET B 496 1.65 12.84 -14.54
CA MET B 496 2.25 11.76 -13.81
C MET B 496 1.25 11.15 -12.85
N LYS B 497 0.52 11.97 -12.09
CA LYS B 497 -0.45 11.44 -11.11
C LYS B 497 -1.59 10.65 -11.79
N GLU B 498 -2.19 11.23 -12.83
CA GLU B 498 -3.21 10.54 -13.61
C GLU B 498 -2.72 9.17 -14.11
N SER B 499 -1.51 9.16 -14.66
CA SER B 499 -0.85 7.99 -15.18
C SER B 499 -0.56 6.97 -14.12
N ALA B 500 -0.06 7.37 -12.96
CA ALA B 500 0.17 6.41 -11.87
C ALA B 500 -1.14 5.77 -11.41
N ASP B 501 -2.17 6.55 -11.20
CA ASP B 501 -3.41 6.01 -10.64
C ASP B 501 -4.15 5.12 -11.61
N ILE B 502 -4.15 5.50 -12.89
CA ILE B 502 -4.79 4.69 -13.93
C ILE B 502 -4.08 3.34 -14.15
N LEU B 503 -2.74 3.36 -14.22
CA LEU B 503 -1.95 2.16 -14.39
C LEU B 503 -2.18 1.22 -13.21
N LEU B 504 -2.06 1.71 -11.98
CA LEU B 504 -2.34 0.89 -10.78
C LEU B 504 -3.60 0.04 -10.89
N MET B 505 -4.66 0.59 -11.49
CA MET B 505 -5.96 -0.07 -11.55
C MET B 505 -6.24 -0.75 -12.86
N ASN B 506 -5.27 -0.72 -13.78
CA ASN B 506 -5.52 -1.27 -15.11
C ASN B 506 -5.49 -2.80 -15.07
N THR B 507 -6.44 -3.47 -15.71
CA THR B 507 -6.48 -4.91 -15.67
C THR B 507 -6.30 -5.61 -17.02
N GLU B 508 -5.96 -4.85 -18.05
CA GLU B 508 -5.72 -5.46 -19.37
C GLU B 508 -4.44 -6.28 -19.36
N ASN B 509 -3.49 -5.83 -18.59
CA ASN B 509 -2.22 -6.56 -18.42
C ASN B 509 -1.81 -6.49 -16.95
N LYS B 510 -2.46 -7.34 -16.15
CA LYS B 510 -2.07 -7.46 -14.73
C LYS B 510 -0.60 -7.88 -14.45
N PRO B 511 -0.02 -8.83 -15.23
CA PRO B 511 1.38 -9.09 -14.89
C PRO B 511 2.27 -7.88 -15.06
N LEU B 512 2.13 -7.11 -16.13
CA LEU B 512 2.85 -5.83 -16.30
C LEU B 512 2.65 -4.95 -15.06
N ILE B 513 1.40 -4.83 -14.63
CA ILE B 513 1.09 -3.95 -13.53
C ILE B 513 1.75 -4.41 -12.22
N VAL B 514 1.80 -5.72 -11.96
CA VAL B 514 2.48 -6.29 -10.80
C VAL B 514 4.00 -5.94 -10.88
N GLU B 515 4.63 -6.09 -12.06
CA GLU B 515 6.08 -5.74 -12.20
C GLU B 515 6.38 -4.32 -11.78
N ILE B 516 5.64 -3.36 -12.32
CA ILE B 516 5.96 -1.94 -12.20
C ILE B 516 5.39 -1.27 -10.94
N THR B 517 4.43 -1.92 -10.26
CA THR B 517 3.71 -1.28 -9.17
C THR B 517 4.57 -0.46 -8.18
N PRO B 518 5.71 -1.02 -7.65
CA PRO B 518 6.48 -0.28 -6.68
C PRO B 518 6.94 1.08 -7.26
N TRP B 519 7.39 1.05 -8.50
CA TRP B 519 7.86 2.22 -9.23
C TRP B 519 6.70 3.14 -9.50
N VAL B 520 5.50 2.61 -9.70
CA VAL B 520 4.34 3.45 -9.93
C VAL B 520 4.00 4.28 -8.68
N HIS B 521 4.12 3.64 -7.51
CA HIS B 521 3.89 4.29 -6.25
C HIS B 521 4.90 5.42 -6.04
N GLN B 522 6.15 5.10 -6.30
CA GLN B 522 7.19 6.06 -6.14
C GLN B 522 7.07 7.24 -7.16
N PHE B 523 6.56 6.94 -8.35
CA PHE B 523 6.39 7.90 -9.42
C PHE B 523 5.28 8.85 -9.03
N LYS B 524 4.21 8.33 -8.43
CA LYS B 524 3.16 9.20 -7.99
C LYS B 524 3.67 10.16 -6.90
N LEU B 525 4.37 9.61 -5.91
CA LEU B 525 4.90 10.42 -4.82
C LEU B 525 5.81 11.53 -5.35
N THR B 526 6.63 11.18 -6.34
CA THR B 526 7.48 12.16 -7.02
C THR B 526 6.64 13.32 -7.58
N ALA B 527 5.55 12.97 -8.26
CA ALA B 527 4.69 13.98 -8.87
C ALA B 527 4.03 14.86 -7.80
N GLU B 528 3.52 14.24 -6.72
CA GLU B 528 2.87 15.02 -5.64
C GLU B 528 3.89 15.94 -4.97
N MET B 529 5.11 15.44 -4.78
CA MET B 529 6.18 16.23 -4.18
C MET B 529 6.45 17.46 -5.07
N GLY B 530 6.46 17.22 -6.38
CA GLY B 530 6.68 18.28 -7.33
C GLY B 530 5.61 19.35 -7.30
N GLU B 531 4.34 18.94 -7.23
CA GLU B 531 3.23 19.87 -7.11
C GLU B 531 3.36 20.79 -5.87
N GLU B 532 3.80 20.21 -4.74
CA GLU B 532 3.97 20.92 -3.47
C GLU B 532 5.14 21.87 -3.47
N VAL B 533 6.25 21.43 -4.07
CA VAL B 533 7.45 22.24 -4.15
C VAL B 533 7.19 23.48 -5.03
N LEU B 534 6.42 23.34 -6.11
CA LEU B 534 5.95 24.46 -6.95
C LEU B 534 4.98 25.42 -6.22
N LYS B 535 4.13 24.86 -5.37
CA LYS B 535 3.28 25.65 -4.50
C LYS B 535 4.12 26.46 -3.50
N MET B 536 5.21 25.87 -3.04
CA MET B 536 6.19 26.60 -2.25
C MET B 536 6.83 27.76 -3.03
N VAL B 537 7.06 27.55 -4.32
CA VAL B 537 7.66 28.57 -5.17
C VAL B 537 6.80 29.82 -5.21
N GLU B 538 5.49 29.64 -5.05
CA GLU B 538 4.55 30.76 -5.07
C GLU B 538 4.23 31.24 -3.65
N ARG B 540 2.35 31.80 -1.10
CA ARG B 540 1.66 33.07 -0.91
C ARG B 540 2.02 33.70 0.43
N ASN B 541 1.66 33.00 1.50
CA ASN B 541 1.94 33.48 2.85
C ASN B 541 3.02 32.67 3.55
N GLU B 542 3.42 33.11 4.73
CA GLU B 542 4.45 32.42 5.50
C GLU B 542 3.94 31.09 6.06
N SER B 543 2.65 31.07 6.40
CA SER B 543 2.03 29.87 6.95
C SER B 543 1.58 28.86 5.88
N TYR B 544 1.34 29.35 4.66
CA TYR B 544 1.03 28.45 3.55
C TYR B 544 2.30 27.75 3.14
N PHE B 545 3.37 28.53 3.04
CA PHE B 545 4.69 28.00 2.80
C PHE B 545 5.03 26.90 3.80
N LEU B 546 4.67 27.12 5.06
CA LEU B 546 4.98 26.14 6.09
C LEU B 546 4.16 24.84 5.93
N ARG B 547 2.88 24.98 5.58
CA ARG B 547 2.01 23.85 5.25
C ARG B 547 2.58 23.00 4.11
N LYS B 548 3.04 23.68 3.06
CA LYS B 548 3.55 22.98 1.88
C LYS B 548 4.86 22.31 2.20
N TYR B 549 5.73 23.03 2.92
CA TYR B 549 7.00 22.52 3.45
C TYR B 549 6.77 21.24 4.22
N ASN B 550 5.90 21.30 5.22
CA ASN B 550 5.64 20.14 6.06
C ASN B 550 5.13 18.93 5.28
N HIS B 551 4.27 19.19 4.31
CA HIS B 551 3.75 18.17 3.43
C HIS B 551 4.83 17.55 2.57
N VAL B 552 5.73 18.38 2.05
CA VAL B 552 6.88 17.86 1.30
C VAL B 552 7.71 16.93 2.19
N LYS B 553 7.88 17.29 3.46
CA LYS B 553 8.68 16.46 4.37
C LYS B 553 8.05 15.10 4.51
N ALA B 554 6.73 15.07 4.65
CA ALA B 554 6.00 13.81 4.78
C ALA B 554 6.13 12.96 3.53
N LEU B 555 6.05 13.59 2.36
CA LEU B 555 6.20 12.89 1.08
C LEU B 555 7.62 12.31 0.90
N GLN B 556 8.62 13.04 1.39
CA GLN B 556 10.02 12.58 1.34
C GLN B 556 10.14 11.31 2.18
N GLN B 557 9.60 11.33 3.40
CA GLN B 557 9.68 10.15 4.24
C GLN B 557 8.96 8.97 3.59
N GLN B 558 7.84 9.23 2.96
CA GLN B 558 7.10 8.20 2.28
C GLN B 558 7.91 7.53 1.17
N MET B 559 8.72 8.30 0.46
CA MET B 559 9.55 7.79 -0.62
C MET B 559 10.73 7.00 -0.09
N PHE B 560 11.26 7.47 1.01
CA PHE B 560 12.26 6.74 1.74
C PHE B 560 11.74 5.39 2.15
N TYR B 561 10.57 5.35 2.78
CA TYR B 561 9.98 4.08 3.21
C TYR B 561 9.92 3.09 2.06
N ILE B 562 9.37 3.53 0.94
CA ILE B 562 9.24 2.73 -0.25
C ILE B 562 10.57 2.21 -0.77
N ASP B 563 11.56 3.08 -0.81
CA ASP B 563 12.88 2.71 -1.23
C ASP B 563 13.53 1.72 -0.29
N GLN B 564 13.22 1.75 0.99
CA GLN B 564 13.83 0.83 1.95
C GLN B 564 13.09 -0.49 2.14
N THR B 565 11.86 -0.59 1.65
CA THR B 565 11.06 -1.83 1.88
C THR B 565 10.58 -2.55 0.62
N SER B 566 10.67 -1.88 -0.55
CA SER B 566 10.34 -2.49 -1.83
C SER B 566 11.57 -2.97 -2.53
N ASN B 567 11.44 -4.10 -3.23
CA ASN B 567 12.51 -4.61 -4.08
C ASN B 567 13.83 -4.60 -3.31
N GLN B 568 13.82 -5.22 -2.13
CA GLN B 568 15.05 -5.27 -1.33
C GLN B 568 15.98 -6.43 -1.80
N ASN B 569 16.46 -6.33 -3.05
CA ASN B 569 17.39 -7.34 -3.58
C ASN B 569 18.78 -7.05 -2.97
N PRO B 570 19.72 -8.01 -3.03
CA PRO B 570 21.03 -7.83 -2.39
C PRO B 570 21.99 -6.87 -3.13
N TYR B 571 21.62 -6.39 -4.30
CA TYR B 571 22.62 -5.70 -5.14
C TYR B 571 22.36 -4.20 -5.31
N GLN B 572 21.19 -3.83 -5.82
CA GLN B 572 20.79 -2.43 -5.86
C GLN B 572 19.35 -2.39 -5.34
N PRO B 573 19.17 -2.44 -3.99
CA PRO B 573 17.81 -2.46 -3.40
C PRO B 573 17.04 -1.16 -3.62
N GLY B 574 15.71 -1.24 -3.63
CA GLY B 574 14.92 -0.03 -3.69
C GLY B 574 14.26 0.26 -5.03
N VAL B 575 13.75 1.48 -5.15
CA VAL B 575 12.88 1.87 -6.23
C VAL B 575 13.21 3.31 -6.58
N LYS B 576 13.91 3.53 -7.68
CA LYS B 576 14.26 4.85 -8.14
C LYS B 576 13.42 5.15 -9.39
N THR B 577 12.95 6.38 -9.52
CA THR B 577 12.13 6.73 -10.67
C THR B 577 12.30 8.17 -11.07
N ALA B 578 12.12 8.46 -12.36
CA ALA B 578 12.24 9.81 -12.86
C ALA B 578 13.55 10.48 -12.41
N THR B 579 14.66 9.73 -12.54
CA THR B 579 15.94 10.14 -11.89
C THR B 579 16.81 11.08 -12.65
N ARG B 580 16.68 11.12 -13.98
CA ARG B 580 17.63 11.93 -14.71
C ARG B 580 17.33 13.42 -14.59
N VAL B 581 16.05 13.77 -14.63
CA VAL B 581 15.70 15.17 -14.73
C VAL B 581 14.73 15.60 -13.62
N ILE B 582 13.64 14.84 -13.43
CA ILE B 582 12.56 15.32 -12.60
C ILE B 582 12.93 15.35 -11.12
N LYS B 583 13.38 14.22 -10.57
CA LYS B 583 13.72 14.19 -9.14
C LYS B 583 14.86 15.20 -8.79
N PRO B 584 15.89 15.26 -9.62
CA PRO B 584 17.01 16.18 -9.39
C PRO B 584 16.55 17.63 -9.40
N LEU B 585 15.50 17.92 -10.16
CA LEU B 585 14.95 19.27 -10.23
C LEU B 585 14.12 19.60 -9.00
N ILE B 586 13.17 18.73 -8.69
CA ILE B 586 12.31 18.92 -7.52
C ILE B 586 13.16 19.13 -6.26
N ASP B 587 14.21 18.35 -6.12
CA ASP B 587 15.12 18.46 -4.96
C ASP B 587 15.85 19.80 -4.91
N ARG B 588 16.44 20.23 -6.03
N ARG B 588 16.43 20.22 -6.04
CA ARG B 588 17.13 21.52 -6.08
CA ARG B 588 17.13 21.49 -6.14
C ARG B 588 16.18 22.69 -5.84
C ARG B 588 16.20 22.69 -5.90
N THR B 589 15.00 22.64 -6.46
CA THR B 589 13.99 23.68 -6.28
C THR B 589 13.52 23.77 -4.82
N PHE B 590 13.32 22.60 -4.18
CA PHE B 590 13.00 22.55 -2.76
C PHE B 590 14.10 23.23 -1.92
N ALA B 591 15.35 22.84 -2.16
CA ALA B 591 16.46 23.34 -1.37
C ALA B 591 16.62 24.86 -1.52
N THR B 592 16.35 25.36 -2.72
CA THR B 592 16.54 26.75 -3.04
C THR B 592 15.50 27.64 -2.40
N VAL B 593 14.24 27.25 -2.49
CA VAL B 593 13.16 28.09 -2.01
C VAL B 593 13.14 28.11 -0.47
N VAL B 594 13.54 26.97 0.13
CA VAL B 594 13.69 26.83 1.58
C VAL B 594 14.79 27.77 2.06
N LYS B 595 15.90 27.80 1.35
CA LYS B 595 17.01 28.74 1.58
C LYS B 595 16.54 30.21 1.52
N PHE B 596 15.77 30.57 0.49
CA PHE B 596 15.19 31.91 0.42
C PHE B 596 14.18 32.18 1.53
N PHE B 597 13.43 31.16 1.94
CA PHE B 597 12.48 31.31 3.06
C PHE B 597 13.22 31.55 4.36
N ASN B 598 14.34 30.85 4.56
CA ASN B 598 15.15 31.02 5.77
C ASN B 598 15.79 32.43 5.90
N GLN B 599 16.30 32.96 4.80
CA GLN B 599 16.81 34.32 4.72
C GLN B 599 15.74 35.35 5.08
N LYS B 600 14.58 35.22 4.44
CA LYS B 600 13.48 36.20 4.53
C LYS B 600 12.89 36.29 5.93
N PHE B 601 12.63 35.13 6.55
CA PHE B 601 11.97 35.08 7.85
C PHE B 601 12.91 34.65 8.96
N ASN B 602 14.21 34.79 8.72
CA ASN B 602 15.25 34.37 9.64
C ASN B 602 14.97 33.02 10.32
N ALA B 603 14.30 32.14 9.58
CA ALA B 603 13.94 30.81 10.03
C ALA B 603 15.11 29.81 9.89
N HIS B 604 14.92 28.58 10.35
N HIS B 604 14.93 28.60 10.41
CA HIS B 604 15.97 27.55 10.26
CA HIS B 604 15.93 27.54 10.26
C HIS B 604 15.45 26.21 9.76
C HIS B 604 15.33 26.20 9.86
N LEU B 605 14.56 26.25 8.77
CA LEU B 605 14.02 25.04 8.16
C LEU B 605 15.13 24.19 7.56
N ASP B 606 14.96 22.88 7.65
CA ASP B 606 15.91 21.93 7.12
C ASP B 606 15.72 21.85 5.60
N ALA B 607 16.81 22.07 4.86
CA ALA B 607 16.78 22.09 3.39
C ALA B 607 17.13 20.75 2.74
N THR B 608 17.35 19.72 3.56
CA THR B 608 17.81 18.43 3.07
C THR B 608 16.68 17.72 2.32
N THR B 609 17.01 16.94 1.30
CA THR B 609 15.98 16.42 0.41
C THR B 609 15.79 14.90 0.53
N ASP B 610 16.76 14.21 1.12
CA ASP B 610 16.62 12.79 1.39
C ASP B 610 16.29 12.59 2.86
N TYR B 611 15.09 12.07 3.14
CA TYR B 611 14.70 11.78 4.52
C TYR B 611 15.73 10.86 5.17
N MET B 612 16.00 11.14 6.44
CA MET B 612 16.91 10.37 7.27
C MET B 612 16.32 10.29 8.68
N PRO B 613 15.88 9.09 9.10
CA PRO B 613 15.23 8.91 10.42
C PRO B 613 16.18 9.02 11.59
N HIS B 614 17.45 8.72 11.34
CA HIS B 614 18.45 8.76 12.39
C HIS B 614 18.94 10.20 12.57
N LYS B 615 19.67 10.46 13.64
CA LYS B 615 20.14 11.82 13.97
C LYS B 615 21.66 11.81 13.96
N MET B 616 22.25 12.95 13.62
CA MET B 616 23.67 13.15 13.83
C MET B 616 24.02 14.64 13.89
N ASN B 625 28.93 17.09 9.99
CA ASN B 625 28.06 17.97 9.21
C ASN B 625 27.36 17.23 8.07
N LEU B 626 27.98 16.13 7.63
CA LEU B 626 27.59 15.40 6.41
C LEU B 626 26.31 14.57 6.59
N PRO B 627 25.69 14.16 5.47
CA PRO B 627 24.47 13.32 5.55
C PRO B 627 24.74 11.89 6.01
N LEU B 628 23.85 11.36 6.85
CA LEU B 628 23.84 9.93 7.15
C LEU B 628 23.22 9.18 5.98
N GLN B 629 23.50 7.88 5.91
CA GLN B 629 22.92 7.01 4.89
C GLN B 629 22.46 5.66 5.46
N VAL B 630 21.23 5.28 5.13
CA VAL B 630 20.73 3.96 5.45
C VAL B 630 20.71 3.19 4.14
N LYS B 631 21.22 1.96 4.17
CA LYS B 631 21.17 1.05 3.03
C LYS B 631 21.14 -0.38 3.56
N ALA B 632 19.99 -1.04 3.42
CA ALA B 632 19.81 -2.34 4.05
C ALA B 632 19.92 -2.22 5.55
N ASN B 633 20.84 -2.94 6.15
CA ASN B 633 21.03 -2.90 7.58
C ASN B 633 22.29 -2.18 7.99
N ARG B 634 22.79 -1.31 7.14
CA ARG B 634 23.91 -0.47 7.53
C ARG B 634 23.43 0.96 7.71
N VAL B 635 24.04 1.66 8.68
CA VAL B 635 23.89 3.12 8.83
C VAL B 635 25.28 3.76 8.80
N LEU B 636 25.54 4.63 7.84
CA LEU B 636 26.88 5.19 7.67
C LEU B 636 26.92 6.71 7.46
N ILE B 637 28.13 7.25 7.55
CA ILE B 637 28.39 8.69 7.32
C ILE B 637 28.79 8.94 5.86
N GLU B 653 28.91 11.62 17.40
CA GLU B 653 27.76 10.84 17.89
C GLU B 653 26.57 10.64 16.91
N ILE B 654 26.08 9.40 16.83
CA ILE B 654 24.93 9.04 15.97
C ILE B 654 23.73 8.54 16.81
N GLU B 655 22.56 9.16 16.64
CA GLU B 655 21.36 8.69 17.34
C GLU B 655 20.35 8.02 16.38
N LEU B 656 20.31 6.70 16.46
CA LEU B 656 19.36 5.90 15.70
C LEU B 656 17.95 6.16 16.22
N ASP B 657 16.98 5.98 15.35
CA ASP B 657 15.59 6.21 15.74
C ASP B 657 15.04 5.17 16.74
N ALA B 658 15.87 4.21 17.14
CA ALA B 658 15.50 3.20 18.17
C ALA B 658 16.68 2.33 18.65
N ILE B 659 16.36 1.40 19.56
CA ILE B 659 17.31 0.38 19.97
C ILE B 659 17.29 -0.81 19.00
N TYR B 660 18.46 -1.18 18.52
CA TYR B 660 18.66 -2.33 17.61
C TYR B 660 19.83 -3.20 18.09
N PRO B 661 19.73 -4.52 17.86
CA PRO B 661 20.89 -5.39 18.13
C PRO B 661 22.03 -5.03 17.18
N GLY B 662 23.20 -4.75 17.74
CA GLY B 662 24.34 -4.31 16.95
C GLY B 662 25.04 -5.52 16.36
N GLU B 663 25.35 -5.47 15.08
CA GLU B 663 26.03 -6.58 14.44
C GLU B 663 27.54 -6.29 14.39
N ASN B 664 27.93 -5.19 13.74
CA ASN B 664 29.32 -4.73 13.76
C ASN B 664 29.51 -3.25 13.34
N ILE B 665 30.75 -2.79 13.43
CA ILE B 665 31.13 -1.41 13.12
C ILE B 665 32.41 -1.45 12.29
N GLN B 666 32.42 -0.71 11.20
CA GLN B 666 33.59 -0.56 10.33
C GLN B 666 33.90 0.92 10.20
N ILE B 667 35.16 1.30 10.50
CA ILE B 667 35.60 2.69 10.58
C ILE B 667 36.98 2.89 9.92
N ASN B 668 37.16 4.03 9.25
CA ASN B 668 38.49 4.69 9.03
C ASN B 668 38.32 6.13 8.54
N SER B 702 37.60 -2.34 12.82
CA SER B 702 36.28 -2.97 12.98
C SER B 702 36.10 -3.70 14.32
N ALA B 703 34.85 -4.05 14.65
CA ALA B 703 34.54 -4.92 15.80
C ALA B 703 33.20 -5.64 15.62
N GLY B 704 33.18 -6.94 15.89
CA GLY B 704 31.93 -7.69 15.97
C GLY B 704 31.17 -7.26 17.22
N LEU B 705 29.90 -6.91 17.07
CA LEU B 705 29.12 -6.35 18.19
C LEU B 705 28.35 -7.33 19.06
N GLN B 706 28.34 -8.61 18.64
CA GLN B 706 27.70 -9.72 19.38
C GLN B 706 26.22 -9.50 19.77
N LYS B 707 25.48 -8.80 18.91
CA LYS B 707 24.04 -8.53 19.09
C LYS B 707 23.72 -7.53 20.22
N ALA B 708 24.75 -6.85 20.71
CA ALA B 708 24.62 -5.91 21.84
C ALA B 708 23.65 -4.76 21.53
N PRO B 709 22.69 -4.50 22.43
CA PRO B 709 21.72 -3.41 22.23
C PRO B 709 22.42 -2.06 21.93
N VAL B 710 21.98 -1.37 20.86
CA VAL B 710 22.59 -0.10 20.45
C VAL B 710 21.55 0.93 19.95
N LYS B 711 21.66 2.15 20.47
CA LYS B 711 20.88 3.29 19.96
C LYS B 711 21.81 4.46 19.64
N PHE B 712 22.78 4.70 20.50
CA PHE B 712 23.78 5.76 20.31
C PHE B 712 25.13 5.15 19.97
N VAL B 713 25.84 5.76 19.02
CA VAL B 713 27.23 5.42 18.76
C VAL B 713 28.05 6.71 18.93
N ARG B 714 29.03 6.70 19.82
CA ARG B 714 29.90 7.84 20.05
C ARG B 714 31.32 7.51 19.63
N PHE B 715 31.91 8.38 18.82
CA PHE B 715 33.35 8.39 18.57
C PHE B 715 33.75 9.72 17.92
N GLN B 729 35.50 6.09 6.04
CA GLN B 729 34.50 5.10 6.38
C GLN B 729 34.02 5.13 7.85
N PHE B 730 32.72 4.96 8.05
CA PHE B 730 32.15 4.88 9.38
C PHE B 730 30.78 4.20 9.22
N VAL B 731 30.80 2.87 9.15
CA VAL B 731 29.56 2.10 8.95
C VAL B 731 29.22 1.20 10.13
N LEU B 732 28.01 1.36 10.64
CA LEU B 732 27.44 0.48 11.65
C LEU B 732 26.45 -0.49 11.01
N THR B 733 26.61 -1.78 11.30
CA THR B 733 25.69 -2.79 10.82
C THR B 733 24.82 -3.28 11.97
N ILE B 734 23.51 -3.26 11.75
CA ILE B 734 22.55 -3.67 12.76
C ILE B 734 21.79 -4.91 12.29
N GLU B 735 21.05 -5.52 13.21
CA GLU B 735 20.28 -6.72 12.91
C GLU B 735 18.82 -6.37 12.64
N LYS B 736 18.50 -6.07 11.39
CA LYS B 736 17.14 -5.71 11.00
C LYS B 736 16.39 -6.93 10.47
#